data_1Z5F
#
_entry.id   1Z5F
#
_entity_poly.entity_id   1
_entity_poly.type   'polypeptide(L)'
_entity_poly.pdbx_seq_one_letter_code
;(PCA)DWETFQKKHLTDTKKVKCDVEMAKALFDCKKTNTFIYALPGRVKALCKNIRDNTDVLSRDAFLLPQCDRIKLPCH
YKLSSSTNTICITCVNQLPIHFAGVGSCP
;
_entity_poly.pdbx_strand_id   A
#
# COMPACT_ATOMS: atom_id res chain seq x y z
N PCA A 1 4.51 -9.82 3.42
CA PCA A 1 5.03 -10.91 4.25
CB PCA A 1 6.23 -10.36 4.93
CG PCA A 1 6.46 -9.17 4.23
CD PCA A 1 5.36 -8.71 3.43
OE PCA A 1 5.12 -7.59 2.85
C PCA A 1 3.98 -11.37 5.25
O PCA A 1 4.08 -12.45 5.79
H PCA A 1 3.60 -9.79 3.07
HA PCA A 1 5.29 -11.77 3.66
HB2 PCA A 1 7.07 -11.02 4.87
HB3 PCA A 1 6.03 -10.19 5.99
HG2 PCA A 1 7.30 -9.34 3.57
HG3 PCA A 1 6.68 -8.39 4.94
N ASP A 2 3.00 -10.56 5.51
CA ASP A 2 1.94 -10.94 6.48
C ASP A 2 0.80 -9.93 6.37
N TRP A 3 -0.42 -10.39 6.23
CA TRP A 3 -1.55 -9.44 6.10
C TRP A 3 -1.48 -8.39 7.22
N GLU A 4 -0.94 -8.76 8.34
CA GLU A 4 -0.83 -7.77 9.46
C GLU A 4 0.06 -6.61 9.03
N THR A 5 1.35 -6.79 9.07
CA THR A 5 2.26 -5.68 8.65
C THR A 5 1.80 -5.15 7.30
N PHE A 6 1.56 -6.01 6.36
CA PHE A 6 1.09 -5.55 5.03
C PHE A 6 -0.09 -4.60 5.24
N GLN A 7 -0.77 -4.73 6.34
CA GLN A 7 -1.91 -3.82 6.62
C GLN A 7 -1.41 -2.59 7.37
N LYS A 8 -0.26 -2.69 7.98
CA LYS A 8 0.29 -1.54 8.75
C LYS A 8 1.17 -0.64 7.87
N LYS A 9 2.11 -1.20 7.17
CA LYS A 9 3.01 -0.37 6.32
C LYS A 9 2.43 -0.14 4.92
N HIS A 10 1.98 -1.17 4.26
CA HIS A 10 1.43 -0.98 2.88
C HIS A 10 0.04 -0.33 2.93
N LEU A 11 -0.57 -0.24 4.08
CA LEU A 11 -1.94 0.39 4.16
C LEU A 11 -1.93 1.49 5.22
N THR A 12 -2.85 2.42 5.09
CA THR A 12 -2.94 3.52 6.11
C THR A 12 -4.41 3.78 6.43
N ASP A 13 -4.70 4.87 7.11
CA ASP A 13 -6.12 5.16 7.47
C ASP A 13 -6.58 6.49 6.87
N THR A 14 -5.92 6.98 5.85
CA THR A 14 -6.36 8.28 5.26
C THR A 14 -5.74 8.48 3.88
N LYS A 15 -6.38 9.23 3.04
CA LYS A 15 -5.82 9.49 1.68
C LYS A 15 -4.64 10.45 1.79
N LYS A 16 -4.59 11.20 2.87
CA LYS A 16 -3.47 12.17 3.06
C LYS A 16 -2.66 11.74 4.29
N VAL A 17 -2.03 10.60 4.23
CA VAL A 17 -1.24 10.14 5.41
C VAL A 17 -0.27 11.21 5.85
N LYS A 18 0.34 11.01 6.99
CA LYS A 18 1.32 12.00 7.49
C LYS A 18 2.71 11.50 7.12
N CYS A 19 2.99 11.42 5.85
CA CYS A 19 4.31 10.91 5.38
C CYS A 19 5.42 11.31 6.37
N ASP A 20 5.39 12.51 6.86
CA ASP A 20 6.44 12.96 7.82
C ASP A 20 6.65 11.91 8.90
N VAL A 21 5.58 11.33 9.39
CA VAL A 21 5.71 10.29 10.44
C VAL A 21 5.54 8.91 9.80
N GLU A 22 4.80 8.81 8.74
CA GLU A 22 4.60 7.50 8.07
C GLU A 22 5.97 6.99 7.61
N MET A 23 6.98 7.81 7.72
CA MET A 23 8.35 7.40 7.30
C MET A 23 9.34 7.72 8.44
N ALA A 24 9.19 8.83 9.09
CA ALA A 24 10.13 9.18 10.18
C ALA A 24 9.73 8.41 11.45
N LYS A 25 8.70 7.61 11.38
CA LYS A 25 8.27 6.84 12.58
C LYS A 25 9.41 5.92 13.03
N ALA A 26 9.14 4.66 13.29
CA ALA A 26 10.23 3.74 13.76
C ALA A 26 10.41 2.57 12.80
N LEU A 27 9.37 2.12 12.15
CA LEU A 27 9.53 0.95 11.23
C LEU A 27 10.13 1.39 9.89
N PHE A 28 10.30 2.68 9.70
CA PHE A 28 10.90 3.16 8.41
C PHE A 28 12.24 3.84 8.69
N ASP A 29 12.28 4.79 9.59
CA ASP A 29 13.55 5.49 9.92
C ASP A 29 13.77 6.66 8.94
N CYS A 30 12.71 7.34 8.59
CA CYS A 30 12.84 8.51 7.66
C CYS A 30 13.56 8.09 6.37
N LYS A 31 12.92 7.31 5.54
CA LYS A 31 13.58 6.90 4.26
C LYS A 31 13.52 8.05 3.26
N LYS A 32 13.06 7.78 2.05
CA LYS A 32 12.97 8.86 1.03
C LYS A 32 11.71 8.67 0.19
N THR A 33 11.30 7.44 -0.03
CA THR A 33 10.08 7.18 -0.83
C THR A 33 9.18 6.19 -0.07
N ASN A 34 7.90 6.33 -0.19
CA ASN A 34 6.97 5.41 0.53
C ASN A 34 5.63 5.33 -0.19
N THR A 35 4.97 4.21 -0.10
CA THR A 35 3.65 4.07 -0.77
C THR A 35 2.70 3.29 0.15
N PHE A 36 1.43 3.52 0.05
CA PHE A 36 0.46 2.77 0.91
C PHE A 36 -0.87 2.69 0.17
N ILE A 37 -1.86 2.03 0.72
CA ILE A 37 -3.17 1.90 0.04
C ILE A 37 -4.28 2.42 0.95
N TYR A 38 -5.17 3.22 0.42
CA TYR A 38 -6.28 3.76 1.26
C TYR A 38 -7.50 2.83 1.13
N ALA A 39 -7.70 1.95 2.06
CA ALA A 39 -8.86 1.02 1.98
C ALA A 39 -9.21 0.51 3.38
N LEU A 40 -10.42 0.07 3.58
CA LEU A 40 -10.82 -0.44 4.93
C LEU A 40 -10.51 -1.95 5.02
N PRO A 41 -10.10 -2.41 6.17
CA PRO A 41 -9.73 -3.85 6.37
C PRO A 41 -10.72 -4.84 5.74
N GLY A 42 -11.97 -4.74 6.08
CA GLY A 42 -12.98 -5.68 5.53
C GLY A 42 -12.89 -5.71 3.99
N ARG A 43 -12.90 -4.56 3.37
CA ARG A 43 -12.82 -4.51 1.89
C ARG A 43 -11.48 -5.09 1.40
N VAL A 44 -10.46 -5.00 2.21
CA VAL A 44 -9.13 -5.54 1.79
C VAL A 44 -9.13 -7.06 1.91
N LYS A 45 -9.39 -7.58 3.08
CA LYS A 45 -9.40 -9.06 3.25
C LYS A 45 -10.58 -9.64 2.46
N ALA A 46 -11.53 -8.82 2.13
CA ALA A 46 -12.71 -9.31 1.36
C ALA A 46 -12.31 -9.51 -0.11
N LEU A 47 -11.51 -8.63 -0.63
CA LEU A 47 -11.09 -8.77 -2.05
C LEU A 47 -10.16 -9.98 -2.21
N CYS A 48 -9.89 -10.67 -1.15
CA CYS A 48 -8.98 -11.86 -1.23
C CYS A 48 -9.81 -13.13 -0.97
N LYS A 49 -10.97 -12.98 -0.41
CA LYS A 49 -11.81 -14.17 -0.13
C LYS A 49 -12.18 -14.88 -1.43
N ASN A 50 -12.39 -16.16 -1.38
CA ASN A 50 -12.77 -16.92 -2.61
C ASN A 50 -11.54 -17.10 -3.52
N ILE A 51 -10.47 -16.43 -3.23
CA ILE A 51 -9.24 -16.57 -4.08
C ILE A 51 -8.54 -17.88 -3.74
N ARG A 52 -7.54 -18.23 -4.50
CA ARG A 52 -6.80 -19.49 -4.24
C ARG A 52 -5.55 -19.20 -3.40
N ASP A 53 -4.63 -20.12 -3.34
CA ASP A 53 -3.40 -19.90 -2.54
C ASP A 53 -2.63 -18.71 -3.07
N ASN A 54 -1.34 -18.76 -2.96
CA ASN A 54 -0.49 -17.62 -3.43
C ASN A 54 -0.63 -17.48 -4.95
N THR A 55 -1.19 -16.39 -5.38
CA THR A 55 -1.35 -16.16 -6.85
C THR A 55 -1.30 -14.65 -7.12
N ASP A 56 -1.07 -14.26 -8.34
CA ASP A 56 -0.99 -12.81 -8.65
C ASP A 56 -2.39 -12.27 -9.00
N VAL A 57 -2.90 -11.35 -8.23
CA VAL A 57 -4.25 -10.77 -8.52
C VAL A 57 -4.09 -9.30 -8.90
N LEU A 58 -5.16 -8.64 -9.22
CA LEU A 58 -5.07 -7.20 -9.62
C LEU A 58 -6.43 -6.53 -9.41
N SER A 59 -6.44 -5.31 -8.95
CA SER A 59 -7.75 -4.62 -8.73
C SER A 59 -8.56 -4.66 -10.03
N ARG A 60 -9.86 -4.59 -9.92
CA ARG A 60 -10.71 -4.65 -11.15
C ARG A 60 -10.96 -3.24 -11.69
N ASP A 61 -10.35 -2.24 -11.13
CA ASP A 61 -10.57 -0.86 -11.63
C ASP A 61 -9.43 0.05 -11.18
N ALA A 62 -9.62 0.75 -10.10
CA ALA A 62 -8.54 1.67 -9.61
C ALA A 62 -8.56 1.73 -8.08
N PHE A 63 -7.53 2.29 -7.50
CA PHE A 63 -7.49 2.40 -6.01
C PHE A 63 -6.71 3.65 -5.63
N LEU A 64 -7.25 4.46 -4.76
CA LEU A 64 -6.56 5.71 -4.34
C LEU A 64 -5.49 5.37 -3.30
N LEU A 65 -4.24 5.54 -3.64
CA LEU A 65 -3.17 5.23 -2.64
C LEU A 65 -2.31 6.48 -2.39
N PRO A 66 -2.03 6.77 -1.15
CA PRO A 66 -1.17 7.93 -0.77
C PRO A 66 0.30 7.59 -1.05
N GLN A 67 1.12 8.56 -1.34
CA GLN A 67 2.56 8.24 -1.64
C GLN A 67 3.47 9.35 -1.14
N CYS A 68 4.54 8.99 -0.48
CA CYS A 68 5.50 10.04 0.02
C CYS A 68 6.66 10.17 -0.97
N ASP A 69 7.12 11.37 -1.23
CA ASP A 69 8.25 11.57 -2.18
C ASP A 69 9.24 12.58 -1.61
N ARG A 70 10.45 12.16 -1.32
CA ARG A 70 11.47 13.11 -0.78
C ARG A 70 12.35 13.62 -1.92
N ILE A 71 12.30 14.90 -2.18
CA ILE A 71 13.14 15.47 -3.28
C ILE A 71 13.89 16.70 -2.76
N LYS A 72 13.53 17.18 -1.60
CA LYS A 72 14.22 18.37 -1.03
C LYS A 72 14.42 18.18 0.48
N LEU A 73 15.12 19.08 1.11
CA LEU A 73 15.35 18.95 2.58
C LEU A 73 15.93 17.55 2.87
N PRO A 74 16.30 17.27 4.09
CA PRO A 74 16.90 15.97 4.47
C PRO A 74 15.84 14.92 4.88
N CYS A 75 14.92 15.29 5.73
CA CYS A 75 13.88 14.31 6.17
C CYS A 75 12.49 14.90 5.93
N HIS A 76 12.17 15.19 4.69
CA HIS A 76 10.82 15.76 4.36
C HIS A 76 10.29 15.04 3.12
N TYR A 77 8.98 14.95 2.99
CA TYR A 77 8.41 14.26 1.79
C TYR A 77 7.23 15.06 1.26
N LYS A 78 6.83 14.77 0.04
CA LYS A 78 5.67 15.48 -0.56
C LYS A 78 4.48 14.52 -0.61
N LEU A 79 3.28 15.04 -0.57
CA LEU A 79 2.08 14.15 -0.60
C LEU A 79 1.58 14.00 -2.04
N SER A 80 1.50 12.78 -2.52
CA SER A 80 1.02 12.56 -3.91
C SER A 80 0.21 11.26 -3.94
N SER A 81 -1.01 11.32 -4.43
CA SER A 81 -1.85 10.09 -4.49
C SER A 81 -2.59 10.04 -5.82
N SER A 82 -3.03 8.88 -6.22
CA SER A 82 -3.76 8.75 -7.51
C SER A 82 -4.55 7.45 -7.51
N THR A 83 -5.51 7.33 -8.39
CA THR A 83 -6.35 6.11 -8.44
C THR A 83 -5.94 5.25 -9.63
N ASN A 84 -5.51 4.05 -9.39
CA ASN A 84 -5.10 3.16 -10.51
C ASN A 84 -5.10 1.70 -10.03
N THR A 85 -5.30 0.77 -10.93
CA THR A 85 -5.30 -0.66 -10.53
C THR A 85 -3.91 -1.03 -10.02
N ILE A 86 -3.82 -2.01 -9.15
CA ILE A 86 -2.48 -2.40 -8.60
C ILE A 86 -2.39 -3.93 -8.52
N CYS A 87 -1.27 -4.47 -8.92
CA CYS A 87 -1.11 -5.95 -8.86
C CYS A 87 -0.59 -6.34 -7.47
N ILE A 88 -1.14 -7.38 -6.92
CA ILE A 88 -0.70 -7.82 -5.56
C ILE A 88 -0.87 -9.34 -5.46
N THR A 89 -0.12 -9.98 -4.61
CA THR A 89 -0.25 -11.46 -4.47
C THR A 89 -1.01 -11.78 -3.18
N CYS A 90 -1.94 -12.69 -3.26
CA CYS A 90 -2.77 -13.06 -2.06
C CYS A 90 -2.75 -14.58 -1.89
N VAL A 91 -2.87 -15.05 -0.67
CA VAL A 91 -2.87 -16.52 -0.43
C VAL A 91 -4.30 -17.05 -0.47
N ASN A 92 -4.59 -18.07 0.31
CA ASN A 92 -5.96 -18.65 0.31
C ASN A 92 -7.00 -17.53 0.42
N GLN A 93 -6.69 -16.50 1.14
CA GLN A 93 -7.66 -15.38 1.29
C GLN A 93 -7.06 -14.29 2.19
N LEU A 94 -5.80 -13.99 2.00
CA LEU A 94 -5.14 -12.94 2.83
C LEU A 94 -4.08 -12.22 1.98
N PRO A 95 -4.24 -10.95 1.71
CA PRO A 95 -3.25 -10.18 0.88
C PRO A 95 -1.99 -9.86 1.67
N ILE A 96 -0.82 -10.15 1.13
CA ILE A 96 0.43 -9.86 1.90
C ILE A 96 1.55 -9.38 0.97
N HIS A 97 1.38 -9.39 -0.34
CA HIS A 97 2.48 -8.91 -1.22
C HIS A 97 2.01 -7.74 -2.11
N PHE A 98 2.86 -6.79 -2.33
CA PHE A 98 2.51 -5.62 -3.19
C PHE A 98 3.30 -5.70 -4.49
N ALA A 99 2.68 -6.15 -5.54
CA ALA A 99 3.41 -6.27 -6.84
C ALA A 99 3.97 -4.90 -7.25
N GLY A 100 3.13 -4.02 -7.72
CA GLY A 100 3.61 -2.67 -8.13
C GLY A 100 2.42 -1.74 -8.36
N VAL A 101 2.65 -0.61 -8.98
CA VAL A 101 1.54 0.34 -9.23
C VAL A 101 0.92 0.06 -10.60
N GLY A 102 -0.29 0.49 -10.82
CA GLY A 102 -0.95 0.24 -12.13
C GLY A 102 -1.10 -1.26 -12.36
N SER A 103 -1.48 -1.66 -13.55
CA SER A 103 -1.65 -3.12 -13.81
C SER A 103 -0.30 -3.83 -13.67
N CYS A 104 -0.30 -5.13 -13.74
CA CYS A 104 0.98 -5.87 -13.61
C CYS A 104 2.00 -5.33 -14.61
N PRO A 105 3.27 -5.47 -14.32
CA PRO A 105 4.35 -4.98 -15.22
C PRO A 105 4.03 -5.20 -16.70
N PCA A 1 4.57 -10.02 3.64
CA PCA A 1 4.96 -11.25 4.35
CB PCA A 1 6.30 -10.95 4.94
CG PCA A 1 6.44 -9.58 4.72
CD PCA A 1 5.56 -9.04 3.72
OE PCA A 1 5.58 -7.95 3.04
C PCA A 1 3.94 -11.60 5.42
O PCA A 1 3.98 -12.68 5.99
H PCA A 1 3.66 -9.84 3.35
HA PCA A 1 5.01 -12.09 3.69
HB2 PCA A 1 7.08 -11.52 4.47
HB3 PCA A 1 6.32 -11.20 6.01
HG2 PCA A 1 7.46 -9.40 4.40
HG3 PCA A 1 6.22 -9.06 5.64
N ASP A 2 3.04 -10.71 5.71
CA ASP A 2 2.00 -10.99 6.74
C ASP A 2 0.88 -9.97 6.59
N TRP A 3 -0.32 -10.43 6.35
CA TRP A 3 -1.46 -9.49 6.18
C TRP A 3 -1.43 -8.45 7.30
N GLU A 4 -0.92 -8.80 8.45
CA GLU A 4 -0.86 -7.81 9.57
C GLU A 4 0.03 -6.64 9.17
N THR A 5 1.33 -6.79 9.24
CA THR A 5 2.23 -5.68 8.85
C THR A 5 1.80 -5.13 7.50
N PHE A 6 1.50 -6.00 6.57
CA PHE A 6 1.05 -5.54 5.23
C PHE A 6 -0.11 -4.56 5.42
N GLN A 7 -0.79 -4.68 6.52
CA GLN A 7 -1.93 -3.77 6.80
C GLN A 7 -1.42 -2.54 7.54
N LYS A 8 -0.29 -2.64 8.18
CA LYS A 8 0.24 -1.46 8.94
C LYS A 8 1.15 -0.58 8.06
N LYS A 9 2.12 -1.15 7.39
CA LYS A 9 3.04 -0.31 6.57
C LYS A 9 2.46 -0.03 5.18
N HIS A 10 1.93 -1.01 4.50
CA HIS A 10 1.40 -0.76 3.13
C HIS A 10 0.00 -0.13 3.17
N LEU A 11 -0.65 -0.13 4.30
CA LEU A 11 -2.02 0.48 4.37
C LEU A 11 -2.06 1.58 5.43
N THR A 12 -2.91 2.56 5.26
CA THR A 12 -3.03 3.65 6.26
C THR A 12 -4.50 3.88 6.58
N ASP A 13 -4.82 4.99 7.22
CA ASP A 13 -6.24 5.26 7.58
C ASP A 13 -6.73 6.56 6.93
N THR A 14 -6.00 7.09 5.97
CA THR A 14 -6.46 8.36 5.34
C THR A 14 -5.87 8.50 3.94
N LYS A 15 -6.53 9.21 3.07
CA LYS A 15 -6.01 9.39 1.70
C LYS A 15 -4.82 10.36 1.73
N LYS A 16 -4.71 11.13 2.78
CA LYS A 16 -3.59 12.10 2.89
C LYS A 16 -2.78 11.78 4.15
N VAL A 17 -2.13 10.65 4.17
CA VAL A 17 -1.33 10.26 5.37
C VAL A 17 -0.39 11.39 5.75
N LYS A 18 0.29 11.23 6.85
CA LYS A 18 1.25 12.27 7.29
C LYS A 18 2.65 11.81 6.90
N CYS A 19 2.91 11.74 5.62
CA CYS A 19 4.24 11.26 5.13
C CYS A 19 5.36 11.59 6.12
N ASP A 20 5.35 12.78 6.67
CA ASP A 20 6.42 13.16 7.64
C ASP A 20 6.62 12.02 8.65
N VAL A 21 5.55 11.44 9.11
CA VAL A 21 5.65 10.33 10.07
C VAL A 21 5.43 9.01 9.34
N GLU A 22 4.57 9.00 8.34
CA GLU A 22 4.32 7.75 7.58
C GLU A 22 5.66 7.22 7.06
N MET A 23 6.70 7.99 7.23
CA MET A 23 8.05 7.57 6.75
C MET A 23 9.06 7.70 7.90
N ALA A 24 9.03 8.80 8.59
CA ALA A 24 9.98 9.00 9.73
C ALA A 24 9.60 8.07 10.87
N LYS A 25 8.64 7.21 10.66
CA LYS A 25 8.22 6.25 11.72
C LYS A 25 9.45 5.53 12.28
N ALA A 26 9.23 4.53 13.10
CA ALA A 26 10.37 3.76 13.67
C ALA A 26 10.57 2.48 12.84
N LEU A 27 9.61 2.14 12.02
CA LEU A 27 9.75 0.90 11.20
C LEU A 27 10.21 1.28 9.79
N PHE A 28 10.38 2.55 9.54
CA PHE A 28 10.83 3.00 8.18
C PHE A 28 12.20 3.68 8.33
N ASP A 29 12.40 4.42 9.39
CA ASP A 29 13.70 5.12 9.59
C ASP A 29 13.83 6.28 8.58
N CYS A 30 12.74 6.94 8.28
CA CYS A 30 12.80 8.08 7.33
C CYS A 30 13.46 7.64 6.02
N LYS A 31 12.82 6.79 5.26
CA LYS A 31 13.42 6.35 3.96
C LYS A 31 13.46 7.52 2.98
N LYS A 32 13.15 7.26 1.74
CA LYS A 32 13.15 8.33 0.70
C LYS A 32 11.87 8.21 -0.13
N THR A 33 11.40 7.02 -0.34
CA THR A 33 10.15 6.81 -1.14
C THR A 33 9.21 5.91 -0.35
N ASN A 34 7.93 6.16 -0.40
CA ASN A 34 6.99 5.28 0.36
C ASN A 34 5.61 5.29 -0.31
N THR A 35 4.90 4.19 -0.21
CA THR A 35 3.55 4.11 -0.83
C THR A 35 2.62 3.34 0.12
N PHE A 36 1.35 3.58 0.04
CA PHE A 36 0.39 2.85 0.93
C PHE A 36 -0.95 2.75 0.21
N ILE A 37 -1.92 2.08 0.80
CA ILE A 37 -3.24 1.95 0.14
C ILE A 37 -4.34 2.46 1.08
N TYR A 38 -5.26 3.25 0.56
CA TYR A 38 -6.36 3.78 1.42
C TYR A 38 -7.59 2.87 1.26
N ALA A 39 -7.79 1.96 2.18
CA ALA A 39 -8.98 1.06 2.08
C ALA A 39 -9.33 0.50 3.46
N LEU A 40 -10.54 0.07 3.65
CA LEU A 40 -10.94 -0.47 4.98
C LEU A 40 -10.72 -2.00 4.99
N PRO A 41 -10.39 -2.55 6.13
CA PRO A 41 -10.12 -4.01 6.28
C PRO A 41 -11.04 -4.88 5.41
N GLY A 42 -12.32 -4.73 5.55
CA GLY A 42 -13.27 -5.54 4.75
C GLY A 42 -12.91 -5.47 3.27
N ARG A 43 -12.75 -4.28 2.75
CA ARG A 43 -12.41 -4.13 1.30
C ARG A 43 -11.04 -4.76 1.02
N VAL A 44 -10.16 -4.77 1.98
CA VAL A 44 -8.81 -5.35 1.74
C VAL A 44 -8.91 -6.88 1.77
N LYS A 45 -9.36 -7.44 2.86
CA LYS A 45 -9.49 -8.92 2.93
C LYS A 45 -10.47 -9.38 1.85
N ALA A 46 -11.29 -8.47 1.39
CA ALA A 46 -12.27 -8.81 0.34
C ALA A 46 -11.59 -8.76 -1.03
N LEU A 47 -10.55 -7.99 -1.15
CA LEU A 47 -9.83 -7.88 -2.45
C LEU A 47 -9.16 -9.22 -2.78
N CYS A 48 -9.09 -10.11 -1.82
CA CYS A 48 -8.44 -11.43 -2.09
C CYS A 48 -9.27 -12.54 -1.44
N LYS A 49 -10.56 -12.54 -1.64
CA LYS A 49 -11.42 -13.58 -1.02
C LYS A 49 -11.72 -14.68 -2.05
N ASN A 50 -11.98 -15.88 -1.59
CA ASN A 50 -12.29 -17.00 -2.52
C ASN A 50 -11.10 -17.23 -3.48
N ILE A 51 -10.07 -16.45 -3.37
CA ILE A 51 -8.90 -16.64 -4.28
C ILE A 51 -8.16 -17.92 -3.89
N ARG A 52 -7.18 -18.29 -4.66
CA ARG A 52 -6.42 -19.53 -4.35
C ARG A 52 -5.22 -19.19 -3.46
N ASP A 53 -4.27 -20.08 -3.38
CA ASP A 53 -3.06 -19.83 -2.53
C ASP A 53 -2.33 -18.59 -3.02
N ASN A 54 -1.04 -18.59 -2.88
CA ASN A 54 -0.23 -17.41 -3.30
C ASN A 54 -0.33 -17.23 -4.81
N THR A 55 -0.92 -16.14 -5.24
CA THR A 55 -1.07 -15.87 -6.70
C THR A 55 -1.15 -14.35 -6.91
N ASP A 56 -0.93 -13.90 -8.10
CA ASP A 56 -1.00 -12.44 -8.37
C ASP A 56 -2.44 -12.03 -8.68
N VAL A 57 -2.81 -10.81 -8.35
CA VAL A 57 -4.19 -10.34 -8.63
C VAL A 57 -4.16 -8.88 -9.06
N LEU A 58 -5.24 -8.37 -9.59
CA LEU A 58 -5.28 -6.94 -10.03
C LEU A 58 -6.53 -6.28 -9.44
N SER A 59 -6.42 -5.04 -9.00
CA SER A 59 -7.61 -4.37 -8.42
C SER A 59 -8.77 -4.43 -9.42
N ARG A 60 -9.98 -4.23 -8.96
CA ARG A 60 -11.15 -4.28 -9.87
C ARG A 60 -11.07 -3.16 -10.90
N ASP A 61 -10.71 -1.98 -10.49
CA ASP A 61 -10.64 -0.85 -11.46
C ASP A 61 -9.58 0.16 -11.00
N ALA A 62 -9.84 0.87 -9.93
CA ALA A 62 -8.85 1.88 -9.45
C ALA A 62 -8.85 1.90 -7.91
N PHE A 63 -7.80 2.42 -7.34
CA PHE A 63 -7.72 2.50 -5.85
C PHE A 63 -6.94 3.76 -5.46
N LEU A 64 -7.47 4.53 -4.56
CA LEU A 64 -6.78 5.78 -4.14
C LEU A 64 -5.69 5.43 -3.13
N LEU A 65 -4.44 5.60 -3.49
CA LEU A 65 -3.35 5.28 -2.53
C LEU A 65 -2.49 6.53 -2.29
N PRO A 66 -2.18 6.82 -1.04
CA PRO A 66 -1.31 7.97 -0.69
C PRO A 66 0.15 7.63 -1.02
N GLN A 67 0.97 8.61 -1.29
CA GLN A 67 2.40 8.29 -1.63
C GLN A 67 3.32 9.40 -1.12
N CYS A 68 4.41 9.01 -0.50
CA CYS A 68 5.37 10.03 0.02
C CYS A 68 6.60 10.07 -0.90
N ASP A 69 6.97 11.23 -1.37
CA ASP A 69 8.17 11.32 -2.26
C ASP A 69 9.16 12.35 -1.73
N ARG A 70 10.39 11.95 -1.51
CA ARG A 70 11.41 12.90 -1.00
C ARG A 70 11.73 13.94 -2.09
N ILE A 71 11.83 15.19 -1.72
CA ILE A 71 12.12 16.25 -2.73
C ILE A 71 13.29 17.11 -2.24
N LYS A 72 13.37 17.35 -0.95
CA LYS A 72 14.47 18.18 -0.41
C LYS A 72 14.72 17.84 1.06
N LEU A 73 15.73 18.41 1.65
CA LEU A 73 16.02 18.11 3.08
C LEU A 73 16.31 16.61 3.23
N PRO A 74 16.69 16.15 4.39
CA PRO A 74 17.00 14.72 4.62
C PRO A 74 15.78 13.93 5.10
N CYS A 75 14.75 14.61 5.54
CA CYS A 75 13.53 13.89 6.03
C CYS A 75 12.29 14.74 5.75
N HIS A 76 11.99 14.96 4.50
CA HIS A 76 10.79 15.77 4.15
C HIS A 76 10.23 15.27 2.81
N TYR A 77 9.04 14.75 2.80
CA TYR A 77 8.45 14.23 1.53
C TYR A 77 7.20 15.02 1.16
N LYS A 78 6.73 14.86 -0.04
CA LYS A 78 5.50 15.59 -0.49
C LYS A 78 4.35 14.59 -0.56
N LEU A 79 3.14 15.06 -0.43
CA LEU A 79 1.95 14.15 -0.49
C LEU A 79 1.48 14.02 -1.94
N SER A 80 1.37 12.80 -2.42
CA SER A 80 0.90 12.58 -3.81
C SER A 80 0.07 11.30 -3.86
N SER A 81 -1.16 11.39 -4.29
CA SER A 81 -2.03 10.17 -4.34
C SER A 81 -2.81 10.15 -5.66
N SER A 82 -3.29 9.00 -6.05
CA SER A 82 -4.06 8.90 -7.32
C SER A 82 -4.86 7.59 -7.32
N THR A 83 -5.81 7.49 -8.19
CA THR A 83 -6.65 6.27 -8.25
C THR A 83 -6.26 5.42 -9.47
N ASN A 84 -5.79 4.22 -9.24
CA ASN A 84 -5.39 3.34 -10.36
C ASN A 84 -5.37 1.89 -9.90
N THR A 85 -5.51 0.96 -10.80
CA THR A 85 -5.49 -0.47 -10.39
C THR A 85 -4.07 -0.84 -9.95
N ILE A 86 -3.92 -1.85 -9.15
CA ILE A 86 -2.55 -2.23 -8.68
C ILE A 86 -2.43 -3.76 -8.69
N CYS A 87 -1.22 -4.27 -8.58
CA CYS A 87 -1.03 -5.75 -8.57
C CYS A 87 -0.52 -6.18 -7.20
N ILE A 88 -1.08 -7.21 -6.64
CA ILE A 88 -0.64 -7.67 -5.29
C ILE A 88 -0.80 -9.18 -5.22
N THR A 89 -0.07 -9.83 -4.34
CA THR A 89 -0.19 -11.32 -4.23
C THR A 89 -0.88 -11.69 -2.91
N CYS A 90 -1.83 -12.59 -2.97
CA CYS A 90 -2.55 -13.01 -1.73
C CYS A 90 -2.54 -14.54 -1.64
N VAL A 91 -2.60 -15.06 -0.44
CA VAL A 91 -2.60 -16.55 -0.28
C VAL A 91 -4.01 -17.10 -0.47
N ASN A 92 -4.33 -18.17 0.22
CA ASN A 92 -5.69 -18.76 0.09
C ASN A 92 -6.75 -17.67 0.14
N GLN A 93 -6.49 -16.65 0.89
CA GLN A 93 -7.46 -15.53 1.00
C GLN A 93 -6.90 -14.48 1.95
N LEU A 94 -5.66 -14.11 1.77
CA LEU A 94 -5.05 -13.08 2.67
C LEU A 94 -3.98 -12.31 1.89
N PRO A 95 -4.14 -11.00 1.73
CA PRO A 95 -3.15 -10.16 0.99
C PRO A 95 -1.92 -9.87 1.83
N ILE A 96 -0.74 -10.14 1.32
CA ILE A 96 0.50 -9.89 2.12
C ILE A 96 1.63 -9.37 1.24
N HIS A 97 1.47 -9.35 -0.07
CA HIS A 97 2.59 -8.85 -0.94
C HIS A 97 2.11 -7.66 -1.78
N PHE A 98 2.96 -6.67 -1.94
CA PHE A 98 2.60 -5.47 -2.76
C PHE A 98 3.42 -5.50 -4.04
N ALA A 99 2.82 -5.91 -5.13
CA ALA A 99 3.56 -5.97 -6.42
C ALA A 99 4.02 -4.57 -6.82
N GLY A 100 3.11 -3.73 -7.26
CA GLY A 100 3.51 -2.36 -7.68
C GLY A 100 2.26 -1.48 -7.82
N VAL A 101 2.18 -0.73 -8.89
CA VAL A 101 0.99 0.15 -9.11
C VAL A 101 0.50 0.02 -10.55
N GLY A 102 -0.77 0.20 -10.78
CA GLY A 102 -1.30 0.10 -12.17
C GLY A 102 -1.67 -1.35 -12.48
N SER A 103 -0.71 -2.18 -12.79
CA SER A 103 -1.01 -3.59 -13.10
C SER A 103 0.30 -4.38 -13.21
N CYS A 104 0.29 -5.61 -12.77
CA CYS A 104 1.54 -6.43 -12.85
C CYS A 104 1.98 -6.55 -14.32
N PRO A 105 3.22 -6.90 -14.54
CA PRO A 105 3.78 -7.06 -15.91
C PRO A 105 3.21 -8.28 -16.63
N PCA A 1 4.67 -10.09 3.36
CA PCA A 1 5.03 -11.35 4.00
CB PCA A 1 6.42 -11.16 4.52
CG PCA A 1 6.59 -9.78 4.37
CD PCA A 1 5.68 -9.14 3.47
OE PCA A 1 5.70 -8.00 2.87
C PCA A 1 4.07 -11.69 5.12
O PCA A 1 4.15 -12.74 5.72
H PCA A 1 3.76 -9.88 3.05
HA PCA A 1 5.01 -12.17 3.30
HB2 PCA A 1 7.14 -11.71 3.94
HB3 PCA A 1 6.49 -11.48 5.56
HG2 PCA A 1 7.61 -9.61 4.01
HG3 PCA A 1 6.45 -9.32 5.34
N ASP A 2 3.13 -10.82 5.39
CA ASP A 2 2.15 -11.08 6.48
C ASP A 2 1.00 -10.08 6.34
N TRP A 3 -0.21 -10.55 6.27
CA TRP A 3 -1.36 -9.61 6.13
C TRP A 3 -1.31 -8.57 7.26
N GLU A 4 -0.83 -8.95 8.40
CA GLU A 4 -0.74 -7.98 9.53
C GLU A 4 0.14 -6.81 9.12
N THR A 5 1.44 -7.00 9.10
CA THR A 5 2.34 -5.89 8.70
C THR A 5 1.85 -5.30 7.38
N PHE A 6 1.59 -6.12 6.41
CA PHE A 6 1.09 -5.60 5.11
C PHE A 6 -0.07 -4.63 5.39
N GLN A 7 -0.71 -4.79 6.52
CA GLN A 7 -1.85 -3.89 6.85
C GLN A 7 -1.32 -2.68 7.62
N LYS A 8 -0.16 -2.80 8.21
CA LYS A 8 0.40 -1.66 9.00
C LYS A 8 1.23 -0.72 8.11
N LYS A 9 2.17 -1.23 7.36
CA LYS A 9 3.02 -0.34 6.52
C LYS A 9 2.43 -0.11 5.14
N HIS A 10 2.10 -1.15 4.42
CA HIS A 10 1.54 -0.95 3.04
C HIS A 10 0.16 -0.30 3.10
N LEU A 11 -0.48 -0.29 4.24
CA LEU A 11 -1.85 0.34 4.31
C LEU A 11 -1.88 1.42 5.39
N THR A 12 -2.75 2.38 5.25
CA THR A 12 -2.86 3.46 6.27
C THR A 12 -4.34 3.67 6.62
N ASP A 13 -4.67 4.77 7.25
CA ASP A 13 -6.10 5.01 7.64
C ASP A 13 -6.63 6.29 6.98
N THR A 14 -5.92 6.86 6.05
CA THR A 14 -6.42 8.11 5.41
C THR A 14 -5.88 8.24 3.98
N LYS A 15 -6.57 8.98 3.15
CA LYS A 15 -6.10 9.16 1.75
C LYS A 15 -4.93 10.15 1.74
N LYS A 16 -4.77 10.89 2.80
CA LYS A 16 -3.64 11.88 2.88
C LYS A 16 -2.81 11.57 4.12
N VAL A 17 -2.13 10.46 4.13
CA VAL A 17 -1.30 10.10 5.32
C VAL A 17 -0.38 11.26 5.68
N LYS A 18 0.26 11.14 6.80
CA LYS A 18 1.20 12.20 7.23
C LYS A 18 2.61 11.72 6.88
N CYS A 19 2.91 11.64 5.61
CA CYS A 19 4.24 11.15 5.16
C CYS A 19 5.35 11.53 6.16
N ASP A 20 5.36 12.77 6.60
CA ASP A 20 6.41 13.21 7.57
C ASP A 20 6.60 12.13 8.64
N VAL A 21 5.53 11.55 9.08
CA VAL A 21 5.62 10.49 10.12
C VAL A 21 5.49 9.11 9.44
N GLU A 22 4.63 9.01 8.45
CA GLU A 22 4.47 7.71 7.74
C GLU A 22 5.83 7.25 7.24
N MET A 23 6.84 8.04 7.45
CA MET A 23 8.22 7.68 7.00
C MET A 23 9.19 7.87 8.17
N ALA A 24 9.12 8.99 8.83
CA ALA A 24 10.02 9.23 9.98
C ALA A 24 9.58 8.35 11.14
N LYS A 25 8.62 7.50 10.90
CA LYS A 25 8.11 6.59 11.96
C LYS A 25 9.28 5.79 12.55
N ALA A 26 8.98 4.73 13.24
CA ALA A 26 10.07 3.89 13.83
C ALA A 26 10.27 2.63 12.99
N LEU A 27 9.28 2.24 12.24
CA LEU A 27 9.41 1.01 11.40
C LEU A 27 9.92 1.39 10.01
N PHE A 28 10.12 2.66 9.77
CA PHE A 28 10.63 3.11 8.44
C PHE A 28 12.04 3.68 8.59
N ASP A 29 12.23 4.56 9.55
CA ASP A 29 13.58 5.17 9.77
C ASP A 29 13.76 6.36 8.83
N CYS A 30 12.72 7.10 8.58
CA CYS A 30 12.82 8.29 7.69
C CYS A 30 13.44 7.90 6.34
N LYS A 31 12.76 7.10 5.57
CA LYS A 31 13.31 6.69 4.24
C LYS A 31 13.28 7.90 3.30
N LYS A 32 12.99 7.66 2.04
CA LYS A 32 12.94 8.78 1.05
C LYS A 32 11.71 8.58 0.15
N THR A 33 11.37 7.36 -0.12
CA THR A 33 10.18 7.08 -0.99
C THR A 33 9.29 6.04 -0.30
N ASN A 34 8.02 6.30 -0.21
CA ASN A 34 7.12 5.32 0.47
C ASN A 34 5.76 5.27 -0.24
N THR A 35 5.10 4.14 -0.18
CA THR A 35 3.77 4.00 -0.84
C THR A 35 2.83 3.25 0.11
N PHE A 36 1.54 3.48 -0.02
CA PHE A 36 0.58 2.76 0.87
C PHE A 36 -0.77 2.67 0.16
N ILE A 37 -1.73 1.97 0.72
CA ILE A 37 -3.07 1.84 0.07
C ILE A 37 -4.15 2.33 1.02
N TYR A 38 -5.13 3.04 0.50
CA TYR A 38 -6.23 3.55 1.37
C TYR A 38 -7.42 2.57 1.32
N ALA A 39 -7.58 1.78 2.34
CA ALA A 39 -8.71 0.80 2.36
C ALA A 39 -8.94 0.30 3.78
N LEU A 40 -10.14 -0.10 4.10
CA LEU A 40 -10.42 -0.60 5.48
C LEU A 40 -10.25 -2.12 5.51
N PRO A 41 -9.81 -2.66 6.63
CA PRO A 41 -9.57 -4.12 6.79
C PRO A 41 -10.60 -4.98 6.05
N GLY A 42 -11.85 -4.78 6.32
CA GLY A 42 -12.91 -5.60 5.64
C GLY A 42 -12.75 -5.51 4.12
N ARG A 43 -12.69 -4.33 3.59
CA ARG A 43 -12.55 -4.16 2.12
C ARG A 43 -11.23 -4.77 1.64
N VAL A 44 -10.25 -4.83 2.50
CA VAL A 44 -8.93 -5.41 2.10
C VAL A 44 -9.00 -6.94 2.11
N LYS A 45 -9.32 -7.52 3.23
CA LYS A 45 -9.41 -9.00 3.30
C LYS A 45 -10.57 -9.46 2.41
N ALA A 46 -11.48 -8.58 2.11
CA ALA A 46 -12.63 -8.94 1.25
C ALA A 46 -12.18 -9.02 -0.21
N LEU A 47 -11.34 -8.12 -0.63
CA LEU A 47 -10.87 -8.15 -2.04
C LEU A 47 -9.96 -9.36 -2.25
N CYS A 48 -9.70 -10.12 -1.22
CA CYS A 48 -8.83 -11.32 -1.35
C CYS A 48 -9.69 -12.58 -1.21
N LYS A 49 -10.89 -12.43 -0.71
CA LYS A 49 -11.77 -13.62 -0.55
C LYS A 49 -12.09 -14.21 -1.93
N ASN A 50 -12.42 -15.47 -1.97
CA ASN A 50 -12.74 -16.13 -3.28
C ASN A 50 -11.46 -16.34 -4.09
N ILE A 51 -10.38 -15.74 -3.68
CA ILE A 51 -9.11 -15.92 -4.45
C ILE A 51 -8.50 -17.28 -4.11
N ARG A 52 -7.46 -17.65 -4.79
CA ARG A 52 -6.80 -18.97 -4.52
C ARG A 52 -5.56 -18.75 -3.65
N ASP A 53 -4.68 -19.72 -3.61
CA ASP A 53 -3.45 -19.57 -2.78
C ASP A 53 -2.64 -18.36 -3.24
N ASN A 54 -1.36 -18.42 -3.05
CA ASN A 54 -0.49 -17.28 -3.45
C ASN A 54 -0.54 -17.09 -4.97
N THR A 55 -1.08 -15.99 -5.41
CA THR A 55 -1.16 -15.72 -6.87
C THR A 55 -1.18 -14.22 -7.11
N ASP A 56 -0.93 -13.78 -8.31
CA ASP A 56 -0.94 -12.32 -8.59
C ASP A 56 -2.36 -11.86 -8.95
N VAL A 57 -2.96 -11.05 -8.12
CA VAL A 57 -4.33 -10.55 -8.41
C VAL A 57 -4.25 -9.14 -8.98
N LEU A 58 -5.31 -8.66 -9.55
CA LEU A 58 -5.30 -7.29 -10.15
C LEU A 58 -6.57 -6.54 -9.70
N SER A 59 -6.43 -5.31 -9.24
CA SER A 59 -7.65 -4.57 -8.81
C SER A 59 -8.66 -4.56 -9.96
N ARG A 60 -9.91 -4.36 -9.66
CA ARG A 60 -10.95 -4.36 -10.73
C ARG A 60 -10.85 -3.09 -11.56
N ASP A 61 -10.95 -1.95 -10.92
CA ASP A 61 -10.88 -0.67 -11.67
C ASP A 61 -9.68 0.15 -11.20
N ALA A 62 -9.77 0.73 -10.04
CA ALA A 62 -8.62 1.54 -9.54
C ALA A 62 -8.66 1.62 -8.02
N PHE A 63 -7.65 2.18 -7.43
CA PHE A 63 -7.62 2.29 -5.93
C PHE A 63 -6.82 3.54 -5.55
N LEU A 64 -7.33 4.32 -4.64
CA LEU A 64 -6.61 5.56 -4.23
C LEU A 64 -5.53 5.20 -3.20
N LEU A 65 -4.27 5.39 -3.55
CA LEU A 65 -3.20 5.05 -2.58
C LEU A 65 -2.35 6.30 -2.30
N PRO A 66 -2.15 6.64 -1.05
CA PRO A 66 -1.31 7.80 -0.68
C PRO A 66 0.17 7.45 -0.85
N GLN A 67 1.00 8.37 -1.25
CA GLN A 67 2.43 8.02 -1.43
C GLN A 67 3.32 9.21 -1.07
N CYS A 68 4.48 8.93 -0.53
CA CYS A 68 5.42 10.05 -0.16
C CYS A 68 6.59 10.09 -1.14
N ASP A 69 7.12 11.25 -1.40
CA ASP A 69 8.27 11.36 -2.35
C ASP A 69 9.27 12.39 -1.83
N ARG A 70 10.47 11.98 -1.53
CA ARG A 70 11.49 12.94 -1.02
C ARG A 70 11.84 13.95 -2.13
N ILE A 71 11.88 15.21 -1.81
CA ILE A 71 12.21 16.25 -2.83
C ILE A 71 13.16 17.28 -2.22
N LYS A 72 13.00 17.60 -0.97
CA LYS A 72 13.89 18.61 -0.33
C LYS A 72 14.22 18.17 1.10
N LEU A 73 15.11 18.88 1.75
CA LEU A 73 15.49 18.51 3.14
C LEU A 73 15.92 17.03 3.18
N PRO A 74 16.39 16.56 4.30
CA PRO A 74 16.83 15.14 4.47
C PRO A 74 15.69 14.22 4.92
N CYS A 75 14.67 14.76 5.53
CA CYS A 75 13.55 13.90 6.00
C CYS A 75 12.20 14.53 5.62
N HIS A 76 12.18 15.33 4.59
CA HIS A 76 10.89 15.96 4.17
C HIS A 76 10.36 15.22 2.94
N TYR A 77 9.07 15.07 2.83
CA TYR A 77 8.50 14.35 1.65
C TYR A 77 7.29 15.11 1.10
N LYS A 78 6.90 14.81 -0.10
CA LYS A 78 5.72 15.48 -0.72
C LYS A 78 4.56 14.48 -0.75
N LEU A 79 3.34 14.98 -0.68
CA LEU A 79 2.17 14.05 -0.70
C LEU A 79 1.71 13.83 -2.14
N SER A 80 1.66 12.61 -2.57
CA SER A 80 1.22 12.31 -3.97
C SER A 80 0.34 11.06 -3.96
N SER A 81 -0.87 11.17 -4.44
CA SER A 81 -1.79 9.99 -4.44
C SER A 81 -2.56 9.94 -5.77
N SER A 82 -3.06 8.79 -6.13
CA SER A 82 -3.83 8.68 -7.41
C SER A 82 -4.63 7.39 -7.40
N THR A 83 -5.59 7.29 -8.28
CA THR A 83 -6.44 6.07 -8.33
C THR A 83 -6.09 5.25 -9.56
N ASN A 84 -5.65 4.04 -9.37
CA ASN A 84 -5.30 3.17 -10.53
C ASN A 84 -5.29 1.70 -10.10
N THR A 85 -5.48 0.80 -11.02
CA THR A 85 -5.48 -0.65 -10.66
C THR A 85 -4.08 -1.01 -10.16
N ILE A 86 -3.94 -2.12 -9.48
CA ILE A 86 -2.59 -2.51 -8.97
C ILE A 86 -2.49 -4.04 -8.91
N CYS A 87 -1.30 -4.56 -8.80
CA CYS A 87 -1.12 -6.03 -8.73
C CYS A 87 -0.52 -6.39 -7.38
N ILE A 88 -1.04 -7.40 -6.72
CA ILE A 88 -0.50 -7.78 -5.39
C ILE A 88 -0.61 -9.30 -5.20
N THR A 89 0.25 -9.87 -4.40
CA THR A 89 0.18 -11.33 -4.17
C THR A 89 -0.71 -11.62 -2.95
N CYS A 90 -1.68 -12.49 -3.12
CA CYS A 90 -2.61 -12.82 -2.00
C CYS A 90 -2.72 -14.34 -1.88
N VAL A 91 -2.82 -14.85 -0.69
CA VAL A 91 -2.94 -16.33 -0.49
C VAL A 91 -4.38 -16.76 -0.69
N ASN A 92 -4.78 -17.83 -0.05
CA ASN A 92 -6.18 -18.32 -0.20
C ASN A 92 -7.15 -17.16 -0.06
N GLN A 93 -6.82 -16.22 0.76
CA GLN A 93 -7.71 -15.05 0.96
C GLN A 93 -7.04 -14.07 1.94
N LEU A 94 -5.80 -13.78 1.73
CA LEU A 94 -5.07 -12.84 2.63
C LEU A 94 -3.97 -12.12 1.84
N PRO A 95 -4.07 -10.82 1.67
CA PRO A 95 -3.06 -10.02 0.90
C PRO A 95 -1.79 -9.78 1.73
N ILE A 96 -0.62 -9.93 1.14
CA ILE A 96 0.62 -9.73 1.94
C ILE A 96 1.73 -9.05 1.11
N HIS A 97 1.74 -9.19 -0.20
CA HIS A 97 2.85 -8.55 -0.98
C HIS A 97 2.30 -7.46 -1.92
N PHE A 98 3.00 -6.35 -1.99
CA PHE A 98 2.56 -5.25 -2.89
C PHE A 98 3.44 -5.26 -4.15
N ALA A 99 2.91 -5.70 -5.25
CA ALA A 99 3.72 -5.75 -6.50
C ALA A 99 4.11 -4.33 -6.92
N GLY A 100 3.17 -3.55 -7.39
CA GLY A 100 3.49 -2.16 -7.82
C GLY A 100 2.19 -1.40 -8.07
N VAL A 101 2.08 -0.77 -9.22
CA VAL A 101 0.84 0.00 -9.53
C VAL A 101 0.39 -0.32 -10.95
N GLY A 102 -0.88 -0.50 -11.16
CA GLY A 102 -1.40 -0.80 -12.53
C GLY A 102 -1.37 -2.32 -12.76
N SER A 103 -1.35 -2.73 -14.00
CA SER A 103 -1.33 -4.20 -14.30
C SER A 103 -0.01 -4.80 -13.83
N CYS A 104 -0.03 -6.06 -13.49
CA CYS A 104 1.22 -6.74 -13.03
C CYS A 104 2.35 -6.45 -14.04
N PRO A 105 3.56 -6.76 -13.69
CA PRO A 105 4.74 -6.54 -14.59
C PRO A 105 4.47 -7.00 -16.02
N PCA A 1 4.56 -9.73 3.60
CA PCA A 1 5.07 -10.84 4.39
CB PCA A 1 6.24 -10.31 5.14
CG PCA A 1 6.49 -9.10 4.48
CD PCA A 1 5.40 -8.62 3.66
OE PCA A 1 5.17 -7.49 3.10
C PCA A 1 4.00 -11.35 5.36
O PCA A 1 4.06 -12.47 5.82
H PCA A 1 3.66 -9.70 3.22
HA PCA A 1 5.35 -11.68 3.78
HB2 PCA A 1 7.09 -10.98 5.06
HB3 PCA A 1 6.03 -10.18 6.19
HG2 PCA A 1 7.35 -9.24 3.83
HG3 PCA A 1 6.68 -8.35 5.21
N ASP A 2 3.04 -10.54 5.66
CA ASP A 2 1.95 -10.95 6.59
C ASP A 2 0.81 -9.95 6.51
N TRP A 3 -0.39 -10.40 6.32
CA TRP A 3 -1.54 -9.46 6.21
C TRP A 3 -1.46 -8.43 7.34
N GLU A 4 -0.92 -8.79 8.47
CA GLU A 4 -0.83 -7.82 9.59
C GLU A 4 0.06 -6.64 9.18
N THR A 5 1.35 -6.81 9.22
CA THR A 5 2.24 -5.69 8.82
C THR A 5 1.79 -5.15 7.47
N PHE A 6 1.57 -6.01 6.52
CA PHE A 6 1.10 -5.54 5.19
C PHE A 6 -0.10 -4.61 5.40
N GLN A 7 -0.79 -4.76 6.49
CA GLN A 7 -1.96 -3.88 6.77
C GLN A 7 -1.49 -2.65 7.54
N LYS A 8 -0.33 -2.73 8.15
CA LYS A 8 0.19 -1.58 8.95
C LYS A 8 1.02 -0.62 8.08
N LYS A 9 1.98 -1.12 7.36
CA LYS A 9 2.84 -0.22 6.54
C LYS A 9 2.26 0.01 5.14
N HIS A 10 1.95 -1.02 4.41
CA HIS A 10 1.41 -0.82 3.03
C HIS A 10 0.01 -0.20 3.07
N LEU A 11 -0.66 -0.23 4.19
CA LEU A 11 -2.04 0.37 4.26
C LEU A 11 -2.08 1.43 5.36
N THR A 12 -2.89 2.45 5.17
CA THR A 12 -3.01 3.50 6.22
C THR A 12 -4.48 3.69 6.57
N ASP A 13 -4.82 4.75 7.28
CA ASP A 13 -6.24 4.97 7.67
C ASP A 13 -6.76 6.30 7.10
N THR A 14 -6.00 6.96 6.26
CA THR A 14 -6.49 8.26 5.71
C THR A 14 -6.01 8.42 4.26
N LYS A 15 -6.71 9.20 3.49
CA LYS A 15 -6.31 9.42 2.07
C LYS A 15 -5.09 10.34 2.03
N LYS A 16 -4.89 11.11 3.08
CA LYS A 16 -3.72 12.03 3.12
C LYS A 16 -2.85 11.68 4.33
N VAL A 17 -2.18 10.56 4.29
CA VAL A 17 -1.33 10.15 5.44
C VAL A 17 -0.38 11.27 5.79
N LYS A 18 0.32 11.12 6.88
CA LYS A 18 1.30 12.15 7.29
C LYS A 18 2.69 11.67 6.90
N CYS A 19 2.94 11.59 5.62
CA CYS A 19 4.25 11.10 5.11
C CYS A 19 5.38 11.47 6.08
N ASP A 20 5.35 12.65 6.64
CA ASP A 20 6.44 13.07 7.58
C ASP A 20 6.68 11.96 8.60
N VAL A 21 5.61 11.37 9.09
CA VAL A 21 5.75 10.27 10.09
C VAL A 21 5.54 8.94 9.38
N GLU A 22 4.67 8.91 8.39
CA GLU A 22 4.43 7.65 7.65
C GLU A 22 5.77 7.14 7.12
N MET A 23 6.79 7.94 7.26
CA MET A 23 8.15 7.54 6.77
C MET A 23 9.15 7.67 7.91
N ALA A 24 9.13 8.79 8.60
CA ALA A 24 10.09 8.98 9.73
C ALA A 24 9.74 8.02 10.87
N LYS A 25 8.79 7.15 10.65
CA LYS A 25 8.40 6.18 11.72
C LYS A 25 9.64 5.42 12.19
N ALA A 26 9.46 4.34 12.90
CA ALA A 26 10.61 3.55 13.39
C ALA A 26 10.75 2.29 12.53
N LEU A 27 9.74 1.96 11.76
CA LEU A 27 9.82 0.75 10.89
C LEU A 27 10.22 1.16 9.47
N PHE A 28 10.39 2.43 9.23
CA PHE A 28 10.79 2.90 7.88
C PHE A 28 12.19 3.51 7.96
N ASP A 29 12.46 4.29 8.97
CA ASP A 29 13.81 4.91 9.13
C ASP A 29 13.91 6.15 8.22
N CYS A 30 12.88 6.95 8.16
CA CYS A 30 12.92 8.18 7.31
C CYS A 30 13.52 7.84 5.95
N LYS A 31 12.92 6.92 5.23
CA LYS A 31 13.45 6.54 3.89
C LYS A 31 13.38 7.75 2.95
N LYS A 32 13.06 7.52 1.70
CA LYS A 32 12.96 8.65 0.73
C LYS A 32 11.72 8.45 -0.15
N THR A 33 11.36 7.22 -0.43
CA THR A 33 10.16 6.96 -1.27
C THR A 33 9.25 5.99 -0.51
N ASN A 34 7.97 6.21 -0.53
CA ASN A 34 7.04 5.30 0.21
C ASN A 34 5.66 5.29 -0.46
N THR A 35 4.97 4.19 -0.36
CA THR A 35 3.61 4.09 -0.98
C THR A 35 2.67 3.33 -0.02
N PHE A 36 1.40 3.57 -0.10
CA PHE A 36 0.44 2.84 0.79
C PHE A 36 -0.90 2.72 0.07
N ILE A 37 -1.86 2.04 0.66
CA ILE A 37 -3.19 1.90 0.01
C ILE A 37 -4.29 2.36 0.96
N TYR A 38 -5.25 3.10 0.47
CA TYR A 38 -6.35 3.58 1.35
C TYR A 38 -7.55 2.65 1.23
N ALA A 39 -7.75 1.79 2.19
CA ALA A 39 -8.90 0.84 2.13
C ALA A 39 -9.23 0.34 3.53
N LEU A 40 -10.46 -0.01 3.78
CA LEU A 40 -10.83 -0.51 5.13
C LEU A 40 -10.55 -2.02 5.21
N PRO A 41 -10.10 -2.51 6.34
CA PRO A 41 -9.76 -3.95 6.52
C PRO A 41 -10.77 -4.90 5.84
N GLY A 42 -12.03 -4.78 6.16
CA GLY A 42 -13.04 -5.67 5.54
C GLY A 42 -12.86 -5.70 4.02
N ARG A 43 -12.82 -4.57 3.40
CA ARG A 43 -12.67 -4.52 1.91
C ARG A 43 -11.33 -5.15 1.50
N VAL A 44 -10.33 -5.08 2.35
CA VAL A 44 -9.02 -5.68 1.98
C VAL A 44 -9.09 -7.20 2.12
N LYS A 45 -9.40 -7.67 3.29
CA LYS A 45 -9.49 -9.15 3.50
C LYS A 45 -10.62 -9.69 2.61
N ALA A 46 -11.51 -8.83 2.19
CA ALA A 46 -12.64 -9.27 1.33
C ALA A 46 -12.21 -9.20 -0.13
N LEU A 47 -11.18 -8.45 -0.43
CA LEU A 47 -10.73 -8.35 -1.85
C LEU A 47 -9.98 -9.62 -2.25
N CYS A 48 -9.84 -10.56 -1.35
CA CYS A 48 -9.12 -11.83 -1.69
C CYS A 48 -10.00 -13.03 -1.36
N LYS A 49 -11.18 -12.79 -0.88
CA LYS A 49 -12.09 -13.92 -0.53
C LYS A 49 -12.42 -14.73 -1.78
N ASN A 50 -12.55 -16.02 -1.64
CA ASN A 50 -12.88 -16.89 -2.81
C ASN A 50 -11.66 -17.06 -3.72
N ILE A 51 -10.58 -16.40 -3.43
CA ILE A 51 -9.37 -16.54 -4.29
C ILE A 51 -8.65 -17.84 -3.93
N ARG A 52 -7.62 -18.17 -4.67
CA ARG A 52 -6.87 -19.44 -4.38
C ARG A 52 -5.69 -19.14 -3.45
N ASP A 53 -4.76 -20.05 -3.38
CA ASP A 53 -3.57 -19.85 -2.50
C ASP A 53 -2.73 -18.68 -2.99
N ASN A 54 -1.45 -18.80 -2.83
CA ASN A 54 -0.53 -17.70 -3.26
C ASN A 54 -0.61 -17.52 -4.77
N THR A 55 -1.08 -16.38 -5.20
CA THR A 55 -1.19 -16.10 -6.66
C THR A 55 -1.10 -14.59 -6.89
N ASP A 56 -0.92 -14.17 -8.11
CA ASP A 56 -0.82 -12.71 -8.39
C ASP A 56 -2.17 -12.16 -8.82
N VAL A 57 -2.73 -11.26 -8.06
CA VAL A 57 -4.05 -10.68 -8.42
C VAL A 57 -3.86 -9.20 -8.80
N LEU A 58 -4.92 -8.53 -9.17
CA LEU A 58 -4.77 -7.09 -9.56
C LEU A 58 -6.13 -6.41 -9.45
N SER A 59 -6.18 -5.18 -9.00
CA SER A 59 -7.50 -4.49 -8.88
C SER A 59 -8.22 -4.54 -10.22
N ARG A 60 -9.52 -4.53 -10.21
CA ARG A 60 -10.29 -4.60 -11.49
C ARG A 60 -10.57 -3.18 -12.01
N ASP A 61 -10.01 -2.19 -11.39
CA ASP A 61 -10.27 -0.79 -11.86
C ASP A 61 -9.19 0.14 -11.32
N ALA A 62 -9.43 0.73 -10.18
CA ALA A 62 -8.40 1.67 -9.61
C ALA A 62 -8.55 1.75 -8.10
N PHE A 63 -7.60 2.37 -7.44
CA PHE A 63 -7.66 2.49 -5.97
C PHE A 63 -6.89 3.74 -5.54
N LEU A 64 -7.44 4.52 -4.64
CA LEU A 64 -6.74 5.75 -4.19
C LEU A 64 -5.66 5.38 -3.17
N LEU A 65 -4.41 5.57 -3.51
CA LEU A 65 -3.32 5.22 -2.56
C LEU A 65 -2.46 6.47 -2.26
N PRO A 66 -2.27 6.80 -1.02
CA PRO A 66 -1.43 7.95 -0.63
C PRO A 66 0.05 7.58 -0.79
N GLN A 67 0.89 8.50 -1.15
CA GLN A 67 2.33 8.13 -1.34
C GLN A 67 3.23 9.29 -0.93
N CYS A 68 4.43 8.96 -0.48
CA CYS A 68 5.39 10.03 -0.06
C CYS A 68 6.52 10.12 -1.08
N ASP A 69 6.98 11.32 -1.37
CA ASP A 69 8.09 11.48 -2.37
C ASP A 69 9.11 12.49 -1.85
N ARG A 70 10.32 12.05 -1.59
CA ARG A 70 11.37 12.99 -1.10
C ARG A 70 11.67 14.02 -2.19
N ILE A 71 12.10 15.20 -1.80
CA ILE A 71 12.41 16.24 -2.82
C ILE A 71 13.21 17.38 -2.16
N LYS A 72 12.88 17.71 -0.94
CA LYS A 72 13.61 18.82 -0.24
C LYS A 72 14.01 18.36 1.16
N LEU A 73 14.87 19.11 1.80
CA LEU A 73 15.32 18.73 3.17
C LEU A 73 15.83 17.29 3.17
N PRO A 74 16.37 16.83 4.27
CA PRO A 74 16.89 15.44 4.39
C PRO A 74 15.81 14.43 4.78
N CYS A 75 14.83 14.86 5.53
CA CYS A 75 13.75 13.92 5.96
C CYS A 75 12.38 14.54 5.69
N HIS A 76 12.23 15.18 4.56
CA HIS A 76 10.91 15.80 4.21
C HIS A 76 10.36 15.13 2.96
N TYR A 77 9.06 15.01 2.85
CA TYR A 77 8.48 14.34 1.64
C TYR A 77 7.27 15.14 1.14
N LYS A 78 6.84 14.86 -0.06
CA LYS A 78 5.66 15.57 -0.63
C LYS A 78 4.48 14.61 -0.65
N LEU A 79 3.29 15.10 -0.42
CA LEU A 79 2.10 14.21 -0.42
C LEU A 79 1.56 14.06 -1.84
N SER A 80 1.42 12.85 -2.31
CA SER A 80 0.91 12.62 -3.69
C SER A 80 0.06 11.34 -3.70
N SER A 81 -1.13 11.42 -4.22
CA SER A 81 -2.01 10.22 -4.26
C SER A 81 -2.79 10.19 -5.58
N SER A 82 -3.26 9.04 -5.98
CA SER A 82 -4.02 8.95 -7.27
C SER A 82 -4.76 7.62 -7.32
N THR A 83 -5.70 7.50 -8.22
CA THR A 83 -6.48 6.26 -8.33
C THR A 83 -5.99 5.43 -9.52
N ASN A 84 -5.52 4.25 -9.27
CA ASN A 84 -5.03 3.38 -10.37
C ASN A 84 -5.01 1.92 -9.92
N THR A 85 -5.10 1.00 -10.84
CA THR A 85 -5.10 -0.44 -10.47
C THR A 85 -3.74 -0.78 -9.83
N ILE A 86 -3.66 -1.87 -9.11
CA ILE A 86 -2.37 -2.23 -8.46
C ILE A 86 -2.24 -3.75 -8.37
N CYS A 87 -1.13 -4.29 -8.82
CA CYS A 87 -0.93 -5.76 -8.77
C CYS A 87 -0.47 -6.14 -7.36
N ILE A 88 -1.03 -7.18 -6.82
CA ILE A 88 -0.65 -7.60 -5.44
C ILE A 88 -0.81 -9.12 -5.34
N THR A 89 -0.06 -9.76 -4.48
CA THR A 89 -0.18 -11.24 -4.33
C THR A 89 -0.92 -11.57 -3.03
N CYS A 90 -1.78 -12.54 -3.06
CA CYS A 90 -2.56 -12.92 -1.85
C CYS A 90 -2.64 -14.45 -1.74
N VAL A 91 -2.99 -14.95 -0.59
CA VAL A 91 -3.09 -16.43 -0.40
C VAL A 91 -4.56 -16.86 -0.52
N ASN A 92 -4.98 -17.83 0.24
CA ASN A 92 -6.38 -18.31 0.16
C ASN A 92 -7.35 -17.14 0.24
N GLN A 93 -7.00 -16.15 1.00
CA GLN A 93 -7.89 -14.96 1.15
C GLN A 93 -7.24 -13.93 2.07
N LEU A 94 -5.96 -13.73 1.92
CA LEU A 94 -5.24 -12.73 2.78
C LEU A 94 -4.12 -12.07 1.96
N PRO A 95 -4.20 -10.80 1.70
CA PRO A 95 -3.17 -10.07 0.91
C PRO A 95 -1.92 -9.76 1.74
N ILE A 96 -0.74 -10.04 1.23
CA ILE A 96 0.49 -9.78 2.02
C ILE A 96 1.64 -9.29 1.12
N HIS A 97 1.46 -9.25 -0.19
CA HIS A 97 2.58 -8.76 -1.05
C HIS A 97 2.09 -7.65 -1.99
N PHE A 98 2.82 -6.56 -2.06
CA PHE A 98 2.42 -5.44 -2.96
C PHE A 98 3.28 -5.49 -4.22
N ALA A 99 2.72 -5.92 -5.32
CA ALA A 99 3.51 -6.00 -6.58
C ALA A 99 4.06 -4.60 -6.92
N GLY A 100 3.20 -3.69 -7.28
CA GLY A 100 3.67 -2.32 -7.62
C GLY A 100 2.48 -1.44 -7.97
N VAL A 101 2.70 -0.33 -8.62
CA VAL A 101 1.58 0.58 -8.98
C VAL A 101 1.11 0.27 -10.41
N GLY A 102 -0.17 0.18 -10.62
CA GLY A 102 -0.68 -0.11 -11.99
C GLY A 102 -0.56 -1.61 -12.26
N SER A 103 -0.93 -2.04 -13.44
CA SER A 103 -0.84 -3.49 -13.76
C SER A 103 0.61 -3.94 -13.64
N CYS A 104 0.83 -5.19 -13.31
CA CYS A 104 2.22 -5.70 -13.17
C CYS A 104 2.74 -6.14 -14.54
N PRO A 105 4.03 -6.12 -14.74
CA PRO A 105 4.66 -6.52 -16.04
C PRO A 105 4.54 -8.03 -16.28
N PCA A 1 4.71 -10.03 3.97
CA PCA A 1 5.03 -11.26 4.70
CB PCA A 1 6.38 -11.02 5.31
CG PCA A 1 6.56 -9.64 5.11
CD PCA A 1 5.70 -9.06 4.12
OE PCA A 1 5.74 -7.95 3.47
C PCA A 1 4.00 -11.55 5.78
O PCA A 1 4.09 -12.54 6.48
H PCA A 1 3.83 -9.85 3.58
HA PCA A 1 5.06 -12.12 4.05
HB2 PCA A 1 7.14 -11.59 4.80
HB3 PCA A 1 6.40 -11.30 6.35
HG2 PCA A 1 7.57 -9.47 4.80
HG3 PCA A 1 6.34 -9.14 6.03
N ASP A 2 3.02 -10.70 5.91
CA ASP A 2 1.96 -10.92 6.94
C ASP A 2 0.83 -9.92 6.72
N TRP A 3 -0.38 -10.38 6.64
CA TRP A 3 -1.52 -9.45 6.41
C TRP A 3 -1.50 -8.35 7.49
N GLU A 4 -1.01 -8.66 8.66
CA GLU A 4 -0.97 -7.62 9.73
C GLU A 4 -0.06 -6.48 9.29
N THR A 5 1.22 -6.65 9.38
CA THR A 5 2.14 -5.55 8.95
C THR A 5 1.74 -5.08 7.57
N PHE A 6 1.54 -5.98 6.65
CA PHE A 6 1.13 -5.57 5.28
C PHE A 6 -0.07 -4.63 5.40
N GLN A 7 -0.79 -4.70 6.49
CA GLN A 7 -1.95 -3.80 6.68
C GLN A 7 -1.48 -2.53 7.38
N LYS A 8 -0.35 -2.60 8.03
CA LYS A 8 0.17 -1.40 8.76
C LYS A 8 1.07 -0.54 7.86
N LYS A 9 2.02 -1.13 7.19
CA LYS A 9 2.95 -0.32 6.34
C LYS A 9 2.35 -0.08 4.94
N HIS A 10 1.82 -1.08 4.30
CA HIS A 10 1.27 -0.89 2.92
C HIS A 10 -0.13 -0.27 2.96
N LEU A 11 -0.75 -0.20 4.10
CA LEU A 11 -2.13 0.39 4.17
C LEU A 11 -2.19 1.49 5.23
N THR A 12 -3.09 2.42 5.09
CA THR A 12 -3.22 3.50 6.10
C THR A 12 -4.70 3.75 6.39
N ASP A 13 -5.03 4.81 7.09
CA ASP A 13 -6.46 5.08 7.42
C ASP A 13 -6.90 6.44 6.84
N THR A 14 -6.17 6.99 5.91
CA THR A 14 -6.60 8.30 5.35
C THR A 14 -5.99 8.51 3.96
N LYS A 15 -6.65 9.25 3.11
CA LYS A 15 -6.11 9.49 1.75
C LYS A 15 -4.91 10.43 1.85
N LYS A 16 -4.83 11.20 2.90
CA LYS A 16 -3.68 12.13 3.07
C LYS A 16 -2.87 11.72 4.29
N VAL A 17 -2.25 10.57 4.25
CA VAL A 17 -1.45 10.11 5.42
C VAL A 17 -0.47 11.19 5.84
N LYS A 18 0.17 11.00 6.96
CA LYS A 18 1.16 11.99 7.43
C LYS A 18 2.54 11.49 7.04
N CYS A 19 2.81 11.43 5.76
CA CYS A 19 4.13 10.93 5.27
C CYS A 19 5.26 11.27 6.24
N ASP A 20 5.25 12.45 6.80
CA ASP A 20 6.33 12.85 7.75
C ASP A 20 6.55 11.73 8.77
N VAL A 21 5.49 11.12 9.21
CA VAL A 21 5.61 10.01 10.20
C VAL A 21 5.39 8.69 9.47
N GLU A 22 4.53 8.67 8.49
CA GLU A 22 4.28 7.41 7.73
C GLU A 22 5.62 6.93 7.18
N MET A 23 6.65 7.72 7.35
CA MET A 23 8.00 7.34 6.85
C MET A 23 9.01 7.48 7.98
N ALA A 24 8.98 8.57 8.69
CA ALA A 24 9.95 8.77 9.81
C ALA A 24 9.61 7.79 10.94
N LYS A 25 8.66 6.94 10.73
CA LYS A 25 8.28 5.95 11.77
C LYS A 25 9.54 5.21 12.26
N ALA A 26 9.37 4.19 13.04
CA ALA A 26 10.54 3.42 13.53
C ALA A 26 10.71 2.16 12.68
N LEU A 27 9.73 1.85 11.86
CA LEU A 27 9.83 0.64 11.00
C LEU A 27 10.32 1.05 9.60
N PHE A 28 10.51 2.32 9.39
CA PHE A 28 10.99 2.80 8.05
C PHE A 28 12.33 3.51 8.21
N ASP A 29 12.51 4.25 9.26
CA ASP A 29 13.80 4.97 9.48
C ASP A 29 13.88 6.17 8.53
N CYS A 30 12.78 6.83 8.29
CA CYS A 30 12.79 8.02 7.39
C CYS A 30 13.46 7.69 6.06
N LYS A 31 12.83 6.87 5.24
CA LYS A 31 13.43 6.52 3.92
C LYS A 31 13.37 7.75 3.02
N LYS A 32 13.05 7.57 1.76
CA LYS A 32 12.97 8.72 0.82
C LYS A 32 11.68 8.63 0.00
N THR A 33 11.14 7.45 -0.15
CA THR A 33 9.86 7.30 -0.92
C THR A 33 8.98 6.27 -0.20
N ASN A 34 7.69 6.37 -0.35
CA ASN A 34 6.79 5.40 0.35
C ASN A 34 5.43 5.35 -0.34
N THR A 35 4.77 4.23 -0.25
CA THR A 35 3.42 4.09 -0.88
C THR A 35 2.50 3.30 0.05
N PHE A 36 1.22 3.54 -0.03
CA PHE A 36 0.27 2.79 0.83
C PHE A 36 -1.07 2.68 0.10
N ILE A 37 -2.03 2.00 0.67
CA ILE A 37 -3.35 1.86 -0.02
C ILE A 37 -4.46 2.35 0.91
N TYR A 38 -5.35 3.17 0.39
CA TYR A 38 -6.46 3.69 1.25
C TYR A 38 -7.69 2.78 1.08
N ALA A 39 -7.90 1.88 1.98
CA ALA A 39 -9.08 0.98 1.87
C ALA A 39 -9.50 0.50 3.27
N LEU A 40 -10.76 0.20 3.46
CA LEU A 40 -11.22 -0.26 4.79
C LEU A 40 -10.98 -1.78 4.91
N PRO A 41 -10.63 -2.25 6.08
CA PRO A 41 -10.34 -3.69 6.32
C PRO A 41 -11.27 -4.64 5.55
N GLY A 42 -12.56 -4.49 5.73
CA GLY A 42 -13.51 -5.39 5.01
C GLY A 42 -13.20 -5.42 3.52
N ARG A 43 -12.99 -4.28 2.92
CA ARG A 43 -12.68 -4.24 1.46
C ARG A 43 -11.34 -4.95 1.18
N VAL A 44 -10.43 -4.92 2.10
CA VAL A 44 -9.13 -5.59 1.87
C VAL A 44 -9.28 -7.09 2.07
N LYS A 45 -9.71 -7.50 3.24
CA LYS A 45 -9.89 -8.94 3.49
C LYS A 45 -10.91 -9.48 2.49
N ALA A 46 -11.69 -8.60 1.93
CA ALA A 46 -12.73 -9.02 0.94
C ALA A 46 -12.05 -9.34 -0.40
N LEU A 47 -11.09 -8.55 -0.79
CA LEU A 47 -10.40 -8.80 -2.08
C LEU A 47 -9.68 -10.15 -2.04
N CYS A 48 -9.50 -10.71 -0.87
CA CYS A 48 -8.82 -12.04 -0.76
C CYS A 48 -9.78 -13.05 -0.14
N LYS A 49 -11.06 -12.80 -0.25
CA LYS A 49 -12.05 -13.76 0.33
C LYS A 49 -12.37 -14.86 -0.67
N ASN A 50 -12.07 -16.09 -0.34
CA ASN A 50 -12.36 -17.21 -1.28
C ASN A 50 -11.69 -16.95 -2.63
N ILE A 51 -10.40 -16.77 -2.66
CA ILE A 51 -9.70 -16.52 -3.94
C ILE A 51 -8.87 -17.76 -4.30
N ARG A 52 -7.58 -17.67 -4.17
CA ARG A 52 -6.70 -18.83 -4.49
C ARG A 52 -5.48 -18.82 -3.56
N ASP A 53 -4.44 -19.50 -3.92
CA ASP A 53 -3.23 -19.53 -3.05
C ASP A 53 -2.30 -18.37 -3.42
N ASN A 54 -1.03 -18.57 -3.21
CA ASN A 54 -0.04 -17.49 -3.53
C ASN A 54 -0.04 -17.23 -5.04
N THR A 55 -0.55 -16.09 -5.44
CA THR A 55 -0.59 -15.74 -6.88
C THR A 55 -0.73 -14.23 -7.03
N ASP A 56 -0.52 -13.71 -8.20
CA ASP A 56 -0.64 -12.23 -8.39
C ASP A 56 -2.06 -11.87 -8.78
N VAL A 57 -2.52 -10.70 -8.43
CA VAL A 57 -3.90 -10.27 -8.78
C VAL A 57 -3.87 -8.82 -9.27
N LEU A 58 -4.94 -8.36 -9.87
CA LEU A 58 -4.98 -6.97 -10.40
C LEU A 58 -6.31 -6.32 -9.98
N SER A 59 -6.28 -5.11 -9.47
CA SER A 59 -7.55 -4.45 -9.07
C SER A 59 -8.51 -4.46 -10.27
N ARG A 60 -9.79 -4.39 -10.02
CA ARG A 60 -10.78 -4.43 -11.14
C ARG A 60 -10.95 -3.05 -11.76
N ASP A 61 -10.25 -2.06 -11.29
CA ASP A 61 -10.41 -0.70 -11.90
C ASP A 61 -9.34 0.25 -11.37
N ALA A 62 -9.60 0.91 -10.28
CA ALA A 62 -8.59 1.86 -9.73
C ALA A 62 -8.67 1.88 -8.20
N PHE A 63 -7.67 2.44 -7.57
CA PHE A 63 -7.68 2.51 -6.08
C PHE A 63 -6.92 3.78 -5.64
N LEU A 64 -7.50 4.52 -4.73
CA LEU A 64 -6.83 5.77 -4.28
C LEU A 64 -5.75 5.42 -3.25
N LEU A 65 -4.50 5.59 -3.60
CA LEU A 65 -3.42 5.27 -2.62
C LEU A 65 -2.56 6.52 -2.37
N PRO A 66 -2.26 6.79 -1.13
CA PRO A 66 -1.39 7.94 -0.75
C PRO A 66 0.07 7.61 -1.07
N GLN A 67 0.89 8.58 -1.35
CA GLN A 67 2.31 8.27 -1.68
C GLN A 67 3.24 9.37 -1.18
N CYS A 68 4.33 8.99 -0.54
CA CYS A 68 5.29 10.01 -0.03
C CYS A 68 6.47 10.11 -1.01
N ASP A 69 6.97 11.30 -1.25
CA ASP A 69 8.11 11.44 -2.20
C ASP A 69 9.12 12.47 -1.67
N ARG A 70 10.35 12.05 -1.45
CA ARG A 70 11.39 12.99 -0.94
C ARG A 70 12.01 13.75 -2.11
N ILE A 71 12.02 15.05 -2.05
CA ILE A 71 12.61 15.86 -3.16
C ILE A 71 13.64 16.85 -2.59
N LYS A 72 13.50 17.20 -1.34
CA LYS A 72 14.46 18.16 -0.73
C LYS A 72 14.74 17.77 0.72
N LEU A 73 15.74 18.35 1.33
CA LEU A 73 16.07 18.00 2.74
C LEU A 73 16.33 16.50 2.84
N PRO A 74 16.73 16.01 3.99
CA PRO A 74 17.03 14.57 4.19
C PRO A 74 15.82 13.79 4.75
N CYS A 75 14.88 14.47 5.34
CA CYS A 75 13.69 13.76 5.89
C CYS A 75 12.43 14.60 5.65
N HIS A 76 12.10 14.83 4.40
CA HIS A 76 10.88 15.63 4.07
C HIS A 76 10.25 15.05 2.80
N TYR A 77 9.03 14.58 2.90
CA TYR A 77 8.37 13.98 1.69
C TYR A 77 7.16 14.83 1.28
N LYS A 78 6.71 14.66 0.07
CA LYS A 78 5.53 15.42 -0.42
C LYS A 78 4.34 14.46 -0.49
N LEU A 79 3.15 14.96 -0.31
CA LEU A 79 1.95 14.07 -0.35
C LEU A 79 1.42 13.99 -1.78
N SER A 80 1.32 12.81 -2.33
CA SER A 80 0.80 12.65 -3.72
C SER A 80 -0.01 11.36 -3.81
N SER A 81 -1.25 11.44 -4.19
CA SER A 81 -2.09 10.21 -4.29
C SER A 81 -2.83 10.20 -5.63
N SER A 82 -3.29 9.04 -6.05
CA SER A 82 -4.03 8.97 -7.35
C SER A 82 -4.80 7.65 -7.41
N THR A 83 -5.72 7.54 -8.32
CA THR A 83 -6.53 6.32 -8.44
C THR A 83 -6.05 5.49 -9.62
N ASN A 84 -5.60 4.29 -9.38
CA ASN A 84 -5.12 3.42 -10.50
C ASN A 84 -5.13 1.96 -10.05
N THR A 85 -5.22 1.04 -10.98
CA THR A 85 -5.22 -0.39 -10.60
C THR A 85 -3.86 -0.74 -9.98
N ILE A 86 -3.81 -1.72 -9.13
CA ILE A 86 -2.52 -2.08 -8.48
C ILE A 86 -2.33 -3.60 -8.54
N CYS A 87 -1.09 -4.06 -8.60
CA CYS A 87 -0.85 -5.52 -8.64
C CYS A 87 -0.38 -5.97 -7.26
N ILE A 88 -0.92 -7.04 -6.74
CA ILE A 88 -0.50 -7.50 -5.39
C ILE A 88 -0.58 -9.03 -5.34
N THR A 89 0.10 -9.65 -4.40
CA THR A 89 0.06 -11.14 -4.31
C THR A 89 -0.67 -11.54 -3.02
N CYS A 90 -1.61 -12.44 -3.14
CA CYS A 90 -2.40 -12.90 -1.95
C CYS A 90 -2.31 -14.43 -1.85
N VAL A 91 -2.48 -14.97 -0.68
CA VAL A 91 -2.41 -16.47 -0.52
C VAL A 91 -3.82 -17.05 -0.46
N ASN A 92 -4.00 -18.08 0.32
CA ASN A 92 -5.36 -18.71 0.42
C ASN A 92 -6.42 -17.63 0.56
N GLN A 93 -6.17 -16.67 1.38
CA GLN A 93 -7.15 -15.57 1.59
C GLN A 93 -6.54 -14.50 2.50
N LEU A 94 -5.31 -14.14 2.26
CA LEU A 94 -4.66 -13.09 3.10
C LEU A 94 -3.66 -12.31 2.23
N PRO A 95 -3.86 -11.03 2.03
CA PRO A 95 -2.94 -10.20 1.21
C PRO A 95 -1.67 -9.86 1.98
N ILE A 96 -0.51 -10.09 1.41
CA ILE A 96 0.75 -9.78 2.16
C ILE A 96 1.86 -9.26 1.23
N HIS A 97 1.68 -9.24 -0.07
CA HIS A 97 2.78 -8.74 -0.94
C HIS A 97 2.25 -7.63 -1.87
N PHE A 98 2.92 -6.50 -1.87
CA PHE A 98 2.50 -5.37 -2.75
C PHE A 98 3.36 -5.40 -4.02
N ALA A 99 2.80 -5.76 -5.13
CA ALA A 99 3.59 -5.81 -6.39
C ALA A 99 4.09 -4.40 -6.75
N GLY A 100 3.24 -3.58 -7.31
CA GLY A 100 3.68 -2.21 -7.69
C GLY A 100 2.47 -1.36 -8.04
N VAL A 101 2.69 -0.23 -8.67
CA VAL A 101 1.54 0.65 -9.05
C VAL A 101 1.05 0.27 -10.44
N GLY A 102 -0.19 0.59 -10.76
CA GLY A 102 -0.73 0.24 -12.09
C GLY A 102 -0.61 -1.26 -12.31
N SER A 103 -1.33 -1.80 -13.27
CA SER A 103 -1.25 -3.26 -13.52
C SER A 103 0.21 -3.68 -13.71
N CYS A 104 0.63 -4.74 -13.07
CA CYS A 104 2.04 -5.17 -13.22
C CYS A 104 2.22 -5.88 -14.56
N PRO A 105 3.41 -5.84 -15.12
CA PRO A 105 3.70 -6.49 -16.42
C PRO A 105 3.69 -8.02 -16.33
N PCA A 1 4.34 -10.03 3.50
CA PCA A 1 4.74 -11.24 4.21
CB PCA A 1 6.08 -10.96 4.78
CG PCA A 1 6.20 -9.58 4.59
CD PCA A 1 5.30 -9.01 3.62
OE PCA A 1 5.27 -7.90 3.00
C PCA A 1 3.75 -11.59 5.30
O PCA A 1 3.86 -12.62 5.94
H PCA A 1 3.44 -9.88 3.14
HA PCA A 1 4.78 -12.10 3.55
HB2 PCA A 1 6.86 -11.50 4.25
HB3 PCA A 1 6.14 -11.24 5.82
HG2 PCA A 1 7.21 -9.37 4.26
HG3 PCA A 1 6.00 -9.09 5.52
N ASP A 2 2.77 -10.76 5.52
CA ASP A 2 1.76 -11.04 6.57
C ASP A 2 0.66 -9.98 6.49
N TRP A 3 -0.57 -10.39 6.34
CA TRP A 3 -1.69 -9.42 6.25
C TRP A 3 -1.57 -8.38 7.37
N GLU A 4 -1.00 -8.75 8.48
CA GLU A 4 -0.84 -7.77 9.59
C GLU A 4 0.06 -6.63 9.14
N THR A 5 1.35 -6.82 9.15
CA THR A 5 2.26 -5.72 8.73
C THR A 5 1.78 -5.19 7.37
N PHE A 6 1.51 -6.06 6.44
CA PHE A 6 1.03 -5.60 5.12
C PHE A 6 -0.14 -4.63 5.34
N GLN A 7 -0.79 -4.75 6.46
CA GLN A 7 -1.93 -3.84 6.74
C GLN A 7 -1.39 -2.60 7.48
N LYS A 8 -0.22 -2.71 8.05
CA LYS A 8 0.36 -1.57 8.81
C LYS A 8 1.20 -0.67 7.89
N LYS A 9 2.12 -1.23 7.15
CA LYS A 9 2.99 -0.39 6.28
C LYS A 9 2.37 -0.17 4.90
N HIS A 10 1.96 -1.21 4.22
CA HIS A 10 1.38 -1.02 2.86
C HIS A 10 0.02 -0.35 2.93
N LEU A 11 -0.59 -0.28 4.10
CA LEU A 11 -1.93 0.38 4.19
C LEU A 11 -1.90 1.47 5.27
N THR A 12 -2.79 2.41 5.17
CA THR A 12 -2.84 3.50 6.20
C THR A 12 -4.31 3.79 6.55
N ASP A 13 -4.58 4.89 7.21
CA ASP A 13 -5.98 5.20 7.60
C ASP A 13 -6.43 6.54 6.98
N THR A 14 -5.78 7.00 5.95
CA THR A 14 -6.20 8.29 5.34
C THR A 14 -5.55 8.48 3.98
N LYS A 15 -6.19 9.20 3.09
CA LYS A 15 -5.60 9.44 1.75
C LYS A 15 -4.47 10.46 1.89
N LYS A 16 -4.45 11.19 2.97
CA LYS A 16 -3.38 12.20 3.19
C LYS A 16 -2.54 11.77 4.39
N VAL A 17 -1.92 10.62 4.32
CA VAL A 17 -1.10 10.15 5.46
C VAL A 17 -0.10 11.20 5.87
N LYS A 18 0.52 11.02 7.00
CA LYS A 18 1.53 11.99 7.46
C LYS A 18 2.89 11.43 7.11
N CYS A 19 3.19 11.34 5.83
CA CYS A 19 4.48 10.78 5.39
C CYS A 19 5.60 11.13 6.37
N ASP A 20 5.62 12.34 6.86
CA ASP A 20 6.67 12.75 7.83
C ASP A 20 6.87 11.67 8.88
N VAL A 21 5.79 11.09 9.33
CA VAL A 21 5.90 10.01 10.35
C VAL A 21 5.69 8.66 9.68
N GLU A 22 4.85 8.61 8.67
CA GLU A 22 4.62 7.32 7.96
C GLU A 22 5.96 6.79 7.45
N MET A 23 7.00 7.56 7.63
CA MET A 23 8.36 7.12 7.16
C MET A 23 9.40 7.41 8.24
N ALA A 24 9.36 8.58 8.82
CA ALA A 24 10.36 8.92 9.88
C ALA A 24 10.00 8.20 11.17
N LYS A 25 8.95 7.41 11.16
CA LYS A 25 8.56 6.69 12.39
C LYS A 25 9.69 5.76 12.84
N ALA A 26 9.39 4.52 13.14
CA ALA A 26 10.46 3.58 13.58
C ALA A 26 10.57 2.37 12.63
N LEU A 27 9.51 2.06 11.91
CA LEU A 27 9.58 0.87 11.00
C LEU A 27 10.18 1.27 9.64
N PHE A 28 10.43 2.54 9.43
CA PHE A 28 11.03 2.97 8.12
C PHE A 28 12.38 3.66 8.38
N ASP A 29 12.41 4.61 9.27
CA ASP A 29 13.69 5.34 9.57
C ASP A 29 13.87 6.52 8.61
N CYS A 30 12.81 7.19 8.27
CA CYS A 30 12.91 8.36 7.35
C CYS A 30 13.59 7.98 6.05
N LYS A 31 12.93 7.23 5.20
CA LYS A 31 13.55 6.85 3.89
C LYS A 31 13.45 8.01 2.91
N LYS A 32 13.07 7.74 1.69
CA LYS A 32 12.95 8.82 0.67
C LYS A 32 11.68 8.61 -0.16
N THR A 33 11.28 7.37 -0.34
CA THR A 33 10.04 7.09 -1.14
C THR A 33 9.18 6.10 -0.36
N ASN A 34 7.89 6.30 -0.36
CA ASN A 34 6.99 5.36 0.38
C ASN A 34 5.62 5.30 -0.29
N THR A 35 4.95 4.18 -0.18
CA THR A 35 3.61 4.05 -0.82
C THR A 35 2.68 3.27 0.13
N PHE A 36 1.41 3.50 0.03
CA PHE A 36 0.45 2.76 0.91
C PHE A 36 -0.89 2.69 0.19
N ILE A 37 -1.89 2.06 0.78
CA ILE A 37 -3.21 1.95 0.11
C ILE A 37 -4.31 2.47 1.04
N TYR A 38 -5.20 3.27 0.52
CA TYR A 38 -6.30 3.81 1.38
C TYR A 38 -7.54 2.92 1.25
N ALA A 39 -7.73 2.02 2.17
CA ALA A 39 -8.91 1.11 2.09
C ALA A 39 -9.24 0.56 3.47
N LEU A 40 -10.47 0.21 3.72
CA LEU A 40 -10.84 -0.34 5.05
C LEU A 40 -10.49 -1.85 5.09
N PRO A 41 -10.08 -2.34 6.23
CA PRO A 41 -9.68 -3.78 6.38
C PRO A 41 -10.68 -4.78 5.77
N GLY A 42 -11.91 -4.72 6.16
CA GLY A 42 -12.92 -5.68 5.61
C GLY A 42 -12.81 -5.72 4.08
N ARG A 43 -12.79 -4.59 3.45
CA ARG A 43 -12.70 -4.55 1.97
C ARG A 43 -11.39 -5.21 1.51
N VAL A 44 -10.36 -5.14 2.32
CA VAL A 44 -9.06 -5.75 1.92
C VAL A 44 -9.14 -7.26 2.05
N LYS A 45 -9.43 -7.76 3.23
CA LYS A 45 -9.52 -9.24 3.40
C LYS A 45 -10.68 -9.76 2.55
N ALA A 46 -11.58 -8.88 2.19
CA ALA A 46 -12.74 -9.28 1.35
C ALA A 46 -12.34 -9.23 -0.13
N LEU A 47 -11.31 -8.50 -0.46
CA LEU A 47 -10.88 -8.40 -1.87
C LEU A 47 -10.11 -9.66 -2.26
N CYS A 48 -9.93 -10.58 -1.34
CA CYS A 48 -9.18 -11.83 -1.67
C CYS A 48 -10.05 -13.05 -1.32
N LYS A 49 -11.24 -12.82 -0.84
CA LYS A 49 -12.12 -13.96 -0.48
C LYS A 49 -12.47 -14.77 -1.73
N ASN A 50 -12.59 -16.07 -1.60
CA ASN A 50 -12.93 -16.93 -2.77
C ASN A 50 -11.70 -17.12 -3.66
N ILE A 51 -10.62 -16.46 -3.37
CA ILE A 51 -9.40 -16.62 -4.21
C ILE A 51 -8.68 -17.91 -3.81
N ARG A 52 -7.65 -18.27 -4.53
CA ARG A 52 -6.90 -19.51 -4.21
C ARG A 52 -5.70 -19.18 -3.32
N ASP A 53 -4.74 -20.07 -3.27
CA ASP A 53 -3.53 -19.83 -2.44
C ASP A 53 -2.72 -18.66 -2.97
N ASN A 54 -1.44 -18.74 -2.84
CA ASN A 54 -0.56 -17.64 -3.30
C ASN A 54 -0.67 -17.47 -4.82
N THR A 55 -1.18 -16.36 -5.26
CA THR A 55 -1.32 -16.12 -6.73
C THR A 55 -1.23 -14.61 -6.98
N ASP A 56 -1.01 -14.21 -8.20
CA ASP A 56 -0.90 -12.76 -8.50
C ASP A 56 -2.25 -12.21 -8.94
N VAL A 57 -2.82 -11.32 -8.16
CA VAL A 57 -4.15 -10.73 -8.53
C VAL A 57 -3.95 -9.26 -8.89
N LEU A 58 -4.99 -8.58 -9.26
CA LEU A 58 -4.84 -7.14 -9.64
C LEU A 58 -6.20 -6.44 -9.50
N SER A 59 -6.22 -5.22 -9.04
CA SER A 59 -7.53 -4.52 -8.87
C SER A 59 -8.28 -4.55 -10.21
N ARG A 60 -9.59 -4.55 -10.17
CA ARG A 60 -10.39 -4.61 -11.42
C ARG A 60 -10.64 -3.19 -11.94
N ASP A 61 -10.06 -2.20 -11.32
CA ASP A 61 -10.27 -0.80 -11.79
C ASP A 61 -9.17 0.10 -11.26
N ALA A 62 -9.38 0.68 -10.11
CA ALA A 62 -8.33 1.58 -9.54
C ALA A 62 -8.49 1.70 -8.03
N PHE A 63 -7.54 2.32 -7.39
CA PHE A 63 -7.62 2.50 -5.90
C PHE A 63 -6.84 3.75 -5.51
N LEU A 64 -7.38 4.53 -4.62
CA LEU A 64 -6.68 5.78 -4.20
C LEU A 64 -5.60 5.43 -3.18
N LEU A 65 -4.35 5.57 -3.53
CA LEU A 65 -3.26 5.26 -2.56
C LEU A 65 -2.38 6.50 -2.32
N PRO A 66 -2.06 6.78 -1.09
CA PRO A 66 -1.17 7.91 -0.73
C PRO A 66 0.28 7.57 -1.07
N GLN A 67 1.10 8.54 -1.36
CA GLN A 67 2.52 8.22 -1.70
C GLN A 67 3.45 9.32 -1.21
N CYS A 68 4.51 8.96 -0.55
CA CYS A 68 5.48 9.99 -0.05
C CYS A 68 6.59 10.19 -1.09
N ASP A 69 6.89 11.42 -1.42
CA ASP A 69 7.96 11.68 -2.43
C ASP A 69 8.98 12.69 -1.87
N ARG A 70 10.20 12.28 -1.67
CA ARG A 70 11.24 13.21 -1.14
C ARG A 70 11.67 14.18 -2.24
N ILE A 71 11.76 15.45 -1.92
CA ILE A 71 12.18 16.45 -2.96
C ILE A 71 12.99 17.56 -2.30
N LYS A 72 12.61 17.96 -1.10
CA LYS A 72 13.36 19.06 -0.42
C LYS A 72 13.74 18.61 1.00
N LEU A 73 14.51 19.43 1.69
CA LEU A 73 14.93 19.06 3.07
C LEU A 73 15.51 17.64 3.07
N PRO A 74 16.04 17.19 4.18
CA PRO A 74 16.64 15.83 4.29
C PRO A 74 15.62 14.78 4.75
N CYS A 75 14.73 15.15 5.63
CA CYS A 75 13.72 14.17 6.13
C CYS A 75 12.31 14.73 5.92
N HIS A 76 11.95 15.00 4.70
CA HIS A 76 10.59 15.54 4.42
C HIS A 76 10.07 14.95 3.11
N TYR A 77 8.79 14.82 2.96
CA TYR A 77 8.23 14.23 1.71
C TYR A 77 7.02 15.03 1.25
N LYS A 78 6.61 14.82 0.02
CA LYS A 78 5.42 15.57 -0.51
C LYS A 78 4.24 14.60 -0.61
N LEU A 79 3.04 15.09 -0.44
CA LEU A 79 1.85 14.20 -0.50
C LEU A 79 1.44 14.01 -1.97
N SER A 80 1.40 12.79 -2.42
CA SER A 80 0.99 12.52 -3.83
C SER A 80 0.16 11.23 -3.87
N SER A 81 -1.09 11.34 -4.23
CA SER A 81 -1.96 10.13 -4.28
C SER A 81 -2.74 10.12 -5.60
N SER A 82 -3.22 8.98 -6.01
CA SER A 82 -4.00 8.90 -7.27
C SER A 82 -4.74 7.58 -7.34
N THR A 83 -5.68 7.46 -8.24
CA THR A 83 -6.46 6.21 -8.34
C THR A 83 -5.95 5.39 -9.52
N ASN A 84 -5.50 4.19 -9.27
CA ASN A 84 -5.00 3.33 -10.39
C ASN A 84 -4.99 1.87 -9.93
N THR A 85 -5.09 0.95 -10.85
CA THR A 85 -5.09 -0.49 -10.48
C THR A 85 -3.74 -0.84 -9.86
N ILE A 86 -3.67 -1.92 -9.13
CA ILE A 86 -2.36 -2.29 -8.49
C ILE A 86 -2.25 -3.82 -8.41
N CYS A 87 -1.15 -4.36 -8.85
CA CYS A 87 -0.96 -5.84 -8.80
C CYS A 87 -0.50 -6.23 -7.40
N ILE A 88 -1.10 -7.23 -6.84
CA ILE A 88 -0.70 -7.67 -5.48
C ILE A 88 -0.89 -9.18 -5.36
N THR A 89 -0.05 -9.84 -4.60
CA THR A 89 -0.19 -11.32 -4.45
C THR A 89 -0.95 -11.61 -3.15
N CYS A 90 -1.80 -12.60 -3.17
CA CYS A 90 -2.61 -12.94 -1.96
C CYS A 90 -2.70 -14.46 -1.80
N VAL A 91 -2.96 -14.93 -0.61
CA VAL A 91 -3.06 -16.39 -0.38
C VAL A 91 -4.53 -16.83 -0.46
N ASN A 92 -4.94 -17.77 0.34
CA ASN A 92 -6.35 -18.26 0.29
C ASN A 92 -7.32 -17.08 0.33
N GLN A 93 -6.98 -16.07 1.06
CA GLN A 93 -7.88 -14.88 1.17
C GLN A 93 -7.23 -13.82 2.07
N LEU A 94 -5.95 -13.60 1.91
CA LEU A 94 -5.25 -12.59 2.77
C LEU A 94 -4.11 -11.95 1.95
N PRO A 95 -4.31 -10.76 1.43
CA PRO A 95 -3.26 -10.06 0.64
C PRO A 95 -2.01 -9.77 1.48
N ILE A 96 -0.83 -9.96 0.93
CA ILE A 96 0.39 -9.70 1.74
C ILE A 96 1.57 -9.23 0.86
N HIS A 97 1.42 -9.17 -0.44
CA HIS A 97 2.57 -8.72 -1.28
C HIS A 97 2.14 -7.66 -2.29
N PHE A 98 2.65 -6.46 -2.16
CA PHE A 98 2.30 -5.36 -3.10
C PHE A 98 3.19 -5.47 -4.34
N ALA A 99 2.66 -5.91 -5.45
CA ALA A 99 3.50 -6.03 -6.68
C ALA A 99 4.09 -4.66 -7.03
N GLY A 100 3.27 -3.75 -7.50
CA GLY A 100 3.79 -2.40 -7.86
C GLY A 100 2.62 -1.48 -8.22
N VAL A 101 2.89 -0.36 -8.82
CA VAL A 101 1.79 0.58 -9.19
C VAL A 101 1.21 0.18 -10.56
N GLY A 102 -0.08 0.24 -10.71
CA GLY A 102 -0.69 -0.13 -12.01
C GLY A 102 -0.70 -1.65 -12.16
N SER A 103 -0.85 -2.14 -13.36
CA SER A 103 -0.87 -3.62 -13.56
C SER A 103 0.57 -4.15 -13.50
N CYS A 104 0.72 -5.43 -13.32
CA CYS A 104 2.10 -6.02 -13.25
C CYS A 104 2.48 -6.57 -14.63
N PRO A 105 3.75 -6.61 -14.93
CA PRO A 105 4.25 -7.13 -16.24
C PRO A 105 4.05 -8.64 -16.38
N PCA A 1 4.75 -9.97 3.74
CA PCA A 1 5.08 -11.23 4.42
CB PCA A 1 6.42 -11.01 5.04
CG PCA A 1 6.58 -9.64 4.91
CD PCA A 1 5.74 -9.01 3.92
OE PCA A 1 5.80 -7.89 3.32
C PCA A 1 4.05 -11.58 5.47
O PCA A 1 4.11 -12.63 6.08
H PCA A 1 3.86 -9.78 3.38
HA PCA A 1 5.12 -12.06 3.72
HB2 PCA A 1 7.19 -11.56 4.52
HB3 PCA A 1 6.43 -11.34 6.08
HG2 PCA A 1 7.61 -9.44 4.63
HG3 PCA A 1 6.35 -9.17 5.85
N ASP A 2 3.08 -10.72 5.67
CA ASP A 2 2.03 -11.01 6.68
C ASP A 2 0.89 -9.99 6.50
N TRP A 3 -0.33 -10.46 6.45
CA TRP A 3 -1.47 -9.53 6.26
C TRP A 3 -1.47 -8.47 7.36
N GLU A 4 -1.03 -8.84 8.55
CA GLU A 4 -0.99 -7.83 9.65
C GLU A 4 -0.07 -6.68 9.27
N THR A 5 1.21 -6.87 9.35
CA THR A 5 2.14 -5.77 8.98
C THR A 5 1.74 -5.21 7.62
N PHE A 6 1.56 -6.06 6.65
CA PHE A 6 1.15 -5.57 5.30
C PHE A 6 -0.03 -4.62 5.48
N GLN A 7 -0.76 -4.74 6.56
CA GLN A 7 -1.91 -3.83 6.79
C GLN A 7 -1.43 -2.61 7.58
N LYS A 8 -0.30 -2.72 8.23
CA LYS A 8 0.21 -1.59 9.04
C LYS A 8 1.07 -0.63 8.19
N LYS A 9 2.01 -1.14 7.43
CA LYS A 9 2.90 -0.24 6.64
C LYS A 9 2.32 0.04 5.24
N HIS A 10 1.83 -0.95 4.55
CA HIS A 10 1.30 -0.69 3.17
C HIS A 10 -0.12 -0.11 3.21
N LEU A 11 -0.76 -0.09 4.35
CA LEU A 11 -2.15 0.47 4.40
C LEU A 11 -2.24 1.56 5.46
N THR A 12 -3.12 2.52 5.25
CA THR A 12 -3.30 3.61 6.26
C THR A 12 -4.79 3.83 6.50
N ASP A 13 -5.13 4.89 7.20
CA ASP A 13 -6.58 5.15 7.48
C ASP A 13 -7.00 6.50 6.90
N THR A 14 -6.18 7.13 6.09
CA THR A 14 -6.58 8.45 5.52
C THR A 14 -6.03 8.60 4.11
N LYS A 15 -6.68 9.37 3.28
CA LYS A 15 -6.19 9.57 1.90
C LYS A 15 -4.95 10.48 1.93
N LYS A 16 -4.85 11.30 2.94
CA LYS A 16 -3.68 12.21 3.07
C LYS A 16 -2.85 11.80 4.27
N VAL A 17 -2.21 10.66 4.19
CA VAL A 17 -1.39 10.18 5.35
C VAL A 17 -0.43 11.26 5.78
N LYS A 18 0.20 11.06 6.90
CA LYS A 18 1.19 12.06 7.38
C LYS A 18 2.57 11.59 6.96
N CYS A 19 2.82 11.57 5.68
CA CYS A 19 4.13 11.10 5.15
C CYS A 19 5.26 11.40 6.14
N ASP A 20 5.26 12.57 6.73
CA ASP A 20 6.35 12.93 7.69
C ASP A 20 6.56 11.77 8.67
N VAL A 21 5.51 11.17 9.13
CA VAL A 21 5.63 10.03 10.07
C VAL A 21 5.39 8.72 9.31
N GLU A 22 4.52 8.76 8.31
CA GLU A 22 4.26 7.52 7.52
C GLU A 22 5.59 7.01 6.97
N MET A 23 6.63 7.79 7.15
CA MET A 23 7.98 7.37 6.66
C MET A 23 8.99 7.48 7.79
N ALA A 24 8.99 8.58 8.50
CA ALA A 24 9.95 8.75 9.62
C ALA A 24 9.60 7.76 10.74
N LYS A 25 8.65 6.90 10.50
CA LYS A 25 8.25 5.90 11.54
C LYS A 25 9.51 5.17 12.03
N ALA A 26 9.32 4.15 12.82
CA ALA A 26 10.49 3.38 13.33
C ALA A 26 10.67 2.11 12.48
N LEU A 27 9.70 1.79 11.65
CA LEU A 27 9.83 0.57 10.80
C LEU A 27 10.29 0.98 9.39
N PHE A 28 10.50 2.25 9.17
CA PHE A 28 10.97 2.71 7.83
C PHE A 28 12.30 3.44 7.98
N ASP A 29 12.47 4.18 9.05
CA ASP A 29 13.75 4.91 9.26
C ASP A 29 13.84 6.10 8.31
N CYS A 30 12.76 6.81 8.12
CA CYS A 30 12.81 7.99 7.20
C CYS A 30 13.49 7.61 5.89
N LYS A 31 12.86 6.76 5.11
CA LYS A 31 13.47 6.35 3.81
C LYS A 31 13.48 7.54 2.84
N LYS A 32 13.08 7.32 1.62
CA LYS A 32 13.06 8.43 0.62
C LYS A 32 11.74 8.38 -0.15
N THR A 33 11.20 7.21 -0.34
CA THR A 33 9.91 7.08 -1.08
C THR A 33 9.05 6.02 -0.41
N ASN A 34 7.76 6.21 -0.38
CA ASN A 34 6.87 5.20 0.28
C ASN A 34 5.48 5.23 -0.36
N THR A 35 4.79 4.13 -0.32
CA THR A 35 3.42 4.06 -0.92
C THR A 35 2.50 3.29 0.04
N PHE A 36 1.23 3.56 -0.01
CA PHE A 36 0.27 2.83 0.89
C PHE A 36 -1.08 2.74 0.18
N ILE A 37 -2.03 2.06 0.77
CA ILE A 37 -3.37 1.92 0.12
C ILE A 37 -4.46 2.45 1.05
N TYR A 38 -5.34 3.28 0.53
CA TYR A 38 -6.43 3.83 1.38
C TYR A 38 -7.68 2.94 1.23
N ALA A 39 -7.89 2.04 2.16
CA ALA A 39 -9.08 1.16 2.07
C ALA A 39 -9.43 0.62 3.46
N LEU A 40 -10.67 0.25 3.67
CA LEU A 40 -11.07 -0.28 5.01
C LEU A 40 -10.87 -1.80 5.02
N PRO A 41 -10.54 -2.36 6.16
CA PRO A 41 -10.29 -3.82 6.32
C PRO A 41 -11.24 -4.67 5.47
N GLY A 42 -12.52 -4.50 5.63
CA GLY A 42 -13.50 -5.30 4.85
C GLY A 42 -13.16 -5.24 3.36
N ARG A 43 -12.95 -4.06 2.85
CA ARG A 43 -12.62 -3.92 1.39
C ARG A 43 -11.29 -4.60 1.09
N VAL A 44 -10.37 -4.60 2.03
CA VAL A 44 -9.04 -5.23 1.77
C VAL A 44 -9.18 -6.75 1.81
N LYS A 45 -9.64 -7.29 2.90
CA LYS A 45 -9.80 -8.76 2.99
C LYS A 45 -10.83 -9.21 1.97
N ALA A 46 -11.65 -8.29 1.51
CA ALA A 46 -12.69 -8.63 0.50
C ALA A 46 -12.01 -8.88 -0.85
N LEU A 47 -11.05 -8.07 -1.20
CA LEU A 47 -10.37 -8.25 -2.51
C LEU A 47 -9.66 -9.61 -2.53
N CYS A 48 -9.41 -10.18 -1.38
CA CYS A 48 -8.72 -11.51 -1.32
C CYS A 48 -9.72 -12.58 -0.87
N LYS A 49 -10.99 -12.38 -1.13
CA LYS A 49 -11.98 -13.40 -0.71
C LYS A 49 -12.14 -14.45 -1.82
N ASN A 50 -12.06 -15.70 -1.47
CA ASN A 50 -12.21 -16.79 -2.49
C ASN A 50 -10.91 -16.95 -3.29
N ILE A 51 -9.78 -16.72 -2.66
CA ILE A 51 -8.48 -16.86 -3.39
C ILE A 51 -7.99 -18.30 -3.25
N ARG A 52 -6.91 -18.63 -3.90
CA ARG A 52 -6.37 -20.02 -3.83
C ARG A 52 -5.08 -20.05 -3.02
N ASP A 53 -3.99 -19.65 -3.61
CA ASP A 53 -2.69 -19.66 -2.89
C ASP A 53 -1.85 -18.46 -3.32
N ASN A 54 -0.56 -18.62 -3.27
CA ASN A 54 0.34 -17.50 -3.67
C ASN A 54 0.16 -17.18 -5.14
N THR A 55 -0.53 -16.10 -5.43
CA THR A 55 -0.75 -15.70 -6.85
C THR A 55 -0.84 -14.18 -6.93
N ASP A 56 -0.72 -13.63 -8.11
CA ASP A 56 -0.79 -12.15 -8.27
C ASP A 56 -2.19 -11.74 -8.71
N VAL A 57 -2.86 -10.92 -7.95
CA VAL A 57 -4.22 -10.47 -8.33
C VAL A 57 -4.15 -9.06 -8.90
N LEU A 58 -5.22 -8.59 -9.49
CA LEU A 58 -5.23 -7.22 -10.09
C LEU A 58 -6.55 -6.53 -9.78
N SER A 59 -6.54 -5.33 -9.28
CA SER A 59 -7.82 -4.64 -8.98
C SER A 59 -8.68 -4.61 -10.25
N ARG A 60 -9.98 -4.61 -10.10
CA ARG A 60 -10.87 -4.62 -11.30
C ARG A 60 -11.10 -3.19 -11.80
N ASP A 61 -10.43 -2.22 -11.24
CA ASP A 61 -10.64 -0.83 -11.70
C ASP A 61 -9.51 0.06 -11.18
N ALA A 62 -9.70 0.68 -10.05
CA ALA A 62 -8.62 1.55 -9.52
C ALA A 62 -8.75 1.69 -8.00
N PHE A 63 -7.79 2.30 -7.37
CA PHE A 63 -7.83 2.47 -5.89
C PHE A 63 -7.05 3.73 -5.53
N LEU A 64 -7.55 4.51 -4.62
CA LEU A 64 -6.83 5.76 -4.22
C LEU A 64 -5.76 5.43 -3.19
N LEU A 65 -4.51 5.57 -3.54
CA LEU A 65 -3.42 5.26 -2.57
C LEU A 65 -2.55 6.50 -2.36
N PRO A 66 -2.24 6.82 -1.12
CA PRO A 66 -1.36 7.97 -0.80
C PRO A 66 0.10 7.62 -1.13
N GLN A 67 0.93 8.59 -1.40
CA GLN A 67 2.34 8.26 -1.74
C GLN A 67 3.27 9.36 -1.22
N CYS A 68 4.33 8.99 -0.54
CA CYS A 68 5.29 10.01 -0.02
C CYS A 68 6.51 10.05 -0.92
N ASP A 69 6.91 11.22 -1.35
CA ASP A 69 8.11 11.34 -2.24
C ASP A 69 9.13 12.31 -1.64
N ARG A 70 10.35 11.86 -1.47
CA ARG A 70 11.41 12.75 -0.89
C ARG A 70 12.07 13.53 -2.02
N ILE A 71 12.72 14.63 -1.70
CA ILE A 71 13.39 15.42 -2.77
C ILE A 71 14.31 16.48 -2.14
N LYS A 72 14.00 16.94 -0.97
CA LYS A 72 14.86 17.98 -0.32
C LYS A 72 14.93 17.73 1.19
N LEU A 73 15.76 18.46 1.88
CA LEU A 73 15.89 18.27 3.36
C LEU A 73 16.36 16.83 3.63
N PRO A 74 16.64 16.49 4.87
CA PRO A 74 17.11 15.12 5.24
C PRO A 74 15.96 14.20 5.63
N CYS A 75 14.79 14.73 5.79
CA CYS A 75 13.64 13.88 6.18
C CYS A 75 12.32 14.62 5.93
N HIS A 76 11.94 14.73 4.69
CA HIS A 76 10.67 15.43 4.35
C HIS A 76 10.15 14.88 3.02
N TYR A 77 8.86 14.73 2.88
CA TYR A 77 8.31 14.19 1.60
C TYR A 77 7.08 14.97 1.17
N LYS A 78 6.63 14.76 -0.04
CA LYS A 78 5.43 15.49 -0.54
C LYS A 78 4.26 14.50 -0.60
N LEU A 79 3.06 14.98 -0.43
CA LEU A 79 1.87 14.08 -0.46
C LEU A 79 1.34 13.96 -1.89
N SER A 80 1.24 12.77 -2.40
CA SER A 80 0.72 12.59 -3.79
C SER A 80 -0.10 11.30 -3.85
N SER A 81 -1.35 11.39 -4.20
CA SER A 81 -2.22 10.18 -4.27
C SER A 81 -2.94 10.13 -5.62
N SER A 82 -3.35 8.96 -6.04
CA SER A 82 -4.07 8.85 -7.34
C SER A 82 -4.85 7.54 -7.38
N THR A 83 -5.79 7.44 -8.28
CA THR A 83 -6.61 6.20 -8.36
C THR A 83 -6.18 5.37 -9.57
N ASN A 84 -5.74 4.17 -9.34
CA ASN A 84 -5.29 3.30 -10.47
C ASN A 84 -5.31 1.84 -10.03
N THR A 85 -5.43 0.92 -10.95
CA THR A 85 -5.43 -0.52 -10.57
C THR A 85 -4.07 -0.87 -9.97
N ILE A 86 -3.96 -2.00 -9.32
CA ILE A 86 -2.65 -2.38 -8.71
C ILE A 86 -2.50 -3.90 -8.73
N CYS A 87 -1.29 -4.37 -8.66
CA CYS A 87 -1.05 -5.84 -8.66
C CYS A 87 -0.46 -6.22 -7.29
N ILE A 88 -1.00 -7.21 -6.65
CA ILE A 88 -0.47 -7.59 -5.31
C ILE A 88 -0.52 -9.11 -5.16
N THR A 89 0.32 -9.67 -4.33
CA THR A 89 0.33 -11.14 -4.15
C THR A 89 -0.48 -11.53 -2.91
N CYS A 90 -1.45 -12.38 -3.09
CA CYS A 90 -2.30 -12.83 -1.95
C CYS A 90 -2.09 -14.34 -1.76
N VAL A 91 -2.67 -14.92 -0.72
CA VAL A 91 -2.47 -16.37 -0.47
C VAL A 91 -3.79 -17.02 -0.02
N ASN A 92 -3.82 -17.54 1.17
CA ASN A 92 -5.04 -18.21 1.69
C ASN A 92 -6.13 -17.16 1.92
N GLN A 93 -6.25 -16.23 1.02
CA GLN A 93 -7.28 -15.16 1.16
C GLN A 93 -6.76 -14.08 2.10
N LEU A 94 -5.52 -13.70 1.92
CA LEU A 94 -4.92 -12.64 2.79
C LEU A 94 -3.81 -11.93 1.99
N PRO A 95 -3.93 -10.64 1.76
CA PRO A 95 -2.91 -9.87 0.99
C PRO A 95 -1.64 -9.61 1.82
N ILE A 96 -0.48 -9.85 1.27
CA ILE A 96 0.76 -9.63 2.08
C ILE A 96 1.89 -9.01 1.24
N HIS A 97 1.85 -9.08 -0.07
CA HIS A 97 2.99 -8.49 -0.86
C HIS A 97 2.47 -7.49 -1.90
N PHE A 98 2.91 -6.26 -1.81
CA PHE A 98 2.46 -5.22 -2.79
C PHE A 98 3.39 -5.24 -3.99
N ALA A 99 2.89 -5.54 -5.15
CA ALA A 99 3.73 -5.58 -6.36
C ALA A 99 4.19 -4.16 -6.72
N GLY A 100 3.30 -3.35 -7.22
CA GLY A 100 3.67 -1.96 -7.60
C GLY A 100 2.41 -1.16 -7.94
N VAL A 101 2.55 -0.09 -8.68
CA VAL A 101 1.36 0.73 -9.04
C VAL A 101 0.85 0.34 -10.43
N GLY A 102 -0.43 0.36 -10.63
CA GLY A 102 -0.99 -0.02 -11.96
C GLY A 102 -1.00 -1.54 -12.11
N SER A 103 -1.45 -2.04 -13.23
CA SER A 103 -1.48 -3.51 -13.43
C SER A 103 -0.06 -4.04 -13.60
N CYS A 104 0.15 -5.29 -13.27
CA CYS A 104 1.52 -5.88 -13.41
C CYS A 104 1.68 -6.44 -14.82
N PRO A 105 2.89 -6.50 -15.32
CA PRO A 105 3.18 -7.03 -16.68
C PRO A 105 2.31 -8.24 -17.03
N PCA A 1 4.81 -10.18 3.23
CA PCA A 1 5.18 -11.41 3.94
CB PCA A 1 6.56 -11.17 4.49
CG PCA A 1 6.71 -9.79 4.29
CD PCA A 1 5.80 -9.20 3.35
OE PCA A 1 5.81 -8.08 2.72
C PCA A 1 4.20 -11.70 5.06
O PCA A 1 4.28 -12.74 5.68
H PCA A 1 3.92 -10.00 2.89
HA PCA A 1 5.18 -12.26 3.29
HB2 PCA A 1 7.30 -11.72 3.93
HB3 PCA A 1 6.62 -11.46 5.53
HG2 PCA A 1 7.72 -9.61 3.94
HG3 PCA A 1 6.54 -9.30 5.24
N ASP A 2 3.29 -10.82 5.31
CA ASP A 2 2.28 -11.05 6.39
C ASP A 2 1.18 -9.99 6.28
N TRP A 3 -0.05 -10.41 6.23
CA TRP A 3 -1.16 -9.43 6.10
C TRP A 3 -1.03 -8.37 7.20
N GLU A 4 -0.43 -8.71 8.31
CA GLU A 4 -0.27 -7.72 9.40
C GLU A 4 0.60 -6.56 8.91
N THR A 5 1.90 -6.74 8.85
CA THR A 5 2.77 -5.64 8.36
C THR A 5 2.22 -5.12 7.04
N PHE A 6 1.93 -6.00 6.12
CA PHE A 6 1.37 -5.55 4.81
C PHE A 6 0.20 -4.60 5.09
N GLN A 7 -0.39 -4.70 6.25
CA GLN A 7 -1.52 -3.80 6.59
C GLN A 7 -0.98 -2.55 7.27
N LYS A 8 0.21 -2.63 7.82
CA LYS A 8 0.78 -1.45 8.54
C LYS A 8 1.60 -0.57 7.59
N LYS A 9 2.52 -1.13 6.85
CA LYS A 9 3.36 -0.28 5.95
C LYS A 9 2.73 -0.13 4.56
N HIS A 10 2.31 -1.19 3.93
CA HIS A 10 1.71 -1.07 2.57
C HIS A 10 0.30 -0.47 2.64
N LEU A 11 -0.28 -0.37 3.80
CA LEU A 11 -1.67 0.20 3.91
C LEU A 11 -1.72 1.25 5.02
N THR A 12 -2.64 2.17 4.91
CA THR A 12 -2.77 3.22 5.98
C THR A 12 -4.25 3.41 6.32
N ASP A 13 -4.60 4.50 6.94
CA ASP A 13 -6.03 4.72 7.30
C ASP A 13 -6.58 5.98 6.64
N THR A 14 -5.83 6.62 5.79
CA THR A 14 -6.35 7.87 5.14
C THR A 14 -5.78 8.01 3.73
N LYS A 15 -6.46 8.73 2.88
CA LYS A 15 -5.98 8.92 1.48
C LYS A 15 -4.82 9.92 1.50
N LYS A 16 -4.77 10.77 2.50
CA LYS A 16 -3.66 11.77 2.59
C LYS A 16 -2.84 11.48 3.85
N VAL A 17 -2.12 10.40 3.86
CA VAL A 17 -1.31 10.06 5.06
C VAL A 17 -0.44 11.24 5.45
N LYS A 18 0.14 11.19 6.61
CA LYS A 18 1.03 12.28 7.05
C LYS A 18 2.47 11.85 6.77
N CYS A 19 2.80 11.70 5.52
CA CYS A 19 4.17 11.25 5.14
C CYS A 19 5.21 11.69 6.17
N ASP A 20 5.06 12.88 6.71
CA ASP A 20 6.05 13.37 7.72
C ASP A 20 6.21 12.31 8.81
N VAL A 21 5.13 11.73 9.25
CA VAL A 21 5.21 10.68 10.29
C VAL A 21 5.08 9.32 9.61
N GLU A 22 4.28 9.22 8.58
CA GLU A 22 4.14 7.92 7.86
C GLU A 22 5.53 7.44 7.43
N MET A 23 6.52 8.28 7.62
CA MET A 23 7.91 7.91 7.22
C MET A 23 8.85 8.09 8.41
N ALA A 24 8.74 9.18 9.12
CA ALA A 24 9.64 9.40 10.29
C ALA A 24 9.22 8.50 11.44
N LYS A 25 8.26 7.64 11.22
CA LYS A 25 7.81 6.73 12.32
C LYS A 25 9.02 5.96 12.87
N ALA A 26 8.78 4.96 13.66
CA ALA A 26 9.91 4.16 14.23
C ALA A 26 10.07 2.87 13.41
N LEU A 27 9.10 2.56 12.59
CA LEU A 27 9.18 1.32 11.77
C LEU A 27 9.69 1.67 10.37
N PHE A 28 9.92 2.92 10.12
CA PHE A 28 10.42 3.36 8.77
C PHE A 28 11.82 3.96 8.92
N ASP A 29 11.99 4.84 9.88
CA ASP A 29 13.33 5.48 10.08
C ASP A 29 13.53 6.62 9.07
N CYS A 30 12.50 7.35 8.76
CA CYS A 30 12.65 8.48 7.79
C CYS A 30 13.26 7.98 6.48
N LYS A 31 12.61 7.08 5.80
CA LYS A 31 13.17 6.57 4.51
C LYS A 31 13.29 7.73 3.51
N LYS A 32 12.98 7.47 2.26
CA LYS A 32 13.06 8.54 1.23
C LYS A 32 11.86 8.41 0.29
N THR A 33 11.48 7.21 -0.04
CA THR A 33 10.31 7.00 -0.95
C THR A 33 9.40 5.93 -0.33
N ASN A 34 8.11 6.04 -0.52
CA ASN A 34 7.20 5.04 0.10
C ASN A 34 5.83 5.08 -0.56
N THR A 35 5.13 3.98 -0.54
CA THR A 35 3.77 3.93 -1.14
C THR A 35 2.85 3.15 -0.19
N PHE A 36 1.58 3.43 -0.23
CA PHE A 36 0.63 2.69 0.66
C PHE A 36 -0.71 2.58 -0.06
N ILE A 37 -1.66 1.90 0.52
CA ILE A 37 -2.99 1.75 -0.15
C ILE A 37 -4.08 2.22 0.81
N TYR A 38 -4.96 3.08 0.34
CA TYR A 38 -6.05 3.58 1.23
C TYR A 38 -7.27 2.67 1.08
N ALA A 39 -7.48 1.78 2.00
CA ALA A 39 -8.66 0.88 1.93
C ALA A 39 -9.07 0.44 3.34
N LEU A 40 -10.33 0.18 3.55
CA LEU A 40 -10.78 -0.23 4.91
C LEU A 40 -10.58 -1.75 5.06
N PRO A 41 -10.23 -2.20 6.25
CA PRO A 41 -9.98 -3.64 6.52
C PRO A 41 -10.93 -4.58 5.77
N GLY A 42 -12.22 -4.39 5.94
CA GLY A 42 -13.19 -5.28 5.25
C GLY A 42 -12.91 -5.34 3.75
N ARG A 43 -12.78 -4.20 3.12
CA ARG A 43 -12.52 -4.19 1.66
C ARG A 43 -11.16 -4.83 1.36
N VAL A 44 -10.23 -4.76 2.27
CA VAL A 44 -8.90 -5.37 2.01
C VAL A 44 -8.98 -6.89 2.19
N LYS A 45 -9.37 -7.34 3.36
CA LYS A 45 -9.47 -8.81 3.57
C LYS A 45 -10.53 -9.38 2.63
N ALA A 46 -11.40 -8.53 2.15
CA ALA A 46 -12.49 -9.01 1.24
C ALA A 46 -11.90 -9.28 -0.15
N LEU A 47 -11.07 -8.39 -0.63
CA LEU A 47 -10.46 -8.60 -1.99
C LEU A 47 -9.69 -9.92 -2.00
N CYS A 48 -9.52 -10.55 -0.86
CA CYS A 48 -8.77 -11.84 -0.82
C CYS A 48 -9.73 -12.96 -0.41
N LYS A 49 -11.01 -12.71 -0.47
CA LYS A 49 -11.99 -13.76 -0.06
C LYS A 49 -12.33 -14.64 -1.27
N ASN A 50 -12.48 -15.92 -1.06
CA ASN A 50 -12.83 -16.83 -2.19
C ASN A 50 -11.61 -17.04 -3.10
N ILE A 51 -10.53 -16.36 -2.84
CA ILE A 51 -9.32 -16.52 -3.69
C ILE A 51 -8.63 -17.84 -3.35
N ARG A 52 -7.64 -18.20 -4.11
CA ARG A 52 -6.92 -19.48 -3.84
C ARG A 52 -5.64 -19.19 -3.02
N ASP A 53 -4.61 -19.97 -3.23
CA ASP A 53 -3.35 -19.75 -2.48
C ASP A 53 -2.57 -18.57 -3.05
N ASN A 54 -1.28 -18.65 -3.00
CA ASN A 54 -0.43 -17.54 -3.52
C ASN A 54 -0.63 -17.40 -5.02
N THR A 55 -1.29 -16.34 -5.43
CA THR A 55 -1.52 -16.12 -6.89
C THR A 55 -1.48 -14.61 -7.16
N ASP A 56 -1.28 -14.23 -8.39
CA ASP A 56 -1.22 -12.78 -8.72
C ASP A 56 -2.63 -12.25 -9.03
N VAL A 57 -3.11 -11.34 -8.22
CA VAL A 57 -4.46 -10.77 -8.46
C VAL A 57 -4.33 -9.30 -8.87
N LEU A 58 -5.41 -8.63 -9.14
CA LEU A 58 -5.33 -7.20 -9.56
C LEU A 58 -6.69 -6.52 -9.35
N SER A 59 -6.69 -5.29 -8.89
CA SER A 59 -7.99 -4.61 -8.66
C SER A 59 -8.82 -4.65 -9.95
N ARG A 60 -10.11 -4.53 -9.85
CA ARG A 60 -10.98 -4.59 -11.06
C ARG A 60 -11.22 -3.18 -11.61
N ASP A 61 -10.70 -2.18 -10.96
CA ASP A 61 -10.91 -0.79 -11.47
C ASP A 61 -9.75 0.11 -11.05
N ALA A 62 -9.86 0.77 -9.94
CA ALA A 62 -8.76 1.66 -9.50
C ALA A 62 -8.70 1.71 -7.97
N PHE A 63 -7.66 2.29 -7.43
CA PHE A 63 -7.52 2.38 -5.95
C PHE A 63 -6.70 3.63 -5.61
N LEU A 64 -7.19 4.44 -4.71
CA LEU A 64 -6.45 5.67 -4.32
C LEU A 64 -5.35 5.32 -3.33
N LEU A 65 -4.10 5.46 -3.71
CA LEU A 65 -2.99 5.14 -2.77
C LEU A 65 -2.11 6.38 -2.54
N PRO A 66 -1.80 6.69 -1.31
CA PRO A 66 -0.92 7.84 -0.98
C PRO A 66 0.54 7.50 -1.27
N GLN A 67 1.39 8.48 -1.44
CA GLN A 67 2.82 8.17 -1.75
C GLN A 67 3.73 9.23 -1.12
N CYS A 68 4.73 8.82 -0.38
CA CYS A 68 5.66 9.81 0.24
C CYS A 68 6.97 9.82 -0.54
N ASP A 69 7.38 10.97 -1.04
CA ASP A 69 8.66 11.04 -1.82
C ASP A 69 9.57 12.13 -1.26
N ARG A 70 10.80 11.80 -0.96
CA ARG A 70 11.75 12.82 -0.42
C ARG A 70 12.55 13.42 -1.57
N ILE A 71 13.13 14.58 -1.35
CA ILE A 71 13.92 15.23 -2.43
C ILE A 71 14.69 16.43 -1.85
N LYS A 72 14.13 17.08 -0.85
CA LYS A 72 14.83 18.25 -0.24
C LYS A 72 14.83 18.09 1.28
N LEU A 73 15.50 18.97 1.99
CA LEU A 73 15.56 18.86 3.47
C LEU A 73 16.06 17.45 3.83
N PRO A 74 16.27 17.18 5.10
CA PRO A 74 16.77 15.86 5.55
C PRO A 74 15.65 14.84 5.82
N CYS A 75 14.58 15.27 6.43
CA CYS A 75 13.47 14.32 6.72
C CYS A 75 12.13 14.95 6.32
N HIS A 76 11.94 15.21 5.06
CA HIS A 76 10.66 15.80 4.58
C HIS A 76 10.25 15.11 3.28
N TYR A 77 8.98 14.96 3.03
CA TYR A 77 8.54 14.29 1.78
C TYR A 77 7.37 15.04 1.14
N LYS A 78 7.02 14.69 -0.07
CA LYS A 78 5.89 15.36 -0.75
C LYS A 78 4.71 14.38 -0.80
N LEU A 79 3.51 14.90 -0.72
CA LEU A 79 2.32 14.00 -0.75
C LEU A 79 1.82 13.86 -2.19
N SER A 80 1.72 12.65 -2.67
CA SER A 80 1.23 12.42 -4.06
C SER A 80 0.38 11.15 -4.08
N SER A 81 -0.79 11.20 -4.64
CA SER A 81 -1.66 9.99 -4.68
C SER A 81 -2.44 9.95 -5.99
N SER A 82 -2.93 8.80 -6.36
CA SER A 82 -3.73 8.68 -7.63
C SER A 82 -4.56 7.41 -7.58
N THR A 83 -5.56 7.33 -8.41
CA THR A 83 -6.43 6.14 -8.41
C THR A 83 -6.13 5.27 -9.64
N ASN A 84 -5.70 4.06 -9.42
CA ASN A 84 -5.39 3.16 -10.55
C ASN A 84 -5.38 1.70 -10.08
N THR A 85 -5.60 0.76 -10.96
CA THR A 85 -5.60 -0.66 -10.55
C THR A 85 -4.20 -1.03 -10.07
N ILE A 86 -4.08 -2.00 -9.19
CA ILE A 86 -2.74 -2.38 -8.67
C ILE A 86 -2.63 -3.91 -8.58
N CYS A 87 -1.53 -4.45 -9.01
CA CYS A 87 -1.35 -5.92 -8.95
C CYS A 87 -0.79 -6.31 -7.58
N ILE A 88 -1.31 -7.35 -7.01
CA ILE A 88 -0.83 -7.78 -5.66
C ILE A 88 -0.97 -9.30 -5.55
N THR A 89 -0.19 -9.93 -4.72
CA THR A 89 -0.30 -11.42 -4.57
C THR A 89 -0.97 -11.75 -3.24
N CYS A 90 -1.89 -12.67 -3.25
CA CYS A 90 -2.62 -13.05 -2.00
C CYS A 90 -2.56 -14.56 -1.80
N VAL A 91 -2.47 -15.02 -0.58
CA VAL A 91 -2.40 -16.48 -0.32
C VAL A 91 -3.82 -17.06 -0.24
N ASN A 92 -4.03 -18.04 0.61
CA ASN A 92 -5.39 -18.65 0.74
C ASN A 92 -6.45 -17.56 0.76
N GLN A 93 -6.19 -16.53 1.49
CA GLN A 93 -7.17 -15.40 1.58
C GLN A 93 -6.59 -14.30 2.47
N LEU A 94 -5.38 -13.90 2.21
CA LEU A 94 -4.73 -12.83 3.03
C LEU A 94 -3.74 -12.06 2.14
N PRO A 95 -3.95 -10.78 1.91
CA PRO A 95 -3.04 -9.98 1.07
C PRO A 95 -1.69 -9.71 1.76
N ILE A 96 -0.60 -10.03 1.12
CA ILE A 96 0.72 -9.81 1.79
C ILE A 96 1.78 -9.33 0.79
N HIS A 97 1.52 -9.34 -0.50
CA HIS A 97 2.57 -8.86 -1.46
C HIS A 97 2.04 -7.71 -2.30
N PHE A 98 2.87 -6.73 -2.56
CA PHE A 98 2.45 -5.56 -3.40
C PHE A 98 3.20 -5.62 -4.72
N ALA A 99 2.55 -6.08 -5.76
CA ALA A 99 3.24 -6.17 -7.08
C ALA A 99 3.72 -4.78 -7.50
N GLY A 100 2.82 -3.89 -7.82
CA GLY A 100 3.24 -2.53 -8.23
C GLY A 100 2.01 -1.66 -8.46
N VAL A 101 2.17 -0.52 -9.08
CA VAL A 101 1.01 0.38 -9.34
C VAL A 101 0.45 0.10 -10.74
N GLY A 102 -0.78 0.45 -10.98
CA GLY A 102 -1.39 0.22 -12.32
C GLY A 102 -1.60 -1.28 -12.52
N SER A 103 -2.00 -1.68 -13.70
CA SER A 103 -2.23 -3.12 -13.96
C SER A 103 -0.89 -3.84 -14.09
N CYS A 104 -0.88 -5.14 -13.96
CA CYS A 104 0.39 -5.91 -14.08
C CYS A 104 1.14 -5.45 -15.33
N PRO A 105 2.44 -5.58 -15.35
CA PRO A 105 3.28 -5.18 -16.51
C PRO A 105 2.61 -5.50 -17.85
N PCA A 1 4.39 -10.39 3.58
CA PCA A 1 4.77 -11.54 4.38
CB PCA A 1 6.13 -11.23 4.91
CG PCA A 1 6.29 -9.89 4.57
CD PCA A 1 5.38 -9.42 3.55
OE PCA A 1 5.40 -8.39 2.77
C PCA A 1 3.79 -11.79 5.51
O PCA A 1 3.93 -12.71 6.28
H PCA A 1 3.47 -10.23 3.26
HA PCA A 1 4.80 -12.44 3.79
HB2 PCA A 1 6.88 -11.85 4.46
HB3 PCA A 1 6.18 -11.38 5.98
HG2 PCA A 1 7.29 -9.76 4.20
HG3 PCA A 1 6.11 -9.29 5.44
N ASP A 2 2.77 -10.95 5.62
CA ASP A 2 1.78 -11.13 6.70
C ASP A 2 0.67 -10.08 6.53
N TRP A 3 -0.54 -10.50 6.36
CA TRP A 3 -1.66 -9.53 6.17
C TRP A 3 -1.55 -8.43 7.24
N GLU A 4 -1.04 -8.75 8.39
CA GLU A 4 -0.91 -7.72 9.46
C GLU A 4 0.05 -6.63 8.99
N THR A 5 1.34 -6.88 9.05
CA THR A 5 2.31 -5.84 8.61
C THR A 5 1.91 -5.33 7.22
N PHE A 6 1.70 -6.22 6.29
CA PHE A 6 1.30 -5.79 4.93
C PHE A 6 0.15 -4.80 5.07
N GLN A 7 -0.59 -4.87 6.15
CA GLN A 7 -1.73 -3.93 6.34
C GLN A 7 -1.23 -2.69 7.07
N LYS A 8 -0.09 -2.78 7.71
CA LYS A 8 0.44 -1.62 8.47
C LYS A 8 1.29 -0.71 7.56
N LYS A 9 2.23 -1.26 6.85
CA LYS A 9 3.10 -0.40 5.98
C LYS A 9 2.48 -0.18 4.59
N HIS A 10 2.06 -1.22 3.92
CA HIS A 10 1.48 -1.04 2.56
C HIS A 10 0.09 -0.40 2.63
N LEU A 11 -0.50 -0.32 3.80
CA LEU A 11 -1.85 0.30 3.91
C LEU A 11 -1.85 1.34 5.03
N THR A 12 -2.73 2.31 4.96
CA THR A 12 -2.80 3.35 6.03
C THR A 12 -4.26 3.58 6.41
N ASP A 13 -4.54 4.63 7.13
CA ASP A 13 -5.95 4.90 7.54
C ASP A 13 -6.43 6.25 7.00
N THR A 14 -5.77 6.80 6.02
CA THR A 14 -6.22 8.11 5.46
C THR A 14 -5.59 8.34 4.09
N LYS A 15 -6.34 8.92 3.19
CA LYS A 15 -5.78 9.19 1.83
C LYS A 15 -4.68 10.23 1.93
N LYS A 16 -4.64 10.96 3.01
CA LYS A 16 -3.59 12.01 3.18
C LYS A 16 -2.70 11.65 4.38
N VAL A 17 -2.03 10.53 4.32
CA VAL A 17 -1.16 10.12 5.45
C VAL A 17 -0.22 11.25 5.82
N LYS A 18 0.43 11.14 6.94
CA LYS A 18 1.39 12.18 7.36
C LYS A 18 2.79 11.67 7.02
N CYS A 19 3.06 11.52 5.75
CA CYS A 19 4.39 11.01 5.30
C CYS A 19 5.50 11.42 6.29
N ASP A 20 5.48 12.64 6.74
CA ASP A 20 6.54 13.11 7.69
C ASP A 20 6.75 12.07 8.78
N VAL A 21 5.68 11.51 9.28
CA VAL A 21 5.81 10.48 10.36
C VAL A 21 5.58 9.10 9.74
N GLU A 22 4.75 9.01 8.73
CA GLU A 22 4.51 7.70 8.08
C GLU A 22 5.86 7.13 7.63
N MET A 23 6.90 7.92 7.73
CA MET A 23 8.24 7.45 7.31
C MET A 23 9.26 7.77 8.41
N ALA A 24 9.26 8.97 8.90
CA ALA A 24 10.24 9.33 9.97
C ALA A 24 9.87 8.60 11.27
N LYS A 25 8.81 7.83 11.26
CA LYS A 25 8.41 7.10 12.48
C LYS A 25 9.55 6.17 12.91
N ALA A 26 9.25 4.97 13.33
CA ALA A 26 10.32 4.03 13.76
C ALA A 26 10.32 2.76 12.91
N LEU A 27 9.27 2.50 12.18
CA LEU A 27 9.21 1.28 11.35
C LEU A 27 9.87 1.56 9.99
N PHE A 28 10.16 2.80 9.70
CA PHE A 28 10.81 3.14 8.40
C PHE A 28 12.20 3.74 8.65
N ASP A 29 12.27 4.74 9.48
CA ASP A 29 13.58 5.40 9.80
C ASP A 29 13.83 6.56 8.84
N CYS A 30 12.80 7.30 8.50
CA CYS A 30 12.98 8.47 7.58
C CYS A 30 13.67 8.04 6.28
N LYS A 31 13.00 7.29 5.44
CA LYS A 31 13.63 6.87 4.16
C LYS A 31 13.57 8.03 3.15
N LYS A 32 13.16 7.76 1.94
CA LYS A 32 13.09 8.85 0.91
C LYS A 32 11.83 8.66 0.05
N THR A 33 11.41 7.44 -0.14
CA THR A 33 10.18 7.19 -0.96
C THR A 33 9.32 6.13 -0.28
N ASN A 34 8.05 6.38 -0.15
CA ASN A 34 7.15 5.38 0.51
C ASN A 34 5.79 5.36 -0.19
N THR A 35 5.11 4.24 -0.12
CA THR A 35 3.78 4.14 -0.77
C THR A 35 2.82 3.35 0.12
N PHE A 36 1.54 3.59 0.01
CA PHE A 36 0.56 2.84 0.85
C PHE A 36 -0.77 2.81 0.10
N ILE A 37 -1.76 2.10 0.60
CA ILE A 37 -3.06 2.04 -0.11
C ILE A 37 -4.19 2.47 0.83
N TYR A 38 -5.09 3.28 0.33
CA TYR A 38 -6.22 3.75 1.18
C TYR A 38 -7.44 2.85 0.94
N ALA A 39 -7.64 1.88 1.79
CA ALA A 39 -8.82 0.97 1.61
C ALA A 39 -9.28 0.47 2.99
N LEU A 40 -10.54 0.14 3.11
CA LEU A 40 -11.05 -0.36 4.42
C LEU A 40 -10.73 -1.86 4.55
N PRO A 41 -10.38 -2.30 5.75
CA PRO A 41 -10.01 -3.73 6.00
C PRO A 41 -10.98 -4.74 5.38
N GLY A 42 -12.24 -4.65 5.70
CA GLY A 42 -13.23 -5.62 5.16
C GLY A 42 -13.10 -5.73 3.63
N ARG A 43 -13.12 -4.63 2.93
CA ARG A 43 -13.00 -4.68 1.44
C ARG A 43 -11.65 -5.26 1.04
N VAL A 44 -10.64 -5.08 1.85
CA VAL A 44 -9.29 -5.62 1.49
C VAL A 44 -9.26 -7.13 1.73
N LYS A 45 -9.52 -7.56 2.94
CA LYS A 45 -9.49 -9.02 3.22
C LYS A 45 -10.63 -9.70 2.45
N ALA A 46 -11.61 -8.94 2.05
CA ALA A 46 -12.76 -9.52 1.31
C ALA A 46 -12.32 -9.89 -0.11
N LEU A 47 -11.65 -9.00 -0.78
CA LEU A 47 -11.20 -9.29 -2.17
C LEU A 47 -10.39 -10.59 -2.19
N CYS A 48 -10.14 -11.18 -1.04
CA CYS A 48 -9.36 -12.45 -0.99
C CYS A 48 -10.17 -13.50 -0.22
N LYS A 49 -11.47 -13.38 -0.23
CA LYS A 49 -12.30 -14.37 0.50
C LYS A 49 -12.47 -15.63 -0.35
N ASN A 50 -12.03 -16.76 0.17
CA ASN A 50 -12.16 -18.02 -0.61
C ASN A 50 -11.71 -17.81 -2.05
N ILE A 51 -10.44 -17.55 -2.26
CA ILE A 51 -9.92 -17.34 -3.64
C ILE A 51 -9.29 -18.63 -4.15
N ARG A 52 -7.99 -18.69 -4.17
CA ARG A 52 -7.31 -19.93 -4.65
C ARG A 52 -6.04 -20.17 -3.83
N ASP A 53 -5.00 -19.46 -4.11
CA ASP A 53 -3.73 -19.67 -3.34
C ASP A 53 -2.74 -18.56 -3.67
N ASN A 54 -1.48 -18.86 -3.53
CA ASN A 54 -0.43 -17.84 -3.83
C ASN A 54 -0.47 -17.48 -5.32
N THR A 55 -0.96 -16.31 -5.64
CA THR A 55 -1.03 -15.91 -7.08
C THR A 55 -1.12 -14.38 -7.17
N ASP A 56 -0.94 -13.83 -8.34
CA ASP A 56 -1.00 -12.36 -8.50
C ASP A 56 -2.42 -11.94 -8.93
N VAL A 57 -2.82 -10.74 -8.61
CA VAL A 57 -4.18 -10.28 -8.99
C VAL A 57 -4.11 -8.80 -9.40
N LEU A 58 -5.19 -8.27 -9.93
CA LEU A 58 -5.20 -6.83 -10.36
C LEU A 58 -6.49 -6.17 -9.86
N SER A 59 -6.42 -4.95 -9.39
CA SER A 59 -7.66 -4.28 -8.92
C SER A 59 -8.71 -4.30 -10.03
N ARG A 60 -9.96 -4.20 -9.69
CA ARG A 60 -11.03 -4.25 -10.73
C ARG A 60 -11.16 -2.90 -11.45
N ASP A 61 -10.42 -1.90 -11.03
CA ASP A 61 -10.53 -0.57 -11.72
C ASP A 61 -9.41 0.35 -11.25
N ALA A 62 -9.58 1.01 -10.15
CA ALA A 62 -8.52 1.93 -9.66
C ALA A 62 -8.53 1.97 -8.13
N PHE A 63 -7.51 2.55 -7.55
CA PHE A 63 -7.45 2.63 -6.06
C PHE A 63 -6.66 3.89 -5.67
N LEU A 64 -7.20 4.67 -4.78
CA LEU A 64 -6.50 5.92 -4.35
C LEU A 64 -5.44 5.56 -3.31
N LEU A 65 -4.18 5.71 -3.64
CA LEU A 65 -3.11 5.38 -2.66
C LEU A 65 -2.24 6.61 -2.38
N PRO A 66 -1.95 6.88 -1.13
CA PRO A 66 -1.07 8.02 -0.74
C PRO A 66 0.38 7.66 -1.04
N GLN A 67 1.22 8.62 -1.35
CA GLN A 67 2.63 8.28 -1.67
C GLN A 67 3.56 9.41 -1.21
N CYS A 68 4.62 9.07 -0.53
CA CYS A 68 5.58 10.10 -0.07
C CYS A 68 6.72 10.22 -1.07
N ASP A 69 7.15 11.43 -1.38
CA ASP A 69 8.26 11.61 -2.36
C ASP A 69 9.26 12.64 -1.83
N ARG A 70 10.48 12.24 -1.61
CA ARG A 70 11.50 13.20 -1.10
C ARG A 70 11.75 14.27 -2.16
N ILE A 71 12.18 15.43 -1.76
CA ILE A 71 12.45 16.51 -2.75
C ILE A 71 13.35 17.57 -2.14
N LYS A 72 13.22 17.83 -0.86
CA LYS A 72 14.08 18.87 -0.22
C LYS A 72 14.41 18.44 1.22
N LEU A 73 15.26 19.19 1.88
CA LEU A 73 15.63 18.86 3.28
C LEU A 73 16.13 17.40 3.34
N PRO A 74 16.61 16.97 4.48
CA PRO A 74 17.11 15.59 4.67
C PRO A 74 16.00 14.62 5.09
N CYS A 75 15.01 15.10 5.80
CA CYS A 75 13.91 14.21 6.25
C CYS A 75 12.56 14.89 5.96
N HIS A 76 12.25 15.10 4.71
CA HIS A 76 10.96 15.75 4.35
C HIS A 76 10.42 15.08 3.08
N TYR A 77 9.13 14.97 2.96
CA TYR A 77 8.54 14.32 1.74
C TYR A 77 7.33 15.13 1.25
N LYS A 78 6.92 14.88 0.03
CA LYS A 78 5.74 15.60 -0.53
C LYS A 78 4.56 14.63 -0.60
N LEU A 79 3.37 15.13 -0.36
CA LEU A 79 2.18 14.23 -0.40
C LEU A 79 1.65 14.13 -1.84
N SER A 80 1.62 12.95 -2.38
CA SER A 80 1.12 12.77 -3.77
C SER A 80 0.31 11.48 -3.85
N SER A 81 -0.90 11.53 -4.34
CA SER A 81 -1.74 10.31 -4.43
C SER A 81 -2.47 10.27 -5.76
N SER A 82 -2.94 9.12 -6.16
CA SER A 82 -3.67 9.01 -7.46
C SER A 82 -4.48 7.72 -7.48
N THR A 83 -5.42 7.63 -8.37
CA THR A 83 -6.28 6.43 -8.45
C THR A 83 -5.87 5.58 -9.66
N ASN A 84 -5.47 4.37 -9.44
CA ASN A 84 -5.07 3.49 -10.57
C ASN A 84 -5.11 2.03 -10.12
N THR A 85 -5.29 1.11 -11.04
CA THR A 85 -5.34 -0.32 -10.65
C THR A 85 -3.97 -0.72 -10.12
N ILE A 86 -3.90 -1.75 -9.32
CA ILE A 86 -2.58 -2.17 -8.76
C ILE A 86 -2.47 -3.70 -8.79
N CYS A 87 -1.27 -4.22 -8.73
CA CYS A 87 -1.09 -5.69 -8.74
C CYS A 87 -0.61 -6.12 -7.35
N ILE A 88 -1.20 -7.15 -6.79
CA ILE A 88 -0.79 -7.60 -5.44
C ILE A 88 -0.89 -9.13 -5.38
N THR A 89 -0.13 -9.75 -4.52
CA THR A 89 -0.19 -11.25 -4.43
C THR A 89 -0.93 -11.66 -3.16
N CYS A 90 -1.90 -12.51 -3.31
CA CYS A 90 -2.70 -12.98 -2.14
C CYS A 90 -2.43 -14.48 -1.93
N VAL A 91 -2.93 -15.04 -0.87
CA VAL A 91 -2.70 -16.51 -0.61
C VAL A 91 -4.06 -17.20 -0.46
N ASN A 92 -4.17 -18.14 0.45
CA ASN A 92 -5.48 -18.84 0.63
C ASN A 92 -6.59 -17.81 0.78
N GLN A 93 -6.32 -16.79 1.52
CA GLN A 93 -7.33 -15.71 1.72
C GLN A 93 -6.74 -14.64 2.64
N LEU A 94 -5.56 -14.16 2.33
CA LEU A 94 -4.92 -13.12 3.19
C LEU A 94 -3.92 -12.32 2.34
N PRO A 95 -4.27 -11.14 1.89
CA PRO A 95 -3.35 -10.29 1.08
C PRO A 95 -2.05 -10.00 1.84
N ILE A 96 -0.91 -10.26 1.26
CA ILE A 96 0.36 -10.02 2.02
C ILE A 96 1.48 -9.44 1.13
N HIS A 97 1.32 -9.37 -0.17
CA HIS A 97 2.44 -8.83 -0.99
C HIS A 97 1.95 -7.70 -1.91
N PHE A 98 2.56 -6.55 -1.79
CA PHE A 98 2.17 -5.39 -2.65
C PHE A 98 3.12 -5.33 -3.84
N ALA A 99 2.65 -5.68 -5.01
CA ALA A 99 3.53 -5.65 -6.21
C ALA A 99 3.96 -4.21 -6.51
N GLY A 100 3.05 -3.39 -6.96
CA GLY A 100 3.41 -1.98 -7.28
C GLY A 100 2.14 -1.19 -7.61
N VAL A 101 2.13 -0.51 -8.73
CA VAL A 101 0.93 0.29 -9.12
C VAL A 101 0.59 0.05 -10.59
N GLY A 102 -0.66 0.02 -10.92
CA GLY A 102 -1.07 -0.19 -12.34
C GLY A 102 -1.09 -1.70 -12.65
N SER A 103 -1.19 -2.05 -13.90
CA SER A 103 -1.23 -3.50 -14.28
C SER A 103 0.19 -4.08 -14.24
N CYS A 104 0.35 -5.23 -13.63
CA CYS A 104 1.71 -5.85 -13.56
C CYS A 104 1.98 -6.59 -14.88
N PRO A 105 3.23 -6.70 -15.26
CA PRO A 105 3.63 -7.39 -16.52
C PRO A 105 3.40 -8.91 -16.44
N PCA A 1 4.57 -10.36 3.46
CA PCA A 1 4.93 -11.58 4.17
CB PCA A 1 6.30 -11.34 4.73
CG PCA A 1 6.47 -9.97 4.50
CD PCA A 1 5.58 -9.39 3.53
OE PCA A 1 5.61 -8.30 2.87
C PCA A 1 3.94 -11.88 5.27
O PCA A 1 4.03 -12.90 5.93
H PCA A 1 3.67 -10.16 3.14
HA PCA A 1 4.94 -12.43 3.52
HB2 PCA A 1 7.05 -11.92 4.21
HB3 PCA A 1 6.35 -11.60 5.78
HG2 PCA A 1 7.49 -9.81 4.16
HG3 PCA A 1 6.29 -9.45 5.44
N ASP A 2 2.99 -11.00 5.49
CA ASP A 2 1.98 -11.24 6.55
C ASP A 2 0.87 -10.20 6.41
N TRP A 3 -0.36 -10.63 6.35
CA TRP A 3 -1.48 -9.66 6.20
C TRP A 3 -1.40 -8.60 7.30
N GLU A 4 -0.85 -8.95 8.43
CA GLU A 4 -0.73 -7.95 9.53
C GLU A 4 0.20 -6.82 9.08
N THR A 5 1.49 -7.04 9.12
CA THR A 5 2.44 -5.97 8.69
C THR A 5 1.99 -5.39 7.35
N PHE A 6 1.72 -6.24 6.40
CA PHE A 6 1.26 -5.74 5.07
C PHE A 6 0.11 -4.77 5.30
N GLN A 7 -0.59 -4.92 6.38
CA GLN A 7 -1.73 -4.01 6.66
C GLN A 7 -1.23 -2.81 7.46
N LYS A 8 -0.08 -2.92 8.08
CA LYS A 8 0.44 -1.78 8.89
C LYS A 8 1.30 -0.84 8.04
N LYS A 9 2.25 -1.36 7.30
CA LYS A 9 3.13 -0.47 6.49
C LYS A 9 2.56 -0.20 5.09
N HIS A 10 2.06 -1.19 4.41
CA HIS A 10 1.54 -0.94 3.03
C HIS A 10 0.14 -0.33 3.08
N LEU A 11 -0.51 -0.30 4.21
CA LEU A 11 -1.88 0.30 4.27
C LEU A 11 -1.93 1.41 5.32
N THR A 12 -2.82 2.34 5.15
CA THR A 12 -2.94 3.46 6.14
C THR A 12 -4.43 3.73 6.41
N ASP A 13 -4.74 4.81 7.06
CA ASP A 13 -6.18 5.12 7.37
C ASP A 13 -6.60 6.44 6.73
N THR A 14 -5.88 6.94 5.76
CA THR A 14 -6.29 8.24 5.14
C THR A 14 -5.64 8.39 3.77
N LYS A 15 -6.26 9.17 2.91
CA LYS A 15 -5.68 9.38 1.55
C LYS A 15 -4.50 10.34 1.66
N LYS A 16 -4.42 11.06 2.75
CA LYS A 16 -3.30 12.03 2.95
C LYS A 16 -2.53 11.63 4.21
N VAL A 17 -1.90 10.48 4.19
CA VAL A 17 -1.13 10.02 5.37
C VAL A 17 -0.17 11.11 5.83
N LYS A 18 0.41 10.92 6.98
CA LYS A 18 1.38 11.91 7.49
C LYS A 18 2.79 11.42 7.13
N CYS A 19 3.07 11.36 5.87
CA CYS A 19 4.40 10.87 5.40
C CYS A 19 5.51 11.20 6.41
N ASP A 20 5.54 12.42 6.90
CA ASP A 20 6.58 12.82 7.88
C ASP A 20 6.76 11.73 8.93
N VAL A 21 5.68 11.15 9.37
CA VAL A 21 5.78 10.07 10.39
C VAL A 21 5.57 8.72 9.70
N GLU A 22 4.73 8.67 8.70
CA GLU A 22 4.51 7.39 7.98
C GLU A 22 5.86 6.83 7.54
N MET A 23 6.91 7.59 7.71
CA MET A 23 8.26 7.12 7.30
C MET A 23 9.28 7.46 8.39
N ALA A 24 9.27 8.65 8.90
CA ALA A 24 10.25 9.01 9.97
C ALA A 24 9.86 8.30 11.26
N LYS A 25 8.83 7.51 11.23
CA LYS A 25 8.41 6.78 12.46
C LYS A 25 9.54 5.85 12.92
N ALA A 26 9.25 4.60 13.20
CA ALA A 26 10.32 3.66 13.66
C ALA A 26 10.45 2.47 12.70
N LEU A 27 9.40 2.07 12.05
CA LEU A 27 9.49 0.89 11.14
C LEU A 27 10.10 1.29 9.79
N PHE A 28 10.38 2.56 9.60
CA PHE A 28 10.98 3.00 8.30
C PHE A 28 12.31 3.71 8.56
N ASP A 29 12.32 4.70 9.41
CA ASP A 29 13.58 5.44 9.74
C ASP A 29 13.81 6.59 8.75
N CYS A 30 12.77 7.31 8.42
CA CYS A 30 12.93 8.47 7.48
C CYS A 30 13.61 8.03 6.18
N LYS A 31 12.94 7.28 5.35
CA LYS A 31 13.56 6.84 4.07
C LYS A 31 13.53 7.98 3.05
N LYS A 32 13.06 7.72 1.86
CA LYS A 32 13.01 8.77 0.81
C LYS A 32 11.74 8.61 -0.04
N THR A 33 11.30 7.39 -0.24
CA THR A 33 10.07 7.16 -1.05
C THR A 33 9.23 6.05 -0.40
N ASN A 34 7.94 6.24 -0.33
CA ASN A 34 7.07 5.20 0.30
C ASN A 34 5.69 5.20 -0.35
N THR A 35 5.02 4.07 -0.32
CA THR A 35 3.67 3.98 -0.93
C THR A 35 2.76 3.19 0.02
N PHE A 36 1.48 3.42 -0.05
CA PHE A 36 0.53 2.67 0.84
C PHE A 36 -0.82 2.56 0.12
N ILE A 37 -1.77 1.88 0.70
CA ILE A 37 -3.11 1.74 0.04
C ILE A 37 -4.20 2.27 0.98
N TYR A 38 -5.10 3.07 0.45
CA TYR A 38 -6.20 3.61 1.31
C TYR A 38 -7.44 2.71 1.18
N ALA A 39 -7.64 1.84 2.14
CA ALA A 39 -8.83 0.93 2.07
C ALA A 39 -9.16 0.43 3.47
N LEU A 40 -10.40 0.06 3.70
CA LEU A 40 -10.79 -0.42 5.06
C LEU A 40 -10.59 -1.95 5.12
N PRO A 41 -10.20 -2.47 6.25
CA PRO A 41 -9.96 -3.93 6.43
C PRO A 41 -10.96 -4.81 5.69
N GLY A 42 -12.23 -4.61 5.94
CA GLY A 42 -13.26 -5.45 5.26
C GLY A 42 -13.04 -5.45 3.74
N ARG A 43 -12.95 -4.29 3.15
CA ARG A 43 -12.75 -4.21 1.68
C ARG A 43 -11.41 -4.85 1.29
N VAL A 44 -10.44 -4.83 2.17
CA VAL A 44 -9.11 -5.43 1.84
C VAL A 44 -9.21 -6.96 1.93
N LYS A 45 -9.58 -7.48 3.06
CA LYS A 45 -9.68 -8.95 3.20
C LYS A 45 -10.81 -9.46 2.30
N ALA A 46 -11.70 -8.60 1.92
CA ALA A 46 -12.83 -9.00 1.04
C ALA A 46 -12.33 -9.15 -0.39
N LEU A 47 -11.41 -8.32 -0.80
CA LEU A 47 -10.89 -8.41 -2.20
C LEU A 47 -10.04 -9.69 -2.34
N CYS A 48 -9.84 -10.40 -1.27
CA CYS A 48 -9.03 -11.66 -1.35
C CYS A 48 -9.93 -12.86 -1.03
N LYS A 49 -11.21 -12.64 -0.96
CA LYS A 49 -12.14 -13.75 -0.65
C LYS A 49 -12.40 -14.58 -1.92
N ASN A 50 -12.53 -15.87 -1.77
CA ASN A 50 -12.80 -16.75 -2.96
C ASN A 50 -11.52 -16.92 -3.77
N ILE A 51 -10.46 -16.26 -3.40
CA ILE A 51 -9.19 -16.39 -4.17
C ILE A 51 -8.48 -17.69 -3.75
N ARG A 52 -7.41 -18.02 -4.42
CA ARG A 52 -6.67 -19.27 -4.08
C ARG A 52 -5.44 -18.92 -3.23
N ASP A 53 -4.48 -19.79 -3.19
CA ASP A 53 -3.25 -19.53 -2.38
C ASP A 53 -2.52 -18.32 -2.91
N ASN A 54 -1.23 -18.34 -2.81
CA ASN A 54 -0.41 -17.19 -3.29
C ASN A 54 -0.56 -17.03 -4.79
N THR A 55 -1.17 -15.96 -5.23
CA THR A 55 -1.35 -15.73 -6.68
C THR A 55 -1.35 -14.22 -6.94
N ASP A 56 -1.07 -13.81 -8.14
CA ASP A 56 -1.05 -12.34 -8.44
C ASP A 56 -2.44 -11.87 -8.87
N VAL A 57 -3.04 -11.02 -8.08
CA VAL A 57 -4.39 -10.50 -8.44
C VAL A 57 -4.26 -9.10 -9.03
N LEU A 58 -5.32 -8.59 -9.61
CA LEU A 58 -5.25 -7.22 -10.22
C LEU A 58 -6.59 -6.49 -9.96
N SER A 59 -6.54 -5.29 -9.46
CA SER A 59 -7.81 -4.56 -9.20
C SER A 59 -8.63 -4.51 -10.49
N ARG A 60 -9.93 -4.46 -10.38
CA ARG A 60 -10.79 -4.45 -11.60
C ARG A 60 -10.98 -3.01 -12.10
N ASP A 61 -10.32 -2.06 -11.49
CA ASP A 61 -10.47 -0.66 -11.95
C ASP A 61 -9.32 0.19 -11.41
N ALA A 62 -9.48 0.74 -10.24
CA ALA A 62 -8.38 1.59 -9.69
C ALA A 62 -8.50 1.66 -8.16
N PHE A 63 -7.52 2.25 -7.52
CA PHE A 63 -7.55 2.36 -6.04
C PHE A 63 -6.77 3.62 -5.63
N LEU A 64 -7.30 4.37 -4.71
CA LEU A 64 -6.60 5.61 -4.27
C LEU A 64 -5.53 5.27 -3.25
N LEU A 65 -4.28 5.43 -3.59
CA LEU A 65 -3.19 5.10 -2.62
C LEU A 65 -2.33 6.36 -2.38
N PRO A 66 -2.03 6.65 -1.13
CA PRO A 66 -1.17 7.79 -0.77
C PRO A 66 0.29 7.48 -1.10
N GLN A 67 1.10 8.46 -1.39
CA GLN A 67 2.52 8.15 -1.72
C GLN A 67 3.43 9.28 -1.22
N CYS A 68 4.47 8.95 -0.50
CA CYS A 68 5.39 10.00 0.00
C CYS A 68 6.56 10.16 -0.97
N ASP A 69 6.96 11.37 -1.27
CA ASP A 69 8.10 11.57 -2.21
C ASP A 69 9.03 12.67 -1.69
N ARG A 70 10.30 12.36 -1.54
CA ARG A 70 11.26 13.39 -1.04
C ARG A 70 11.46 14.46 -2.12
N ILE A 71 11.65 15.69 -1.72
CA ILE A 71 11.85 16.78 -2.72
C ILE A 71 12.80 17.83 -2.14
N LYS A 72 12.69 18.10 -0.87
CA LYS A 72 13.58 19.12 -0.24
C LYS A 72 14.12 18.59 1.09
N LEU A 73 15.12 19.25 1.63
CA LEU A 73 15.70 18.80 2.93
C LEU A 73 16.05 17.30 2.82
N PRO A 74 16.68 16.74 3.83
CA PRO A 74 17.07 15.32 3.84
C PRO A 74 16.00 14.40 4.45
N CYS A 75 15.04 14.96 5.13
CA CYS A 75 13.97 14.13 5.75
C CYS A 75 12.61 14.82 5.59
N HIS A 76 12.25 15.15 4.37
CA HIS A 76 10.94 15.82 4.14
C HIS A 76 10.30 15.21 2.90
N TYR A 77 9.00 15.00 2.92
CA TYR A 77 8.33 14.38 1.74
C TYR A 77 7.03 15.11 1.43
N LYS A 78 6.55 15.00 0.22
CA LYS A 78 5.27 15.66 -0.17
C LYS A 78 4.19 14.58 -0.31
N LEU A 79 2.95 14.97 -0.18
CA LEU A 79 1.85 13.97 -0.30
C LEU A 79 1.40 13.87 -1.77
N SER A 80 1.41 12.68 -2.31
CA SER A 80 0.99 12.50 -3.73
C SER A 80 0.19 11.19 -3.83
N SER A 81 -1.06 11.26 -4.20
CA SER A 81 -1.89 10.02 -4.31
C SER A 81 -2.60 10.01 -5.65
N SER A 82 -3.06 8.86 -6.07
CA SER A 82 -3.78 8.77 -7.37
C SER A 82 -4.57 7.47 -7.43
N THR A 83 -5.50 7.37 -8.33
CA THR A 83 -6.33 6.15 -8.43
C THR A 83 -5.88 5.32 -9.64
N ASN A 84 -5.47 4.11 -9.42
CA ASN A 84 -5.03 3.26 -10.56
C ASN A 84 -5.07 1.79 -10.15
N THR A 85 -5.21 0.89 -11.09
CA THR A 85 -5.26 -0.56 -10.74
C THR A 85 -3.91 -0.97 -10.15
N ILE A 86 -3.91 -1.95 -9.28
CA ILE A 86 -2.62 -2.37 -8.64
C ILE A 86 -2.53 -3.90 -8.66
N CYS A 87 -1.34 -4.43 -8.70
CA CYS A 87 -1.15 -5.90 -8.70
C CYS A 87 -0.61 -6.30 -7.32
N ILE A 88 -1.15 -7.32 -6.72
CA ILE A 88 -0.66 -7.72 -5.37
C ILE A 88 -0.72 -9.24 -5.22
N THR A 89 0.03 -9.79 -4.31
CA THR A 89 0.01 -11.27 -4.11
C THR A 89 -0.83 -11.60 -2.86
N CYS A 90 -1.82 -12.44 -3.01
CA CYS A 90 -2.69 -12.80 -1.87
C CYS A 90 -2.68 -14.32 -1.66
N VAL A 91 -2.66 -14.76 -0.44
CA VAL A 91 -2.64 -16.23 -0.17
C VAL A 91 -4.05 -16.80 -0.31
N ASN A 92 -4.36 -17.85 0.41
CA ASN A 92 -5.71 -18.46 0.32
C ASN A 92 -6.78 -17.37 0.35
N GLN A 93 -6.53 -16.35 1.11
CA GLN A 93 -7.51 -15.24 1.22
C GLN A 93 -6.97 -14.18 2.17
N LEU A 94 -5.72 -13.81 2.01
CA LEU A 94 -5.11 -12.79 2.91
C LEU A 94 -4.01 -12.04 2.14
N PRO A 95 -4.21 -10.78 1.84
CA PRO A 95 -3.19 -9.98 1.09
C PRO A 95 -1.91 -9.79 1.92
N ILE A 96 -0.76 -10.08 1.36
CA ILE A 96 0.49 -9.95 2.16
C ILE A 96 1.63 -9.32 1.33
N HIS A 97 1.52 -9.25 0.03
CA HIS A 97 2.66 -8.65 -0.76
C HIS A 97 2.13 -7.61 -1.76
N PHE A 98 2.67 -6.43 -1.72
CA PHE A 98 2.23 -5.36 -2.67
C PHE A 98 3.17 -5.37 -3.88
N ALA A 99 2.68 -5.73 -5.03
CA ALA A 99 3.54 -5.76 -6.24
C ALA A 99 3.98 -4.34 -6.60
N GLY A 100 3.07 -3.54 -7.09
CA GLY A 100 3.44 -2.13 -7.47
C GLY A 100 2.17 -1.36 -7.82
N VAL A 101 2.25 -0.47 -8.79
CA VAL A 101 1.06 0.33 -9.18
C VAL A 101 0.71 0.04 -10.64
N GLY A 102 -0.56 -0.07 -10.94
CA GLY A 102 -0.99 -0.35 -12.34
C GLY A 102 -1.06 -1.87 -12.57
N SER A 103 -1.34 -2.28 -13.77
CA SER A 103 -1.44 -3.73 -14.07
C SER A 103 -0.10 -4.42 -13.81
N CYS A 104 -0.11 -5.71 -13.63
CA CYS A 104 1.16 -6.44 -13.38
C CYS A 104 2.04 -6.36 -14.64
N PRO A 105 3.32 -6.63 -14.50
CA PRO A 105 4.28 -6.57 -15.64
C PRO A 105 4.10 -7.78 -16.59
N PCA A 1 4.57 -9.87 3.73
CA PCA A 1 4.97 -11.10 4.43
CB PCA A 1 6.31 -10.82 5.01
CG PCA A 1 6.46 -9.46 4.78
CD PCA A 1 5.57 -8.90 3.81
OE PCA A 1 5.60 -7.81 3.12
C PCA A 1 3.96 -11.45 5.51
O PCA A 1 4.09 -12.47 6.17
H PCA A 1 3.65 -9.68 3.45
HA PCA A 1 5.00 -11.94 3.75
HB2 PCA A 1 7.08 -11.40 4.50
HB3 PCA A 1 6.35 -11.09 6.05
HG2 PCA A 1 7.47 -9.28 4.45
HG3 PCA A 1 6.27 -8.94 5.71
N ASP A 2 2.98 -10.63 5.72
CA ASP A 2 1.95 -10.91 6.76
C ASP A 2 0.83 -9.87 6.63
N TRP A 3 -0.36 -10.31 6.34
CA TRP A 3 -1.48 -9.35 6.17
C TRP A 3 -1.45 -8.30 7.29
N GLU A 4 -0.97 -8.65 8.45
CA GLU A 4 -0.91 -7.65 9.56
C GLU A 4 0.04 -6.51 9.16
N THR A 5 1.32 -6.71 9.30
CA THR A 5 2.26 -5.63 8.92
C THR A 5 1.91 -5.12 7.52
N PHE A 6 1.77 -6.02 6.59
CA PHE A 6 1.40 -5.59 5.21
C PHE A 6 0.22 -4.63 5.29
N GLN A 7 -0.55 -4.72 6.34
CA GLN A 7 -1.72 -3.81 6.50
C GLN A 7 -1.27 -2.55 7.25
N LYS A 8 -0.16 -2.64 7.94
CA LYS A 8 0.32 -1.46 8.73
C LYS A 8 1.22 -0.55 7.89
N LYS A 9 2.19 -1.11 7.20
CA LYS A 9 3.12 -0.26 6.41
C LYS A 9 2.57 0.04 5.00
N HIS A 10 1.97 -0.93 4.34
CA HIS A 10 1.46 -0.67 2.96
C HIS A 10 0.05 -0.08 2.99
N LEU A 11 -0.61 -0.04 4.12
CA LEU A 11 -2.00 0.52 4.17
C LEU A 11 -2.11 1.60 5.23
N THR A 12 -2.99 2.53 5.05
CA THR A 12 -3.18 3.61 6.06
C THR A 12 -4.67 3.84 6.29
N ASP A 13 -5.03 4.89 6.98
CA ASP A 13 -6.48 5.16 7.24
C ASP A 13 -6.90 6.51 6.66
N THR A 14 -6.09 7.10 5.83
CA THR A 14 -6.48 8.42 5.25
C THR A 14 -5.82 8.61 3.88
N LYS A 15 -6.45 9.38 3.02
CA LYS A 15 -5.86 9.61 1.66
C LYS A 15 -4.68 10.56 1.80
N LYS A 16 -4.62 11.31 2.87
CA LYS A 16 -3.49 12.27 3.08
C LYS A 16 -2.70 11.83 4.31
N VAL A 17 -2.08 10.69 4.25
CA VAL A 17 -1.30 10.20 5.42
C VAL A 17 -0.33 11.27 5.88
N LYS A 18 0.26 11.06 7.02
CA LYS A 18 1.25 12.04 7.53
C LYS A 18 2.64 11.54 7.15
N CYS A 19 2.92 11.52 5.88
CA CYS A 19 4.24 11.02 5.40
C CYS A 19 5.36 11.35 6.41
N ASP A 20 5.31 12.52 7.00
CA ASP A 20 6.36 12.90 7.98
C ASP A 20 6.59 11.75 8.96
N VAL A 21 5.54 11.12 9.39
CA VAL A 21 5.67 9.97 10.33
C VAL A 21 5.46 8.68 9.55
N GLU A 22 4.60 8.69 8.56
CA GLU A 22 4.37 7.46 7.76
C GLU A 22 5.72 7.00 7.18
N MET A 23 6.74 7.78 7.40
CA MET A 23 8.09 7.44 6.88
C MET A 23 9.10 7.54 8.02
N ALA A 24 9.06 8.61 8.77
CA ALA A 24 10.02 8.77 9.89
C ALA A 24 9.68 7.78 11.00
N LYS A 25 8.74 6.90 10.75
CA LYS A 25 8.36 5.90 11.79
C LYS A 25 9.61 5.17 12.28
N ALA A 26 9.43 4.10 13.01
CA ALA A 26 10.61 3.34 13.52
C ALA A 26 10.83 2.11 12.63
N LEU A 27 9.87 1.78 11.79
CA LEU A 27 10.04 0.60 10.90
C LEU A 27 10.47 1.07 9.50
N PHE A 28 10.62 2.35 9.32
CA PHE A 28 11.06 2.89 7.99
C PHE A 28 12.40 3.58 8.15
N ASP A 29 12.58 4.34 9.20
CA ASP A 29 13.88 5.04 9.41
C ASP A 29 14.00 6.23 8.44
N CYS A 30 12.91 6.91 8.19
CA CYS A 30 12.96 8.09 7.28
C CYS A 30 13.59 7.69 5.93
N LYS A 31 12.89 6.90 5.15
CA LYS A 31 13.45 6.50 3.83
C LYS A 31 13.46 7.70 2.89
N LYS A 32 13.26 7.47 1.60
CA LYS A 32 13.25 8.57 0.62
C LYS A 32 11.94 8.50 -0.20
N THR A 33 11.38 7.33 -0.32
CA THR A 33 10.11 7.18 -1.08
C THR A 33 9.20 6.21 -0.34
N ASN A 34 7.91 6.45 -0.35
CA ASN A 34 6.98 5.53 0.39
C ASN A 34 5.62 5.50 -0.31
N THR A 35 4.96 4.38 -0.24
CA THR A 35 3.62 4.26 -0.88
C THR A 35 2.69 3.47 0.04
N PHE A 36 1.41 3.68 -0.07
CA PHE A 36 0.45 2.92 0.78
C PHE A 36 -0.88 2.81 0.04
N ILE A 37 -1.86 2.13 0.60
CA ILE A 37 -3.16 1.99 -0.08
C ILE A 37 -4.29 2.49 0.83
N TYR A 38 -5.17 3.30 0.31
CA TYR A 38 -6.30 3.82 1.15
C TYR A 38 -7.52 2.94 0.95
N ALA A 39 -7.75 2.00 1.84
CA ALA A 39 -8.94 1.12 1.70
C ALA A 39 -9.38 0.61 3.08
N LEU A 40 -10.63 0.33 3.25
CA LEU A 40 -11.11 -0.15 4.57
C LEU A 40 -10.81 -1.65 4.70
N PRO A 41 -10.47 -2.12 5.88
CA PRO A 41 -10.13 -3.54 6.12
C PRO A 41 -10.97 -4.53 5.32
N GLY A 42 -12.27 -4.44 5.42
CA GLY A 42 -13.15 -5.39 4.67
C GLY A 42 -12.82 -5.33 3.18
N ARG A 43 -12.63 -4.16 2.65
CA ARG A 43 -12.32 -4.04 1.19
C ARG A 43 -11.00 -4.74 0.86
N VAL A 44 -10.07 -4.76 1.78
CA VAL A 44 -8.77 -5.43 1.49
C VAL A 44 -8.94 -6.95 1.61
N LYS A 45 -9.37 -7.42 2.75
CA LYS A 45 -9.57 -8.88 2.91
C LYS A 45 -10.60 -9.34 1.88
N ALA A 46 -11.37 -8.42 1.37
CA ALA A 46 -12.40 -8.77 0.35
C ALA A 46 -11.74 -8.83 -1.03
N LEU A 47 -10.70 -8.08 -1.22
CA LEU A 47 -10.01 -8.08 -2.53
C LEU A 47 -9.42 -9.46 -2.82
N CYS A 48 -9.39 -10.33 -1.84
CA CYS A 48 -8.82 -11.68 -2.06
C CYS A 48 -9.64 -12.71 -1.28
N LYS A 49 -10.94 -12.66 -1.41
CA LYS A 49 -11.79 -13.64 -0.67
C LYS A 49 -12.10 -14.84 -1.57
N ASN A 50 -12.06 -16.02 -1.01
CA ASN A 50 -12.35 -17.25 -1.82
C ASN A 50 -11.17 -17.55 -2.75
N ILE A 51 -10.11 -16.80 -2.66
CA ILE A 51 -8.94 -17.07 -3.54
C ILE A 51 -8.33 -18.42 -3.19
N ARG A 52 -7.35 -18.85 -3.93
CA ARG A 52 -6.71 -20.17 -3.65
C ARG A 52 -5.43 -19.96 -2.84
N ASP A 53 -4.31 -20.34 -3.38
CA ASP A 53 -3.01 -20.18 -2.65
C ASP A 53 -2.25 -18.97 -3.17
N ASN A 54 -0.96 -19.06 -3.19
CA ASN A 54 -0.12 -17.93 -3.65
C ASN A 54 -0.40 -17.64 -5.13
N THR A 55 -1.06 -16.55 -5.41
CA THR A 55 -1.37 -16.18 -6.83
C THR A 55 -1.41 -14.66 -6.95
N ASP A 56 -1.29 -14.15 -8.15
CA ASP A 56 -1.31 -12.67 -8.33
C ASP A 56 -2.76 -12.19 -8.53
N VAL A 57 -3.07 -11.01 -8.06
CA VAL A 57 -4.45 -10.45 -8.22
C VAL A 57 -4.37 -9.04 -8.80
N LEU A 58 -5.46 -8.51 -9.26
CA LEU A 58 -5.45 -7.14 -9.86
C LEU A 58 -6.70 -6.37 -9.40
N SER A 59 -6.55 -5.14 -8.97
CA SER A 59 -7.74 -4.37 -8.51
C SER A 59 -8.81 -4.36 -9.62
N ARG A 60 -10.00 -3.96 -9.30
CA ARG A 60 -11.09 -3.94 -10.32
C ARG A 60 -10.81 -2.88 -11.38
N ASP A 61 -10.55 -1.67 -10.95
CA ASP A 61 -10.28 -0.58 -11.94
C ASP A 61 -9.20 0.35 -11.41
N ALA A 62 -9.46 1.05 -10.34
CA ALA A 62 -8.42 1.98 -9.79
C ALA A 62 -8.53 2.04 -8.26
N PHE A 63 -7.52 2.56 -7.62
CA PHE A 63 -7.56 2.66 -6.14
C PHE A 63 -6.77 3.91 -5.71
N LEU A 64 -7.32 4.69 -4.81
CA LEU A 64 -6.62 5.92 -4.36
C LEU A 64 -5.55 5.55 -3.34
N LEU A 65 -4.29 5.73 -3.67
CA LEU A 65 -3.22 5.40 -2.70
C LEU A 65 -2.37 6.63 -2.42
N PRO A 66 -2.07 6.90 -1.17
CA PRO A 66 -1.23 8.05 -0.78
C PRO A 66 0.25 7.74 -1.09
N GLN A 67 1.05 8.73 -1.36
CA GLN A 67 2.48 8.43 -1.70
C GLN A 67 3.39 9.53 -1.17
N CYS A 68 4.44 9.18 -0.49
CA CYS A 68 5.38 10.20 0.04
C CYS A 68 6.55 10.37 -0.93
N ASP A 69 6.99 11.58 -1.15
CA ASP A 69 8.12 11.80 -2.09
C ASP A 69 9.13 12.79 -1.48
N ARG A 70 10.34 12.35 -1.24
CA ARG A 70 11.37 13.25 -0.66
C ARG A 70 11.85 14.23 -1.73
N ILE A 71 12.31 15.39 -1.32
CA ILE A 71 12.79 16.39 -2.32
C ILE A 71 13.46 17.55 -1.60
N LYS A 72 12.89 17.98 -0.49
CA LYS A 72 13.49 19.13 0.27
C LYS A 72 13.91 18.65 1.67
N LEU A 73 14.60 19.46 2.41
CA LEU A 73 15.03 19.08 3.78
C LEU A 73 15.64 17.66 3.75
N PRO A 74 16.17 17.18 4.85
CA PRO A 74 16.77 15.82 4.93
C PRO A 74 15.73 14.74 5.22
N CYS A 75 14.78 15.03 6.07
CA CYS A 75 13.73 14.00 6.40
C CYS A 75 12.34 14.60 6.20
N HIS A 76 12.01 14.98 4.99
CA HIS A 76 10.67 15.56 4.71
C HIS A 76 10.17 15.01 3.38
N TYR A 77 8.87 14.87 3.23
CA TYR A 77 8.33 14.32 1.95
C TYR A 77 7.10 15.13 1.51
N LYS A 78 6.69 14.97 0.29
CA LYS A 78 5.49 15.70 -0.22
C LYS A 78 4.33 14.73 -0.35
N LEU A 79 3.12 15.21 -0.24
CA LEU A 79 1.94 14.30 -0.35
C LEU A 79 1.50 14.20 -1.81
N SER A 80 1.44 13.00 -2.33
CA SER A 80 1.00 12.81 -3.75
C SER A 80 0.21 11.51 -3.85
N SER A 81 -1.01 11.58 -4.31
CA SER A 81 -1.84 10.35 -4.42
C SER A 81 -2.53 10.31 -5.78
N SER A 82 -2.97 9.15 -6.20
CA SER A 82 -3.66 9.04 -7.52
C SER A 82 -4.46 7.75 -7.55
N THR A 83 -5.35 7.61 -8.49
CA THR A 83 -6.19 6.40 -8.59
C THR A 83 -5.69 5.50 -9.72
N ASN A 84 -5.32 4.29 -9.41
CA ASN A 84 -4.83 3.36 -10.46
C ASN A 84 -4.94 1.92 -9.95
N THR A 85 -5.12 0.98 -10.83
CA THR A 85 -5.24 -0.44 -10.38
C THR A 85 -3.90 -0.87 -9.76
N ILE A 86 -3.90 -1.92 -8.99
CA ILE A 86 -2.64 -2.38 -8.35
C ILE A 86 -2.58 -3.92 -8.39
N CYS A 87 -1.39 -4.47 -8.48
CA CYS A 87 -1.27 -5.96 -8.51
C CYS A 87 -0.64 -6.42 -7.19
N ILE A 88 -1.20 -7.42 -6.57
CA ILE A 88 -0.63 -7.90 -5.28
C ILE A 88 -0.88 -9.41 -5.18
N THR A 89 -0.04 -10.11 -4.46
CA THR A 89 -0.21 -11.59 -4.34
C THR A 89 -0.92 -11.92 -3.02
N CYS A 90 -1.86 -12.84 -3.08
CA CYS A 90 -2.60 -13.26 -1.85
C CYS A 90 -2.39 -14.76 -1.65
N VAL A 91 -2.89 -15.31 -0.59
CA VAL A 91 -2.71 -16.77 -0.33
C VAL A 91 -4.02 -17.36 0.17
N ASN A 92 -4.05 -17.76 1.41
CA ASN A 92 -5.30 -18.34 1.99
C ASN A 92 -6.34 -17.24 2.14
N GLN A 93 -6.42 -16.38 1.16
CA GLN A 93 -7.40 -15.25 1.22
C GLN A 93 -6.86 -14.18 2.17
N LEU A 94 -5.64 -13.78 1.97
CA LEU A 94 -5.03 -12.74 2.85
C LEU A 94 -3.91 -12.05 2.06
N PRO A 95 -4.15 -10.88 1.52
CA PRO A 95 -3.11 -10.13 0.74
C PRO A 95 -1.86 -9.81 1.58
N ILE A 96 -0.69 -10.14 1.10
CA ILE A 96 0.54 -9.86 1.91
C ILE A 96 1.71 -9.46 0.99
N HIS A 97 1.57 -9.52 -0.32
CA HIS A 97 2.73 -9.15 -1.19
C HIS A 97 2.36 -7.98 -2.11
N PHE A 98 3.10 -6.91 -2.04
CA PHE A 98 2.81 -5.73 -2.91
C PHE A 98 3.60 -5.88 -4.22
N ALA A 99 2.94 -6.22 -5.29
CA ALA A 99 3.67 -6.39 -6.58
C ALA A 99 4.39 -5.07 -6.94
N GLY A 100 3.67 -4.10 -7.41
CA GLY A 100 4.31 -2.81 -7.77
C GLY A 100 3.23 -1.73 -7.93
N VAL A 101 3.05 -1.22 -9.12
CA VAL A 101 2.02 -0.15 -9.34
C VAL A 101 1.23 -0.48 -10.62
N GLY A 102 0.06 0.06 -10.74
CA GLY A 102 -0.76 -0.21 -11.96
C GLY A 102 -1.06 -1.71 -12.04
N SER A 103 -1.42 -2.19 -13.20
CA SER A 103 -1.73 -3.65 -13.33
C SER A 103 -0.42 -4.44 -13.45
N CYS A 104 -0.52 -5.71 -13.73
CA CYS A 104 0.71 -6.55 -13.86
C CYS A 104 0.51 -7.56 -14.99
N PRO A 105 0.34 -7.09 -16.19
CA PRO A 105 0.14 -7.96 -17.39
C PRO A 105 1.45 -8.61 -17.85
N PCA A 1 4.48 -9.95 3.75
CA PCA A 1 4.85 -11.17 4.46
CB PCA A 1 6.19 -10.91 5.06
CG PCA A 1 6.35 -9.54 4.84
CD PCA A 1 5.50 -8.99 3.83
OE PCA A 1 5.54 -7.91 3.15
C PCA A 1 3.82 -11.51 5.53
O PCA A 1 3.90 -12.53 6.17
H PCA A 1 3.58 -9.76 3.44
HA PCA A 1 4.90 -12.03 3.80
HB2 PCA A 1 6.96 -11.48 4.59
HB3 PCA A 1 6.21 -11.16 6.13
HG2 PCA A 1 7.38 -9.37 4.53
HG3 PCA A 1 6.15 -9.01 5.75
N ASP A 2 2.86 -10.65 5.73
CA ASP A 2 1.82 -10.91 6.75
C ASP A 2 0.72 -9.86 6.60
N TRP A 3 -0.48 -10.26 6.30
CA TRP A 3 -1.59 -9.28 6.12
C TRP A 3 -1.54 -8.25 7.25
N GLU A 4 -0.97 -8.60 8.37
CA GLU A 4 -0.89 -7.62 9.50
C GLU A 4 0.06 -6.49 9.09
N THR A 5 1.33 -6.67 9.25
CA THR A 5 2.29 -5.59 8.85
C THR A 5 1.93 -5.10 7.45
N PHE A 6 1.75 -6.00 6.53
CA PHE A 6 1.37 -5.61 5.15
C PHE A 6 0.20 -4.63 5.24
N GLN A 7 -0.60 -4.74 6.27
CA GLN A 7 -1.75 -3.82 6.42
C GLN A 7 -1.33 -2.58 7.21
N LYS A 8 -0.22 -2.67 7.92
CA LYS A 8 0.22 -1.49 8.73
C LYS A 8 1.14 -0.57 7.92
N LYS A 9 2.08 -1.13 7.19
CA LYS A 9 3.02 -0.26 6.41
C LYS A 9 2.47 0.04 5.01
N HIS A 10 1.90 -0.92 4.33
CA HIS A 10 1.40 -0.66 2.95
C HIS A 10 -0.01 -0.07 2.98
N LEU A 11 -0.65 -0.02 4.12
CA LEU A 11 -2.04 0.55 4.18
C LEU A 11 -2.11 1.63 5.26
N THR A 12 -2.99 2.58 5.08
CA THR A 12 -3.14 3.65 6.11
C THR A 12 -4.63 3.90 6.37
N ASP A 13 -4.96 4.95 7.07
CA ASP A 13 -6.40 5.22 7.38
C ASP A 13 -6.83 6.59 6.80
N THR A 14 -6.06 7.17 5.92
CA THR A 14 -6.46 8.49 5.36
C THR A 14 -5.85 8.68 3.97
N LYS A 15 -6.49 9.47 3.14
CA LYS A 15 -5.95 9.70 1.77
C LYS A 15 -4.74 10.63 1.88
N LYS A 16 -4.64 11.36 2.95
CA LYS A 16 -3.47 12.29 3.12
C LYS A 16 -2.67 11.87 4.35
N VAL A 17 -2.06 10.71 4.31
CA VAL A 17 -1.27 10.24 5.48
C VAL A 17 -0.29 11.32 5.91
N LYS A 18 0.34 11.11 7.04
CA LYS A 18 1.34 12.09 7.51
C LYS A 18 2.71 11.58 7.11
N CYS A 19 2.98 11.55 5.84
CA CYS A 19 4.30 11.05 5.34
C CYS A 19 5.43 11.39 6.32
N ASP A 20 5.37 12.55 6.92
CA ASP A 20 6.45 12.94 7.87
C ASP A 20 6.69 11.80 8.85
N VAL A 21 5.65 11.16 9.30
CA VAL A 21 5.79 10.02 10.24
C VAL A 21 5.57 8.73 9.48
N GLU A 22 4.70 8.73 8.51
CA GLU A 22 4.45 7.50 7.72
C GLU A 22 5.79 7.04 7.13
N MET A 23 6.81 7.83 7.31
CA MET A 23 8.16 7.47 6.79
C MET A 23 9.18 7.58 7.92
N ALA A 24 9.15 8.67 8.66
CA ALA A 24 10.12 8.83 9.77
C ALA A 24 9.80 7.82 10.87
N LYS A 25 8.86 6.95 10.64
CA LYS A 25 8.50 5.93 11.66
C LYS A 25 9.76 5.18 12.11
N ALA A 26 9.59 4.08 12.78
CA ALA A 26 10.76 3.28 13.23
C ALA A 26 10.92 2.06 12.32
N LEU A 27 9.92 1.74 11.54
CA LEU A 27 10.02 0.57 10.63
C LEU A 27 10.42 1.04 9.22
N PHE A 28 10.54 2.33 9.04
CA PHE A 28 10.94 2.87 7.70
C PHE A 28 12.32 3.53 7.82
N ASP A 29 12.55 4.27 8.87
CA ASP A 29 13.87 4.95 9.05
C ASP A 29 13.94 6.20 8.18
N CYS A 30 12.88 6.96 8.12
CA CYS A 30 12.90 8.21 7.30
C CYS A 30 13.52 7.92 5.93
N LYS A 31 12.95 7.01 5.18
CA LYS A 31 13.51 6.68 3.84
C LYS A 31 13.43 7.92 2.93
N LYS A 32 13.15 7.72 1.67
CA LYS A 32 13.05 8.87 0.72
C LYS A 32 11.74 8.77 -0.08
N THR A 33 11.25 7.57 -0.26
CA THR A 33 9.99 7.39 -1.03
C THR A 33 9.10 6.38 -0.29
N ASN A 34 7.81 6.51 -0.38
CA ASN A 34 6.92 5.55 0.33
C ASN A 34 5.54 5.53 -0.34
N THR A 35 4.87 4.41 -0.27
CA THR A 35 3.52 4.30 -0.89
C THR A 35 2.60 3.50 0.05
N PHE A 36 1.33 3.73 -0.05
CA PHE A 36 0.37 2.96 0.82
C PHE A 36 -0.97 2.86 0.10
N ILE A 37 -1.93 2.18 0.65
CA ILE A 37 -3.26 2.05 -0.02
C ILE A 37 -4.36 2.55 0.92
N TYR A 38 -5.24 3.37 0.42
CA TYR A 38 -6.35 3.90 1.28
C TYR A 38 -7.58 3.02 1.10
N ALA A 39 -7.80 2.09 1.99
CA ALA A 39 -9.00 1.21 1.85
C ALA A 39 -9.34 0.61 3.21
N LEU A 40 -10.58 0.23 3.40
CA LEU A 40 -11.00 -0.38 4.70
C LEU A 40 -10.61 -1.88 4.69
N PRO A 41 -10.31 -2.43 5.84
CA PRO A 41 -9.89 -3.87 5.96
C PRO A 41 -10.91 -4.85 5.38
N GLY A 42 -12.13 -4.80 5.83
CA GLY A 42 -13.16 -5.76 5.30
C GLY A 42 -13.11 -5.78 3.77
N ARG A 43 -13.05 -4.63 3.15
CA ARG A 43 -13.00 -4.58 1.66
C ARG A 43 -11.69 -5.17 1.16
N VAL A 44 -10.62 -5.01 1.90
CA VAL A 44 -9.31 -5.55 1.45
C VAL A 44 -9.30 -7.07 1.60
N LYS A 45 -9.55 -7.57 2.78
CA LYS A 45 -9.56 -9.04 2.98
C LYS A 45 -10.73 -9.64 2.20
N ALA A 46 -11.70 -8.82 1.87
CA ALA A 46 -12.88 -9.32 1.11
C ALA A 46 -12.44 -9.72 -0.30
N LEU A 47 -11.75 -8.85 -0.98
CA LEU A 47 -11.29 -9.17 -2.36
C LEU A 47 -10.45 -10.45 -2.33
N CYS A 48 -9.93 -10.81 -1.20
CA CYS A 48 -9.11 -12.05 -1.10
C CYS A 48 -9.98 -13.21 -0.61
N LYS A 49 -11.18 -13.33 -1.13
CA LYS A 49 -12.08 -14.43 -0.68
C LYS A 49 -12.22 -15.48 -1.78
N ASN A 50 -12.40 -16.71 -1.40
CA ASN A 50 -12.56 -17.82 -2.39
C ASN A 50 -11.43 -17.81 -3.42
N ILE A 51 -10.36 -17.11 -3.19
CA ILE A 51 -9.25 -17.11 -4.19
C ILE A 51 -8.40 -18.37 -3.98
N ARG A 52 -7.20 -18.38 -4.51
CA ARG A 52 -6.32 -19.58 -4.35
C ARG A 52 -5.05 -19.21 -3.59
N ASP A 53 -4.08 -20.08 -3.61
CA ASP A 53 -2.80 -19.80 -2.90
C ASP A 53 -2.16 -18.51 -3.41
N ASN A 54 -0.88 -18.45 -3.37
CA ASN A 54 -0.16 -17.22 -3.83
C ASN A 54 -0.41 -17.02 -5.33
N THR A 55 -1.21 -16.03 -5.66
CA THR A 55 -1.49 -15.75 -7.10
C THR A 55 -1.48 -14.23 -7.31
N ASP A 56 -1.09 -13.79 -8.46
CA ASP A 56 -1.04 -12.32 -8.73
C ASP A 56 -2.44 -11.80 -9.01
N VAL A 57 -2.94 -10.91 -8.18
CA VAL A 57 -4.30 -10.35 -8.39
C VAL A 57 -4.18 -8.93 -8.95
N LEU A 58 -5.24 -8.39 -9.48
CA LEU A 58 -5.19 -7.01 -10.05
C LEU A 58 -6.48 -6.26 -9.66
N SER A 59 -6.37 -5.03 -9.20
CA SER A 59 -7.61 -4.30 -8.82
C SER A 59 -8.57 -4.30 -10.01
N ARG A 60 -9.85 -4.18 -9.76
CA ARG A 60 -10.84 -4.22 -10.87
C ARG A 60 -10.96 -2.85 -11.55
N ASP A 61 -10.19 -1.88 -11.15
CA ASP A 61 -10.31 -0.55 -11.80
C ASP A 61 -9.25 0.40 -11.26
N ALA A 62 -9.54 1.11 -10.21
CA ALA A 62 -8.54 2.07 -9.66
C ALA A 62 -8.63 2.11 -8.13
N PHE A 63 -7.65 2.69 -7.50
CA PHE A 63 -7.66 2.78 -6.01
C PHE A 63 -6.88 4.04 -5.60
N LEU A 64 -7.43 4.80 -4.69
CA LEU A 64 -6.72 6.04 -4.24
C LEU A 64 -5.64 5.67 -3.22
N LEU A 65 -4.39 5.84 -3.58
CA LEU A 65 -3.31 5.50 -2.61
C LEU A 65 -2.44 6.74 -2.33
N PRO A 66 -2.15 7.00 -1.08
CA PRO A 66 -1.27 8.14 -0.69
C PRO A 66 0.18 7.81 -1.01
N GLN A 67 1.01 8.78 -1.29
CA GLN A 67 2.42 8.46 -1.62
C GLN A 67 3.35 9.57 -1.11
N CYS A 68 4.42 9.19 -0.46
CA CYS A 68 5.39 10.21 0.06
C CYS A 68 6.51 10.39 -0.97
N ASP A 69 6.90 11.61 -1.23
CA ASP A 69 7.99 11.85 -2.22
C ASP A 69 9.04 12.80 -1.64
N ARG A 70 10.24 12.32 -1.42
CA ARG A 70 11.31 13.19 -0.86
C ARG A 70 11.93 14.02 -1.99
N ILE A 71 12.12 15.29 -1.77
CA ILE A 71 12.71 16.16 -2.84
C ILE A 71 13.56 17.26 -2.19
N LYS A 72 13.15 17.76 -1.06
CA LYS A 72 13.92 18.85 -0.38
C LYS A 72 14.20 18.45 1.07
N LEU A 73 15.09 19.15 1.73
CA LEU A 73 15.42 18.81 3.15
C LEU A 73 15.93 17.36 3.21
N PRO A 74 16.37 16.91 4.36
CA PRO A 74 16.88 15.53 4.52
C PRO A 74 15.80 14.54 4.96
N CYS A 75 14.90 14.96 5.80
CA CYS A 75 13.82 14.04 6.28
C CYS A 75 12.46 14.69 6.07
N HIS A 76 12.11 15.00 4.86
CA HIS A 76 10.79 15.64 4.58
C HIS A 76 10.23 15.07 3.27
N TYR A 77 8.94 14.98 3.14
CA TYR A 77 8.36 14.41 1.89
C TYR A 77 7.17 15.27 1.42
N LYS A 78 6.75 15.08 0.20
CA LYS A 78 5.58 15.84 -0.33
C LYS A 78 4.38 14.91 -0.43
N LEU A 79 3.19 15.45 -0.33
CA LEU A 79 1.98 14.58 -0.40
C LEU A 79 1.53 14.43 -1.86
N SER A 80 1.44 13.22 -2.34
CA SER A 80 1.00 12.98 -3.75
C SER A 80 0.17 11.70 -3.79
N SER A 81 -0.97 11.73 -4.41
CA SER A 81 -1.81 10.50 -4.48
C SER A 81 -2.51 10.42 -5.84
N SER A 82 -2.95 9.25 -6.22
CA SER A 82 -3.63 9.10 -7.53
C SER A 82 -4.47 7.83 -7.52
N THR A 83 -5.37 7.69 -8.47
CA THR A 83 -6.23 6.50 -8.53
C THR A 83 -5.78 5.58 -9.67
N ASN A 84 -5.43 4.36 -9.36
CA ASN A 84 -4.97 3.43 -10.42
C ASN A 84 -5.09 1.98 -9.92
N THR A 85 -5.14 1.03 -10.81
CA THR A 85 -5.26 -0.39 -10.37
C THR A 85 -4.00 -0.77 -9.57
N ILE A 86 -3.94 -1.97 -9.07
CA ILE A 86 -2.76 -2.38 -8.27
C ILE A 86 -2.46 -3.87 -8.49
N CYS A 87 -1.23 -4.26 -8.38
CA CYS A 87 -0.86 -5.69 -8.55
C CYS A 87 -0.35 -6.20 -7.21
N ILE A 88 -0.91 -7.26 -6.70
CA ILE A 88 -0.45 -7.79 -5.38
C ILE A 88 -0.72 -9.30 -5.33
N THR A 89 0.01 -10.02 -4.53
CA THR A 89 -0.21 -11.50 -4.44
C THR A 89 -0.97 -11.82 -3.15
N CYS A 90 -1.93 -12.71 -3.24
CA CYS A 90 -2.74 -13.11 -2.05
C CYS A 90 -2.70 -14.64 -1.91
N VAL A 91 -2.77 -15.14 -0.69
CA VAL A 91 -2.72 -16.62 -0.49
C VAL A 91 -4.15 -17.19 -0.41
N ASN A 92 -4.37 -18.12 0.47
CA ASN A 92 -5.73 -18.74 0.60
C ASN A 92 -6.79 -17.64 0.62
N GLN A 93 -6.53 -16.62 1.35
CA GLN A 93 -7.50 -15.48 1.43
C GLN A 93 -6.93 -14.38 2.32
N LEU A 94 -5.74 -13.95 2.05
CA LEU A 94 -5.12 -12.88 2.88
C LEU A 94 -4.03 -12.19 2.04
N PRO A 95 -4.20 -10.93 1.71
CA PRO A 95 -3.21 -10.17 0.89
C PRO A 95 -1.95 -9.84 1.70
N ILE A 96 -0.78 -10.15 1.18
CA ILE A 96 0.46 -9.86 1.95
C ILE A 96 1.61 -9.43 1.03
N HIS A 97 1.46 -9.51 -0.28
CA HIS A 97 2.60 -9.11 -1.16
C HIS A 97 2.22 -7.87 -1.99
N PHE A 98 3.09 -6.90 -2.03
CA PHE A 98 2.82 -5.66 -2.82
C PHE A 98 3.63 -5.72 -4.12
N ALA A 99 2.99 -6.09 -5.20
CA ALA A 99 3.72 -6.17 -6.49
C ALA A 99 4.33 -4.81 -6.82
N GLY A 100 3.54 -3.89 -7.30
CA GLY A 100 4.06 -2.55 -7.65
C GLY A 100 2.89 -1.59 -7.92
N VAL A 101 3.16 -0.46 -8.51
CA VAL A 101 2.07 0.51 -8.80
C VAL A 101 1.41 0.17 -10.14
N GLY A 102 0.13 0.32 -10.24
CA GLY A 102 -0.58 0.00 -11.52
C GLY A 102 -0.78 -1.52 -11.62
N SER A 103 -0.89 -2.02 -12.82
CA SER A 103 -1.10 -3.49 -13.00
C SER A 103 0.25 -4.18 -13.28
N CYS A 104 0.39 -5.41 -12.86
CA CYS A 104 1.67 -6.13 -13.09
C CYS A 104 1.37 -7.63 -13.24
N PRO A 105 2.15 -8.33 -14.03
CA PRO A 105 1.97 -9.80 -14.25
C PRO A 105 2.32 -10.62 -13.00
N PCA A 1 4.62 -9.89 3.65
CA PCA A 1 5.16 -10.93 4.52
CB PCA A 1 6.32 -10.32 5.21
CG PCA A 1 6.56 -9.18 4.44
CD PCA A 1 5.47 -8.77 3.59
OE PCA A 1 5.23 -7.72 2.92
C PCA A 1 4.11 -11.39 5.52
O PCA A 1 4.23 -12.44 6.13
H PCA A 1 3.71 -9.89 3.30
HA PCA A 1 5.45 -11.81 3.98
HB2 PCA A 1 7.18 -10.98 5.21
HB3 PCA A 1 6.09 -10.09 6.25
HG2 PCA A 1 7.41 -9.36 3.81
HG3 PCA A 1 6.74 -8.35 5.11
N ASP A 2 3.07 -10.61 5.71
CA ASP A 2 2.00 -11.00 6.68
C ASP A 2 0.85 -9.99 6.56
N TRP A 3 -0.35 -10.47 6.36
CA TRP A 3 -1.50 -9.54 6.23
C TRP A 3 -1.45 -8.49 7.34
N GLU A 4 -0.88 -8.83 8.47
CA GLU A 4 -0.80 -7.84 9.58
C GLU A 4 0.09 -6.67 9.16
N THR A 5 1.38 -6.82 9.24
CA THR A 5 2.29 -5.71 8.84
C THR A 5 1.86 -5.18 7.48
N PHE A 6 1.62 -6.04 6.54
CA PHE A 6 1.20 -5.55 5.20
C PHE A 6 -0.01 -4.64 5.38
N GLN A 7 -0.74 -4.81 6.44
CA GLN A 7 -1.93 -3.96 6.70
C GLN A 7 -1.50 -2.73 7.51
N LYS A 8 -0.36 -2.80 8.17
CA LYS A 8 0.09 -1.64 8.98
C LYS A 8 0.94 -0.66 8.16
N LYS A 9 1.95 -1.15 7.49
CA LYS A 9 2.83 -0.23 6.71
C LYS A 9 2.26 0.04 5.30
N HIS A 10 1.94 -0.98 4.55
CA HIS A 10 1.42 -0.75 3.16
C HIS A 10 0.02 -0.16 3.18
N LEU A 11 -0.67 -0.19 4.29
CA LEU A 11 -2.06 0.38 4.31
C LEU A 11 -2.16 1.48 5.36
N THR A 12 -2.99 2.46 5.10
CA THR A 12 -3.16 3.57 6.10
C THR A 12 -4.66 3.83 6.30
N ASP A 13 -5.00 4.89 6.98
CA ASP A 13 -6.44 5.19 7.22
C ASP A 13 -6.84 6.54 6.63
N THR A 14 -6.02 7.11 5.78
CA THR A 14 -6.39 8.44 5.19
C THR A 14 -5.80 8.59 3.80
N LYS A 15 -6.44 9.38 2.97
CA LYS A 15 -5.91 9.58 1.59
C LYS A 15 -4.71 10.52 1.65
N LYS A 16 -4.54 11.20 2.77
CA LYS A 16 -3.39 12.13 2.92
C LYS A 16 -2.57 11.70 4.15
N VAL A 17 -1.95 10.56 4.08
CA VAL A 17 -1.16 10.07 5.24
C VAL A 17 -0.18 11.13 5.69
N LYS A 18 0.36 10.97 6.86
CA LYS A 18 1.35 11.94 7.36
C LYS A 18 2.74 11.41 7.05
N CYS A 19 3.05 11.31 5.78
CA CYS A 19 4.37 10.78 5.34
C CYS A 19 5.46 11.14 6.36
N ASP A 20 5.41 12.33 6.89
CA ASP A 20 6.45 12.75 7.89
C ASP A 20 6.67 11.65 8.91
N VAL A 21 5.62 11.03 9.35
CA VAL A 21 5.75 9.94 10.35
C VAL A 21 5.58 8.59 9.64
N GLU A 22 4.73 8.53 8.65
CA GLU A 22 4.53 7.25 7.92
C GLU A 22 5.90 6.78 7.39
N MET A 23 6.91 7.59 7.55
CA MET A 23 8.27 7.21 7.07
C MET A 23 9.28 7.45 8.20
N ALA A 24 9.19 8.55 8.89
CA ALA A 24 10.15 8.82 9.99
C ALA A 24 9.81 7.94 11.19
N LYS A 25 8.83 7.08 11.05
CA LYS A 25 8.44 6.19 12.17
C LYS A 25 9.65 5.37 12.62
N ALA A 26 9.44 4.30 13.33
CA ALA A 26 10.57 3.45 13.79
C ALA A 26 10.69 2.22 12.89
N LEU A 27 9.66 1.91 12.13
CA LEU A 27 9.72 0.72 11.25
C LEU A 27 10.17 1.15 9.84
N PHE A 28 10.34 2.43 9.63
CA PHE A 28 10.78 2.92 8.29
C PHE A 28 12.16 3.59 8.42
N ASP A 29 12.35 4.40 9.42
CA ASP A 29 13.67 5.08 9.62
C ASP A 29 13.78 6.26 8.65
N CYS A 30 12.71 6.97 8.43
CA CYS A 30 12.77 8.15 7.51
C CYS A 30 13.36 7.74 6.16
N LYS A 31 12.68 6.93 5.41
CA LYS A 31 13.22 6.51 4.08
C LYS A 31 13.24 7.71 3.13
N LYS A 32 12.87 7.49 1.89
CA LYS A 32 12.85 8.61 0.90
C LYS A 32 11.62 8.47 0.00
N THR A 33 11.21 7.26 -0.27
CA THR A 33 10.02 7.03 -1.14
C THR A 33 9.15 5.93 -0.51
N ASN A 34 7.88 6.19 -0.33
CA ASN A 34 7.00 5.16 0.29
C ASN A 34 5.63 5.15 -0.41
N THR A 35 4.97 4.03 -0.39
CA THR A 35 3.63 3.92 -1.03
C THR A 35 2.68 3.17 -0.09
N PHE A 36 1.40 3.41 -0.21
CA PHE A 36 0.44 2.69 0.69
C PHE A 36 -0.91 2.58 -0.02
N ILE A 37 -1.87 1.91 0.57
CA ILE A 37 -3.20 1.77 -0.08
C ILE A 37 -4.29 2.29 0.87
N TYR A 38 -5.23 3.04 0.35
CA TYR A 38 -6.32 3.58 1.21
C TYR A 38 -7.52 2.63 1.15
N ALA A 39 -7.69 1.81 2.15
CA ALA A 39 -8.85 0.86 2.14
C ALA A 39 -9.11 0.37 3.57
N LEU A 40 -10.31 -0.04 3.85
CA LEU A 40 -10.62 -0.54 5.24
C LEU A 40 -10.38 -2.06 5.29
N PRO A 41 -9.91 -2.55 6.42
CA PRO A 41 -9.60 -4.00 6.59
C PRO A 41 -10.64 -4.93 5.94
N GLY A 42 -11.89 -4.77 6.27
CA GLY A 42 -12.94 -5.65 5.68
C GLY A 42 -12.86 -5.63 4.16
N ARG A 43 -12.87 -4.48 3.56
CA ARG A 43 -12.81 -4.40 2.07
C ARG A 43 -11.48 -4.97 1.57
N VAL A 44 -10.46 -4.92 2.37
CA VAL A 44 -9.13 -5.46 1.93
C VAL A 44 -9.14 -6.99 2.02
N LYS A 45 -9.39 -7.53 3.18
CA LYS A 45 -9.41 -9.00 3.32
C LYS A 45 -10.58 -9.56 2.52
N ALA A 46 -11.54 -8.73 2.22
CA ALA A 46 -12.73 -9.19 1.44
C ALA A 46 -12.34 -9.38 -0.03
N LEU A 47 -11.55 -8.49 -0.55
CA LEU A 47 -11.14 -8.61 -1.99
C LEU A 47 -10.14 -9.76 -2.14
N CYS A 48 -9.80 -10.43 -1.08
CA CYS A 48 -8.84 -11.56 -1.16
C CYS A 48 -9.61 -12.87 -1.00
N LYS A 49 -10.81 -12.78 -0.48
CA LYS A 49 -11.62 -14.01 -0.28
C LYS A 49 -11.96 -14.64 -1.63
N ASN A 50 -12.28 -15.90 -1.65
CA ASN A 50 -12.64 -16.59 -2.92
C ASN A 50 -11.40 -16.72 -3.81
N ILE A 51 -10.32 -16.08 -3.44
CA ILE A 51 -9.08 -16.18 -4.28
C ILE A 51 -8.39 -17.52 -4.03
N ARG A 52 -7.38 -17.81 -4.78
CA ARG A 52 -6.65 -19.11 -4.59
C ARG A 52 -5.45 -18.89 -3.67
N ASP A 53 -4.44 -19.72 -3.79
CA ASP A 53 -3.24 -19.58 -2.93
C ASP A 53 -2.44 -18.35 -3.34
N ASN A 54 -1.17 -18.40 -3.16
CA ASN A 54 -0.30 -17.24 -3.51
C ASN A 54 -0.34 -17.01 -5.02
N THR A 55 -0.86 -15.89 -5.42
CA THR A 55 -0.94 -15.58 -6.89
C THR A 55 -1.00 -14.06 -7.05
N ASP A 56 -0.76 -13.57 -8.23
CA ASP A 56 -0.79 -12.10 -8.47
C ASP A 56 -2.20 -11.69 -8.93
N VAL A 57 -2.86 -10.85 -8.16
CA VAL A 57 -4.22 -10.39 -8.56
C VAL A 57 -4.15 -8.95 -9.08
N LEU A 58 -5.21 -8.47 -9.67
CA LEU A 58 -5.21 -7.08 -10.23
C LEU A 58 -6.50 -6.38 -9.79
N SER A 59 -6.42 -5.14 -9.36
CA SER A 59 -7.66 -4.44 -8.94
C SER A 59 -8.67 -4.49 -10.10
N ARG A 60 -9.94 -4.41 -9.80
CA ARG A 60 -10.97 -4.49 -10.88
C ARG A 60 -11.19 -3.12 -11.52
N ASP A 61 -10.47 -2.11 -11.11
CA ASP A 61 -10.67 -0.77 -11.73
C ASP A 61 -9.58 0.19 -11.27
N ALA A 62 -9.80 0.89 -10.19
CA ALA A 62 -8.77 1.84 -9.71
C ALA A 62 -8.78 1.87 -8.17
N PHE A 63 -7.73 2.38 -7.58
CA PHE A 63 -7.66 2.44 -6.09
C PHE A 63 -6.86 3.67 -5.68
N LEU A 64 -7.39 4.45 -4.78
CA LEU A 64 -6.68 5.67 -4.32
C LEU A 64 -5.61 5.29 -3.31
N LEU A 65 -4.35 5.44 -3.67
CA LEU A 65 -3.27 5.09 -2.71
C LEU A 65 -2.39 6.32 -2.43
N PRO A 66 -2.21 6.67 -1.19
CA PRO A 66 -1.34 7.81 -0.81
C PRO A 66 0.13 7.43 -0.96
N GLN A 67 0.98 8.34 -1.33
CA GLN A 67 2.41 7.97 -1.50
C GLN A 67 3.32 9.13 -1.11
N CYS A 68 4.46 8.83 -0.54
CA CYS A 68 5.41 9.90 -0.12
C CYS A 68 6.55 10.01 -1.15
N ASP A 69 7.02 11.20 -1.39
CA ASP A 69 8.14 11.37 -2.37
C ASP A 69 9.15 12.40 -1.86
N ARG A 70 10.34 11.98 -1.52
CA ARG A 70 11.37 12.93 -1.03
C ARG A 70 12.10 13.55 -2.22
N ILE A 71 12.11 14.85 -2.31
CA ILE A 71 12.80 15.53 -3.45
C ILE A 71 13.73 16.63 -2.92
N LYS A 72 13.49 17.10 -1.72
CA LYS A 72 14.36 18.17 -1.16
C LYS A 72 14.34 18.10 0.37
N LEU A 73 15.16 18.89 1.02
CA LEU A 73 15.20 18.87 2.51
C LEU A 73 15.70 17.50 2.97
N PRO A 74 15.93 17.31 4.26
CA PRO A 74 16.43 16.01 4.80
C PRO A 74 15.32 14.95 4.94
N CYS A 75 14.48 15.10 5.93
CA CYS A 75 13.38 14.10 6.13
C CYS A 75 12.02 14.73 5.82
N HIS A 76 11.89 15.34 4.68
CA HIS A 76 10.58 15.97 4.30
C HIS A 76 10.09 15.34 2.99
N TYR A 77 8.93 14.75 3.00
CA TYR A 77 8.40 14.11 1.75
C TYR A 77 7.24 14.92 1.19
N LYS A 78 6.86 14.64 -0.03
CA LYS A 78 5.72 15.37 -0.66
C LYS A 78 4.51 14.43 -0.73
N LEU A 79 3.33 14.98 -0.70
CA LEU A 79 2.10 14.11 -0.76
C LEU A 79 1.73 13.85 -2.22
N SER A 80 1.58 12.62 -2.59
CA SER A 80 1.20 12.29 -3.99
C SER A 80 0.29 11.06 -4.00
N SER A 81 -0.91 11.19 -4.47
CA SER A 81 -1.85 10.03 -4.49
C SER A 81 -2.63 10.00 -5.81
N SER A 82 -3.11 8.86 -6.20
CA SER A 82 -3.88 8.78 -7.47
C SER A 82 -4.70 7.48 -7.50
N THR A 83 -5.67 7.41 -8.36
CA THR A 83 -6.52 6.19 -8.43
C THR A 83 -6.15 5.36 -9.66
N ASN A 84 -5.70 4.16 -9.45
CA ASN A 84 -5.32 3.30 -10.62
C ASN A 84 -5.31 1.84 -10.18
N THR A 85 -5.44 0.92 -11.10
CA THR A 85 -5.42 -0.52 -10.73
C THR A 85 -4.03 -0.86 -10.18
N ILE A 86 -3.89 -1.97 -9.52
CA ILE A 86 -2.55 -2.32 -8.96
C ILE A 86 -2.40 -3.85 -8.94
N CYS A 87 -1.19 -4.33 -8.76
CA CYS A 87 -0.96 -5.79 -8.72
C CYS A 87 -0.46 -6.16 -7.32
N ILE A 88 -1.04 -7.16 -6.73
CA ILE A 88 -0.62 -7.54 -5.34
C ILE A 88 -0.67 -9.07 -5.20
N THR A 89 0.08 -9.62 -4.29
CA THR A 89 0.09 -11.11 -4.12
C THR A 89 -0.74 -11.47 -2.89
N CYS A 90 -1.70 -12.35 -3.06
CA CYS A 90 -2.58 -12.77 -1.93
C CYS A 90 -2.61 -14.30 -1.86
N VAL A 91 -2.77 -14.86 -0.69
CA VAL A 91 -2.80 -16.34 -0.55
C VAL A 91 -4.26 -16.83 -0.60
N ASN A 92 -4.58 -17.85 0.14
CA ASN A 92 -5.99 -18.37 0.11
C ASN A 92 -6.97 -17.22 0.23
N GLN A 93 -6.67 -16.30 1.09
CA GLN A 93 -7.58 -15.12 1.28
C GLN A 93 -6.93 -14.12 2.23
N LEU A 94 -5.69 -13.79 2.01
CA LEU A 94 -4.99 -12.82 2.90
C LEU A 94 -3.92 -12.08 2.08
N PRO A 95 -4.08 -10.80 1.85
CA PRO A 95 -3.09 -10.01 1.06
C PRO A 95 -1.84 -9.72 1.89
N ILE A 96 -0.67 -10.02 1.38
CA ILE A 96 0.56 -9.79 2.18
C ILE A 96 1.69 -9.17 1.34
N HIS A 97 1.56 -9.10 0.03
CA HIS A 97 2.68 -8.50 -0.76
C HIS A 97 2.14 -7.50 -1.79
N PHE A 98 2.69 -6.32 -1.81
CA PHE A 98 2.24 -5.29 -2.80
C PHE A 98 3.17 -5.30 -4.01
N ALA A 99 2.66 -5.68 -5.15
CA ALA A 99 3.53 -5.73 -6.37
C ALA A 99 3.92 -4.31 -6.78
N GLY A 100 2.97 -3.53 -7.22
CA GLY A 100 3.30 -2.13 -7.64
C GLY A 100 2.01 -1.39 -8.00
N VAL A 101 2.11 -0.38 -8.82
CA VAL A 101 0.89 0.40 -9.21
C VAL A 101 0.52 0.08 -10.66
N GLY A 102 -0.74 -0.08 -10.94
CA GLY A 102 -1.17 -0.39 -12.33
C GLY A 102 -1.07 -1.91 -12.57
N SER A 103 -1.14 -2.32 -13.81
CA SER A 103 -1.05 -3.77 -14.10
C SER A 103 0.33 -4.31 -13.69
N CYS A 104 0.37 -5.47 -13.11
CA CYS A 104 1.68 -6.05 -12.68
C CYS A 104 2.70 -5.90 -13.83
N PRO A 105 3.94 -5.62 -13.51
CA PRO A 105 5.01 -5.45 -14.53
C PRO A 105 4.86 -6.44 -15.69
N PCA A 1 4.69 -10.15 3.61
CA PCA A 1 5.08 -11.36 4.36
CB PCA A 1 6.42 -11.06 4.93
CG PCA A 1 6.51 -9.68 4.75
CD PCA A 1 5.61 -9.12 3.78
OE PCA A 1 5.57 -7.99 3.18
C PCA A 1 4.07 -11.66 5.47
O PCA A 1 4.26 -12.56 6.24
H PCA A 1 3.82 -10.04 3.17
HA PCA A 1 5.11 -12.23 3.73
HB2 PCA A 1 7.20 -11.58 4.39
HB3 PCA A 1 6.48 -11.35 5.97
HG2 PCA A 1 7.53 -9.46 4.42
HG3 PCA A 1 6.31 -9.20 5.69
N ASP A 2 3.00 -10.90 5.53
CA ASP A 2 1.98 -11.15 6.59
C ASP A 2 0.86 -10.12 6.42
N TRP A 3 -0.37 -10.55 6.41
CA TRP A 3 -1.49 -9.59 6.24
C TRP A 3 -1.40 -8.51 7.32
N GLU A 4 -0.90 -8.85 8.48
CA GLU A 4 -0.78 -7.83 9.56
C GLU A 4 0.15 -6.71 9.09
N THR A 5 1.43 -6.94 9.10
CA THR A 5 2.37 -5.88 8.65
C THR A 5 1.90 -5.34 7.30
N PHE A 6 1.67 -6.21 6.36
CA PHE A 6 1.20 -5.75 5.03
C PHE A 6 0.04 -4.77 5.23
N GLN A 7 -0.63 -4.86 6.35
CA GLN A 7 -1.77 -3.93 6.60
C GLN A 7 -1.25 -2.68 7.32
N LYS A 8 -0.09 -2.78 7.93
CA LYS A 8 0.47 -1.61 8.66
C LYS A 8 1.34 -0.74 7.74
N LYS A 9 2.28 -1.33 7.05
CA LYS A 9 3.18 -0.52 6.17
C LYS A 9 2.55 -0.28 4.79
N HIS A 10 2.11 -1.30 4.11
CA HIS A 10 1.54 -1.09 2.75
C HIS A 10 0.16 -0.42 2.83
N LEU A 11 -0.45 -0.37 3.99
CA LEU A 11 -1.80 0.28 4.09
C LEU A 11 -1.79 1.35 5.18
N THR A 12 -2.63 2.34 5.05
CA THR A 12 -2.69 3.42 6.08
C THR A 12 -4.15 3.65 6.47
N ASP A 13 -4.44 4.75 7.12
CA ASP A 13 -5.85 5.02 7.54
C ASP A 13 -6.38 6.31 6.91
N THR A 14 -5.74 6.82 5.89
CA THR A 14 -6.25 8.08 5.27
C THR A 14 -5.68 8.24 3.85
N LYS A 15 -6.35 8.98 3.02
CA LYS A 15 -5.85 9.19 1.64
C LYS A 15 -4.66 10.16 1.67
N LYS A 16 -4.60 10.97 2.69
CA LYS A 16 -3.47 11.94 2.81
C LYS A 16 -2.64 11.60 4.06
N VAL A 17 -1.98 10.47 4.05
CA VAL A 17 -1.17 10.08 5.24
C VAL A 17 -0.25 11.22 5.65
N LYS A 18 0.35 11.10 6.80
CA LYS A 18 1.28 12.15 7.26
C LYS A 18 2.70 11.67 6.96
N CYS A 19 3.01 11.51 5.70
CA CYS A 19 4.36 11.02 5.30
C CYS A 19 5.43 11.48 6.31
N ASP A 20 5.26 12.64 6.87
CA ASP A 20 6.27 13.15 7.85
C ASP A 20 6.47 12.11 8.94
N VAL A 21 5.41 11.52 9.40
CA VAL A 21 5.53 10.48 10.46
C VAL A 21 5.36 9.10 9.81
N GLU A 22 4.53 9.01 8.81
CA GLU A 22 4.34 7.70 8.12
C GLU A 22 5.72 7.18 7.68
N MET A 23 6.71 8.03 7.75
CA MET A 23 8.09 7.61 7.35
C MET A 23 9.06 7.86 8.51
N ALA A 24 9.00 9.02 9.11
CA ALA A 24 9.92 9.31 10.24
C ALA A 24 9.58 8.39 11.41
N LYS A 25 8.62 7.52 11.23
CA LYS A 25 8.24 6.58 12.33
C LYS A 25 9.47 5.78 12.77
N ALA A 26 9.27 4.67 13.42
CA ALA A 26 10.42 3.83 13.87
C ALA A 26 10.50 2.56 13.02
N LEU A 27 9.46 2.24 12.28
CA LEU A 27 9.51 1.01 11.43
C LEU A 27 10.02 1.37 10.03
N PHE A 28 10.21 2.63 9.77
CA PHE A 28 10.72 3.06 8.43
C PHE A 28 12.09 3.72 8.60
N ASP A 29 12.24 4.54 9.60
CA ASP A 29 13.55 5.23 9.83
C ASP A 29 13.70 6.43 8.90
N CYS A 30 12.67 7.23 8.79
CA CYS A 30 12.74 8.43 7.89
C CYS A 30 13.36 8.03 6.55
N LYS A 31 12.73 7.14 5.83
CA LYS A 31 13.29 6.72 4.51
C LYS A 31 13.29 7.92 3.56
N LYS A 32 13.05 7.69 2.30
CA LYS A 32 13.03 8.80 1.31
C LYS A 32 11.81 8.64 0.39
N THR A 33 11.41 7.42 0.14
CA THR A 33 10.23 7.18 -0.74
C THR A 33 9.36 6.11 -0.10
N ASN A 34 8.06 6.19 -0.26
CA ASN A 34 7.17 5.17 0.36
C ASN A 34 5.81 5.17 -0.33
N THR A 35 5.14 4.05 -0.31
CA THR A 35 3.80 3.95 -0.94
C THR A 35 2.86 3.19 -0.01
N PHE A 36 1.57 3.43 -0.11
CA PHE A 36 0.60 2.70 0.77
C PHE A 36 -0.74 2.63 0.05
N ILE A 37 -1.71 1.97 0.62
CA ILE A 37 -3.04 1.87 -0.06
C ILE A 37 -4.13 2.39 0.87
N TYR A 38 -5.05 3.17 0.35
CA TYR A 38 -6.13 3.72 1.21
C TYR A 38 -7.37 2.83 1.05
N ALA A 39 -7.59 1.93 1.97
CA ALA A 39 -8.78 1.03 1.88
C ALA A 39 -9.19 0.59 3.29
N LEU A 40 -10.45 0.31 3.48
CA LEU A 40 -10.90 -0.13 4.83
C LEU A 40 -10.56 -1.62 5.02
N PRO A 41 -10.18 -2.01 6.22
CA PRO A 41 -9.78 -3.41 6.54
C PRO A 41 -10.63 -4.47 5.83
N GLY A 42 -11.93 -4.41 6.00
CA GLY A 42 -12.81 -5.44 5.37
C GLY A 42 -12.62 -5.43 3.85
N ARG A 43 -12.49 -4.28 3.26
CA ARG A 43 -12.33 -4.20 1.78
C ARG A 43 -11.02 -4.90 1.35
N VAL A 44 -10.03 -4.91 2.20
CA VAL A 44 -8.74 -5.57 1.81
C VAL A 44 -8.88 -7.08 1.92
N LYS A 45 -9.23 -7.59 3.08
CA LYS A 45 -9.38 -9.06 3.23
C LYS A 45 -10.54 -9.53 2.36
N ALA A 46 -11.40 -8.63 1.99
CA ALA A 46 -12.57 -8.99 1.14
C ALA A 46 -12.09 -9.21 -0.29
N LEU A 47 -11.16 -8.42 -0.75
CA LEU A 47 -10.66 -8.57 -2.14
C LEU A 47 -9.77 -9.82 -2.22
N CYS A 48 -9.54 -10.48 -1.11
CA CYS A 48 -8.70 -11.70 -1.11
C CYS A 48 -9.59 -12.92 -0.87
N LYS A 49 -10.81 -12.69 -0.48
CA LYS A 49 -11.74 -13.83 -0.22
C LYS A 49 -12.01 -14.56 -1.53
N ASN A 50 -12.46 -15.79 -1.46
CA ASN A 50 -12.75 -16.56 -2.70
C ASN A 50 -11.44 -16.99 -3.36
N ILE A 51 -10.37 -16.28 -3.11
CA ILE A 51 -9.06 -16.67 -3.72
C ILE A 51 -8.76 -18.13 -3.38
N ARG A 52 -7.67 -18.67 -3.86
CA ARG A 52 -7.33 -20.09 -3.56
C ARG A 52 -5.94 -20.20 -2.95
N ASP A 53 -5.01 -19.40 -3.42
CA ASP A 53 -3.63 -19.50 -2.86
C ASP A 53 -2.78 -18.33 -3.36
N ASN A 54 -1.49 -18.49 -3.29
CA ASN A 54 -0.57 -17.40 -3.75
C ASN A 54 -0.75 -17.16 -5.25
N THR A 55 -1.32 -16.06 -5.62
CA THR A 55 -1.52 -15.75 -7.05
C THR A 55 -1.54 -14.23 -7.24
N ASP A 56 -1.23 -13.76 -8.42
CA ASP A 56 -1.22 -12.29 -8.65
C ASP A 56 -2.62 -11.82 -9.02
N VAL A 57 -3.21 -10.99 -8.21
CA VAL A 57 -4.58 -10.48 -8.51
C VAL A 57 -4.48 -9.06 -9.06
N LEU A 58 -5.56 -8.56 -9.62
CA LEU A 58 -5.55 -7.19 -10.22
C LEU A 58 -6.82 -6.45 -9.78
N SER A 59 -6.71 -5.23 -9.31
CA SER A 59 -7.93 -4.50 -8.90
C SER A 59 -8.91 -4.48 -10.07
N ARG A 60 -10.19 -4.39 -9.80
CA ARG A 60 -11.20 -4.40 -10.89
C ARG A 60 -11.35 -3.02 -11.52
N ASP A 61 -10.62 -2.04 -11.05
CA ASP A 61 -10.76 -0.69 -11.64
C ASP A 61 -9.60 0.21 -11.19
N ALA A 62 -9.77 0.91 -10.11
CA ALA A 62 -8.69 1.80 -9.62
C ALA A 62 -8.65 1.83 -8.09
N PHE A 63 -7.60 2.36 -7.54
CA PHE A 63 -7.50 2.42 -6.05
C PHE A 63 -6.68 3.67 -5.67
N LEU A 64 -7.20 4.47 -4.78
CA LEU A 64 -6.48 5.70 -4.37
C LEU A 64 -5.41 5.35 -3.34
N LEU A 65 -4.15 5.50 -3.69
CA LEU A 65 -3.08 5.16 -2.72
C LEU A 65 -2.21 6.40 -2.46
N PRO A 66 -1.92 6.69 -1.21
CA PRO A 66 -1.05 7.83 -0.85
C PRO A 66 0.41 7.48 -1.15
N GLN A 67 1.24 8.44 -1.46
CA GLN A 67 2.66 8.12 -1.77
C GLN A 67 3.58 9.24 -1.28
N CYS A 68 4.61 8.91 -0.56
CA CYS A 68 5.55 9.96 -0.08
C CYS A 68 6.76 10.05 -1.01
N ASP A 69 7.21 11.24 -1.31
CA ASP A 69 8.39 11.39 -2.22
C ASP A 69 9.35 12.44 -1.66
N ARG A 70 10.54 12.02 -1.27
CA ARG A 70 11.52 12.99 -0.73
C ARG A 70 12.21 13.72 -1.88
N ILE A 71 12.18 15.02 -1.87
CA ILE A 71 12.84 15.81 -2.97
C ILE A 71 13.62 16.98 -2.38
N LYS A 72 13.20 17.48 -1.24
CA LYS A 72 13.93 18.63 -0.63
C LYS A 72 14.03 18.42 0.89
N LEU A 73 14.74 19.29 1.56
CA LEU A 73 14.91 19.15 3.03
C LEU A 73 15.53 17.79 3.35
N PRO A 74 15.85 17.55 4.61
CA PRO A 74 16.47 16.26 5.03
C PRO A 74 15.44 15.15 5.27
N CYS A 75 14.57 15.32 6.23
CA CYS A 75 13.55 14.27 6.51
C CYS A 75 12.15 14.79 6.16
N HIS A 76 11.99 15.34 4.99
CA HIS A 76 10.65 15.86 4.57
C HIS A 76 10.20 15.12 3.32
N TYR A 77 8.92 15.02 3.10
CA TYR A 77 8.43 14.30 1.89
C TYR A 77 7.28 15.07 1.23
N LYS A 78 6.96 14.73 0.01
CA LYS A 78 5.85 15.42 -0.70
C LYS A 78 4.64 14.48 -0.77
N LEU A 79 3.45 14.99 -0.60
CA LEU A 79 2.24 14.13 -0.64
C LEU A 79 1.78 13.97 -2.09
N SER A 80 1.70 12.75 -2.56
CA SER A 80 1.24 12.52 -3.97
C SER A 80 0.42 11.22 -4.01
N SER A 81 -0.79 11.29 -4.50
CA SER A 81 -1.64 10.06 -4.56
C SER A 81 -2.39 10.01 -5.89
N SER A 82 -2.87 8.86 -6.27
CA SER A 82 -3.62 8.74 -7.56
C SER A 82 -4.46 7.47 -7.55
N THR A 83 -5.42 7.38 -8.42
CA THR A 83 -6.29 6.18 -8.47
C THR A 83 -5.95 5.33 -9.67
N ASN A 84 -5.55 4.10 -9.45
CA ASN A 84 -5.20 3.20 -10.59
C ASN A 84 -5.25 1.75 -10.13
N THR A 85 -5.45 0.83 -11.05
CA THR A 85 -5.50 -0.60 -10.64
C THR A 85 -4.13 -1.01 -10.10
N ILE A 86 -4.10 -1.95 -9.20
CA ILE A 86 -2.78 -2.38 -8.62
C ILE A 86 -2.69 -3.91 -8.64
N CYS A 87 -1.52 -4.44 -8.80
CA CYS A 87 -1.35 -5.92 -8.80
C CYS A 87 -0.75 -6.34 -7.46
N ILE A 88 -1.26 -7.37 -6.84
CA ILE A 88 -0.70 -7.80 -5.53
C ILE A 88 -0.81 -9.31 -5.41
N THR A 89 0.01 -9.91 -4.57
CA THR A 89 -0.05 -11.39 -4.41
C THR A 89 -0.79 -11.73 -3.12
N CYS A 90 -1.81 -12.57 -3.22
CA CYS A 90 -2.60 -12.96 -2.03
C CYS A 90 -2.61 -14.48 -1.90
N VAL A 91 -2.57 -14.99 -0.68
CA VAL A 91 -2.57 -16.47 -0.49
C VAL A 91 -4.00 -17.00 -0.52
N ASN A 92 -4.32 -17.98 0.28
CA ASN A 92 -5.70 -18.55 0.29
C ASN A 92 -6.72 -17.42 0.36
N GLN A 93 -6.47 -16.46 1.19
CA GLN A 93 -7.40 -15.31 1.32
C GLN A 93 -6.79 -14.26 2.25
N LEU A 94 -5.55 -13.92 2.02
CA LEU A 94 -4.88 -12.90 2.87
C LEU A 94 -3.83 -12.18 2.01
N PRO A 95 -3.97 -10.89 1.80
CA PRO A 95 -3.00 -10.10 0.98
C PRO A 95 -1.71 -9.84 1.75
N ILE A 96 -0.57 -10.05 1.14
CA ILE A 96 0.71 -9.83 1.89
C ILE A 96 1.82 -9.28 0.98
N HIS A 97 1.68 -9.34 -0.33
CA HIS A 97 2.79 -8.81 -1.19
C HIS A 97 2.26 -7.72 -2.13
N PHE A 98 2.91 -6.58 -2.15
CA PHE A 98 2.48 -5.47 -3.03
C PHE A 98 3.32 -5.49 -4.30
N ALA A 99 2.74 -5.89 -5.40
CA ALA A 99 3.51 -5.93 -6.68
C ALA A 99 4.02 -4.53 -7.03
N GLY A 100 3.14 -3.67 -7.50
CA GLY A 100 3.57 -2.30 -7.87
C GLY A 100 2.34 -1.44 -8.19
N VAL A 101 2.49 -0.48 -9.08
CA VAL A 101 1.34 0.38 -9.44
C VAL A 101 0.74 -0.08 -10.77
N GLY A 102 -0.49 0.27 -11.03
CA GLY A 102 -1.13 -0.15 -12.31
C GLY A 102 -1.25 -1.68 -12.34
N SER A 103 -1.56 -2.23 -13.48
CA SER A 103 -1.69 -3.72 -13.58
C SER A 103 -0.32 -4.35 -13.79
N CYS A 104 -0.07 -5.48 -13.19
CA CYS A 104 1.26 -6.14 -13.36
C CYS A 104 1.44 -6.53 -14.83
N PRO A 105 2.66 -6.63 -15.29
CA PRO A 105 2.96 -7.01 -16.71
C PRO A 105 2.63 -8.48 -16.99
N PCA A 1 4.37 -9.69 3.21
CA PCA A 1 4.81 -10.95 3.80
CB PCA A 1 6.22 -10.72 4.25
CG PCA A 1 6.36 -9.34 4.07
CD PCA A 1 5.38 -8.73 3.21
OE PCA A 1 5.35 -7.62 2.58
C PCA A 1 3.93 -11.34 4.97
O PCA A 1 4.18 -12.31 5.65
H PCA A 1 3.43 -9.49 3.00
HA PCA A 1 4.77 -11.76 3.09
HB2 PCA A 1 6.92 -11.28 3.64
HB3 PCA A 1 6.36 -11.02 5.28
HG2 PCA A 1 7.34 -9.16 3.63
HG3 PCA A 1 6.28 -8.86 5.03
N ASP A 2 2.88 -10.60 5.19
CA ASP A 2 1.94 -10.90 6.31
C ASP A 2 0.80 -9.89 6.26
N TRP A 3 -0.39 -10.31 5.92
CA TRP A 3 -1.54 -9.36 5.85
C TRP A 3 -1.49 -8.39 7.03
N GLU A 4 -0.94 -8.79 8.13
CA GLU A 4 -0.87 -7.88 9.30
C GLU A 4 0.00 -6.66 8.95
N THR A 5 1.30 -6.79 8.98
CA THR A 5 2.15 -5.62 8.65
C THR A 5 1.69 -5.02 7.32
N PHE A 6 1.47 -5.85 6.33
CA PHE A 6 1.00 -5.32 5.02
C PHE A 6 -0.22 -4.42 5.28
N GLN A 7 -0.90 -4.64 6.36
CA GLN A 7 -2.09 -3.80 6.68
C GLN A 7 -1.62 -2.61 7.52
N LYS A 8 -0.46 -2.71 8.11
CA LYS A 8 0.04 -1.59 8.97
C LYS A 8 0.86 -0.59 8.14
N LYS A 9 1.84 -1.06 7.40
CA LYS A 9 2.70 -0.12 6.62
C LYS A 9 2.13 0.14 5.22
N HIS A 10 1.84 -0.89 4.47
CA HIS A 10 1.30 -0.67 3.08
C HIS A 10 -0.07 -0.02 3.12
N LEU A 11 -0.75 -0.06 4.24
CA LEU A 11 -2.12 0.57 4.30
C LEU A 11 -2.14 1.65 5.38
N THR A 12 -2.91 2.70 5.14
CA THR A 12 -3.00 3.79 6.16
C THR A 12 -4.47 4.04 6.48
N ASP A 13 -4.79 5.15 7.10
CA ASP A 13 -6.20 5.44 7.45
C ASP A 13 -6.68 6.73 6.78
N THR A 14 -5.90 7.31 5.89
CA THR A 14 -6.36 8.57 5.24
C THR A 14 -5.80 8.66 3.82
N LYS A 15 -6.47 9.36 2.95
CA LYS A 15 -5.99 9.50 1.55
C LYS A 15 -4.79 10.44 1.53
N LYS A 16 -4.60 11.19 2.59
CA LYS A 16 -3.45 12.13 2.66
C LYS A 16 -2.63 11.83 3.92
N VAL A 17 -1.97 10.71 3.95
CA VAL A 17 -1.16 10.35 5.16
C VAL A 17 -0.23 11.49 5.52
N LYS A 18 0.37 11.39 6.67
CA LYS A 18 1.33 12.43 7.11
C LYS A 18 2.74 11.92 6.83
N CYS A 19 3.07 11.77 5.58
CA CYS A 19 4.42 11.25 5.19
C CYS A 19 5.48 11.62 6.24
N ASP A 20 5.44 12.81 6.77
CA ASP A 20 6.45 13.22 7.78
C ASP A 20 6.58 12.12 8.84
N VAL A 21 5.49 11.55 9.25
CA VAL A 21 5.54 10.45 10.27
C VAL A 21 5.33 9.12 9.56
N GLU A 22 4.50 9.09 8.54
CA GLU A 22 4.28 7.81 7.81
C GLU A 22 5.61 7.35 7.23
N MET A 23 6.64 8.12 7.46
CA MET A 23 7.99 7.76 6.94
C MET A 23 9.02 7.89 8.07
N ALA A 24 8.98 8.95 8.81
CA ALA A 24 9.97 9.13 9.91
C ALA A 24 9.54 8.29 11.11
N LYS A 25 8.53 7.49 10.96
CA LYS A 25 8.06 6.64 12.09
C LYS A 25 9.22 5.78 12.60
N ALA A 26 8.93 4.76 13.35
CA ALA A 26 10.01 3.87 13.87
C ALA A 26 10.08 2.59 13.04
N LEU A 27 9.06 2.30 12.26
CA LEU A 27 9.09 1.06 11.43
C LEU A 27 9.63 1.40 10.03
N PHE A 28 9.90 2.64 9.77
CA PHE A 28 10.44 3.05 8.43
C PHE A 28 11.87 3.55 8.59
N ASP A 29 12.10 4.44 9.53
CA ASP A 29 13.47 4.99 9.75
C ASP A 29 13.71 6.18 8.80
N CYS A 30 12.66 6.92 8.51
CA CYS A 30 12.80 8.10 7.62
C CYS A 30 13.44 7.70 6.29
N LYS A 31 12.78 6.85 5.53
CA LYS A 31 13.34 6.43 4.22
C LYS A 31 13.36 7.63 3.27
N LYS A 32 12.98 7.43 2.04
CA LYS A 32 12.96 8.56 1.05
C LYS A 32 11.73 8.42 0.14
N THR A 33 11.33 7.21 -0.15
CA THR A 33 10.15 7.00 -1.03
C THR A 33 9.26 5.90 -0.42
N ASN A 34 7.98 5.97 -0.63
CA ASN A 34 7.10 4.93 -0.04
C ASN A 34 5.68 5.02 -0.63
N THR A 35 4.97 3.94 -0.66
CA THR A 35 3.59 3.94 -1.20
C THR A 35 2.65 3.25 -0.21
N PHE A 36 1.40 3.59 -0.22
CA PHE A 36 0.43 2.92 0.71
C PHE A 36 -0.92 2.84 0.03
N ILE A 37 -1.88 2.15 0.61
CA ILE A 37 -3.22 2.03 -0.02
C ILE A 37 -4.28 2.57 0.93
N TYR A 38 -5.20 3.36 0.42
CA TYR A 38 -6.27 3.93 1.29
C TYR A 38 -7.55 3.09 1.12
N ALA A 39 -7.82 2.21 2.04
CA ALA A 39 -9.04 1.37 1.92
C ALA A 39 -9.35 0.73 3.27
N LEU A 40 -10.56 0.24 3.45
CA LEU A 40 -10.92 -0.41 4.75
C LEU A 40 -10.44 -1.87 4.72
N PRO A 41 -10.07 -2.40 5.85
CA PRO A 41 -9.54 -3.81 5.95
C PRO A 41 -10.54 -4.87 5.44
N GLY A 42 -11.73 -4.89 5.98
CA GLY A 42 -12.73 -5.91 5.53
C GLY A 42 -12.75 -5.98 4.00
N ARG A 43 -12.82 -4.85 3.34
CA ARG A 43 -12.87 -4.84 1.85
C ARG A 43 -11.54 -5.36 1.29
N VAL A 44 -10.46 -5.15 2.01
CA VAL A 44 -9.14 -5.62 1.50
C VAL A 44 -9.03 -7.13 1.68
N LYS A 45 -9.17 -7.61 2.89
CA LYS A 45 -9.08 -9.08 3.12
C LYS A 45 -10.24 -9.77 2.42
N ALA A 46 -11.28 -9.03 2.12
CA ALA A 46 -12.46 -9.62 1.43
C ALA A 46 -12.10 -9.93 -0.03
N LEU A 47 -11.45 -9.00 -0.70
CA LEU A 47 -11.08 -9.22 -2.11
C LEU A 47 -10.16 -10.46 -2.21
N CYS A 48 -9.87 -11.09 -1.10
CA CYS A 48 -9.00 -12.30 -1.13
C CYS A 48 -9.84 -13.52 -0.76
N LYS A 49 -11.13 -13.39 -0.82
CA LYS A 49 -12.00 -14.55 -0.46
C LYS A 49 -12.24 -15.42 -1.70
N ASN A 50 -12.25 -16.72 -1.52
CA ASN A 50 -12.48 -17.63 -2.68
C ASN A 50 -11.22 -17.71 -3.54
N ILE A 51 -10.22 -16.95 -3.22
CA ILE A 51 -8.96 -17.00 -4.03
C ILE A 51 -8.13 -18.22 -3.63
N ARG A 52 -7.07 -18.47 -4.33
CA ARG A 52 -6.21 -19.65 -4.01
C ARG A 52 -4.97 -19.19 -3.25
N ASP A 53 -3.95 -20.01 -3.21
CA ASP A 53 -2.71 -19.63 -2.47
C ASP A 53 -2.13 -18.34 -3.03
N ASN A 54 -0.83 -18.21 -2.96
CA ASN A 54 -0.17 -16.97 -3.47
C ASN A 54 -0.38 -16.86 -4.97
N THR A 55 -1.14 -15.88 -5.39
CA THR A 55 -1.39 -15.69 -6.84
C THR A 55 -1.46 -14.19 -7.15
N ASP A 56 -1.19 -13.81 -8.37
CA ASP A 56 -1.23 -12.35 -8.71
C ASP A 56 -2.68 -11.91 -8.95
N VAL A 57 -3.11 -10.87 -8.29
CA VAL A 57 -4.50 -10.37 -8.48
C VAL A 57 -4.46 -8.91 -8.95
N LEU A 58 -5.57 -8.40 -9.40
CA LEU A 58 -5.60 -6.99 -9.91
C LEU A 58 -6.80 -6.26 -9.28
N SER A 59 -6.62 -5.03 -8.85
CA SER A 59 -7.78 -4.31 -8.24
C SER A 59 -8.95 -4.31 -9.22
N ARG A 60 -10.11 -3.91 -8.78
CA ARG A 60 -11.30 -3.90 -9.68
C ARG A 60 -11.12 -2.88 -10.80
N ASP A 61 -10.78 -1.67 -10.45
CA ASP A 61 -10.60 -0.62 -11.49
C ASP A 61 -9.52 0.37 -11.06
N ALA A 62 -9.74 1.09 -10.00
CA ALA A 62 -8.73 2.07 -9.53
C ALA A 62 -8.76 2.16 -8.00
N PHE A 63 -7.70 2.65 -7.41
CA PHE A 63 -7.65 2.76 -5.93
C PHE A 63 -6.80 3.98 -5.54
N LEU A 64 -7.29 4.80 -4.67
CA LEU A 64 -6.53 6.00 -4.25
C LEU A 64 -5.44 5.59 -3.25
N LEU A 65 -4.19 5.68 -3.63
CA LEU A 65 -3.11 5.29 -2.68
C LEU A 65 -2.20 6.49 -2.41
N PRO A 66 -2.03 6.87 -1.17
CA PRO A 66 -1.12 7.98 -0.80
C PRO A 66 0.33 7.54 -0.90
N GLN A 67 1.24 8.41 -1.23
CA GLN A 67 2.66 7.99 -1.34
C GLN A 67 3.59 9.12 -0.92
N CYS A 68 4.73 8.78 -0.34
CA CYS A 68 5.70 9.83 0.10
C CYS A 68 6.84 9.92 -0.90
N ASP A 69 7.29 11.11 -1.21
CA ASP A 69 8.41 11.26 -2.19
C ASP A 69 9.42 12.28 -1.67
N ARG A 70 10.64 11.87 -1.43
CA ARG A 70 11.68 12.82 -0.94
C ARG A 70 12.04 13.80 -2.05
N ILE A 71 12.20 15.05 -1.72
CA ILE A 71 12.57 16.07 -2.77
C ILE A 71 13.56 17.07 -2.18
N LYS A 72 13.42 17.41 -0.92
CA LYS A 72 14.36 18.38 -0.30
C LYS A 72 14.54 18.05 1.18
N LEU A 73 15.43 18.74 1.84
CA LEU A 73 15.67 18.47 3.29
C LEU A 73 16.15 17.02 3.44
N PRO A 74 16.52 16.60 4.62
CA PRO A 74 17.00 15.22 4.88
C PRO A 74 15.88 14.27 5.30
N CYS A 75 14.90 14.76 6.00
CA CYS A 75 13.78 13.87 6.44
C CYS A 75 12.43 14.54 6.13
N HIS A 76 12.19 14.85 4.89
CA HIS A 76 10.90 15.50 4.51
C HIS A 76 10.45 14.94 3.16
N TYR A 77 9.17 14.77 2.95
CA TYR A 77 8.71 14.21 1.65
C TYR A 77 7.49 14.99 1.15
N LYS A 78 7.07 14.72 -0.06
CA LYS A 78 5.89 15.42 -0.62
C LYS A 78 4.72 14.43 -0.67
N LEU A 79 3.52 14.93 -0.55
CA LEU A 79 2.33 14.02 -0.57
C LEU A 79 1.82 13.87 -2.00
N SER A 80 1.89 12.69 -2.55
CA SER A 80 1.41 12.46 -3.94
C SER A 80 0.52 11.21 -3.96
N SER A 81 -0.65 11.31 -4.53
CA SER A 81 -1.56 10.13 -4.57
C SER A 81 -2.33 10.11 -5.88
N SER A 82 -2.89 8.99 -6.24
CA SER A 82 -3.66 8.91 -7.51
C SER A 82 -4.51 7.64 -7.50
N THR A 83 -5.48 7.56 -8.37
CA THR A 83 -6.36 6.38 -8.41
C THR A 83 -5.97 5.48 -9.58
N ASN A 84 -5.56 4.27 -9.30
CA ASN A 84 -5.17 3.33 -10.39
C ASN A 84 -5.23 1.90 -9.88
N THR A 85 -5.38 0.94 -10.76
CA THR A 85 -5.44 -0.47 -10.30
C THR A 85 -4.04 -0.89 -9.84
N ILE A 86 -3.94 -1.86 -8.97
CA ILE A 86 -2.61 -2.31 -8.49
C ILE A 86 -2.56 -3.83 -8.47
N CYS A 87 -1.41 -4.40 -8.71
CA CYS A 87 -1.30 -5.89 -8.70
C CYS A 87 -0.68 -6.31 -7.37
N ILE A 88 -1.21 -7.32 -6.74
CA ILE A 88 -0.66 -7.75 -5.43
C ILE A 88 -0.79 -9.27 -5.30
N THR A 89 0.05 -9.89 -4.51
CA THR A 89 -0.03 -11.36 -4.36
C THR A 89 -0.81 -11.69 -3.08
N CYS A 90 -1.77 -12.58 -3.17
CA CYS A 90 -2.59 -12.96 -1.99
C CYS A 90 -2.51 -14.48 -1.77
N VAL A 91 -2.27 -14.90 -0.56
CA VAL A 91 -2.16 -16.36 -0.28
C VAL A 91 -3.54 -17.02 -0.39
N ASN A 92 -3.75 -18.09 0.32
CA ASN A 92 -5.06 -18.80 0.27
C ASN A 92 -6.21 -17.78 0.33
N GLN A 93 -6.01 -16.75 1.07
CA GLN A 93 -7.07 -15.72 1.19
C GLN A 93 -6.56 -14.59 2.11
N LEU A 94 -5.37 -14.12 1.87
CA LEU A 94 -4.81 -13.04 2.72
C LEU A 94 -3.83 -12.19 1.87
N PRO A 95 -4.14 -10.95 1.62
CA PRO A 95 -3.25 -10.05 0.81
C PRO A 95 -2.05 -9.57 1.61
N ILE A 96 -0.84 -9.78 1.13
CA ILE A 96 0.34 -9.34 1.91
C ILE A 96 1.49 -8.88 1.00
N HIS A 97 1.40 -9.03 -0.30
CA HIS A 97 2.54 -8.59 -1.16
C HIS A 97 2.12 -7.44 -2.09
N PHE A 98 2.92 -6.40 -2.15
CA PHE A 98 2.59 -5.24 -3.03
C PHE A 98 3.43 -5.34 -4.31
N ALA A 99 2.84 -5.81 -5.37
CA ALA A 99 3.60 -5.93 -6.65
C ALA A 99 4.16 -4.56 -7.06
N GLY A 100 3.31 -3.69 -7.55
CA GLY A 100 3.79 -2.34 -7.96
C GLY A 100 2.60 -1.44 -8.27
N VAL A 101 2.78 -0.46 -9.10
CA VAL A 101 1.66 0.46 -9.44
C VAL A 101 0.96 -0.03 -10.72
N GLY A 102 -0.26 0.38 -10.93
CA GLY A 102 -0.99 -0.06 -12.15
C GLY A 102 -1.10 -1.58 -12.15
N SER A 103 -1.57 -2.15 -13.24
CA SER A 103 -1.71 -3.64 -13.30
C SER A 103 -0.35 -4.28 -13.56
N CYS A 104 -0.19 -5.51 -13.19
CA CYS A 104 1.12 -6.19 -13.42
C CYS A 104 1.22 -6.63 -14.88
N PRO A 105 2.41 -6.75 -15.40
CA PRO A 105 2.63 -7.16 -16.82
C PRO A 105 2.26 -8.64 -17.05
N PCA A 1 4.62 -10.24 3.36
CA PCA A 1 4.99 -11.46 4.08
CB PCA A 1 6.43 -11.28 4.44
CG PCA A 1 6.65 -9.94 4.17
CD PCA A 1 5.67 -9.32 3.30
OE PCA A 1 5.67 -8.25 2.61
C PCA A 1 4.14 -11.65 5.31
O PCA A 1 4.39 -12.53 6.11
H PCA A 1 3.70 -10.02 3.11
HA PCA A 1 4.87 -12.34 3.46
HB2 PCA A 1 7.07 -11.91 3.85
HB3 PCA A 1 6.60 -11.53 5.48
HG2 PCA A 1 7.62 -9.83 3.71
HG3 PCA A 1 6.61 -9.39 5.10
N ASP A 2 3.12 -10.85 5.47
CA ASP A 2 2.23 -10.97 6.65
C ASP A 2 1.13 -9.92 6.56
N TRP A 3 -0.10 -10.35 6.41
CA TRP A 3 -1.22 -9.37 6.29
C TRP A 3 -1.08 -8.28 7.36
N GLU A 4 -0.46 -8.60 8.46
CA GLU A 4 -0.28 -7.57 9.52
C GLU A 4 0.61 -6.45 8.98
N THR A 5 1.89 -6.67 8.94
CA THR A 5 2.80 -5.60 8.41
C THR A 5 2.27 -5.14 7.06
N PHE A 6 2.00 -6.05 6.16
CA PHE A 6 1.47 -5.66 4.84
C PHE A 6 0.31 -4.67 5.04
N GLN A 7 -0.33 -4.73 6.19
CA GLN A 7 -1.46 -3.80 6.45
C GLN A 7 -0.91 -2.53 7.11
N LYS A 8 0.27 -2.60 7.66
CA LYS A 8 0.85 -1.41 8.34
C LYS A 8 1.67 -0.56 7.37
N LYS A 9 2.55 -1.16 6.60
CA LYS A 9 3.39 -0.36 5.67
C LYS A 9 2.73 -0.20 4.30
N HIS A 10 2.15 -1.23 3.75
CA HIS A 10 1.53 -1.10 2.39
C HIS A 10 0.12 -0.51 2.48
N LEU A 11 -0.42 -0.32 3.66
CA LEU A 11 -1.80 0.25 3.74
C LEU A 11 -1.91 1.22 4.91
N THR A 12 -2.86 2.12 4.83
CA THR A 12 -3.07 3.10 5.94
C THR A 12 -4.56 3.28 6.18
N ASP A 13 -4.95 4.34 6.85
CA ASP A 13 -6.41 4.56 7.13
C ASP A 13 -6.88 5.88 6.52
N THR A 14 -6.02 6.60 5.84
CA THR A 14 -6.47 7.90 5.25
C THR A 14 -5.87 8.09 3.86
N LYS A 15 -6.53 8.83 3.01
CA LYS A 15 -6.00 9.07 1.64
C LYS A 15 -4.83 10.05 1.72
N LYS A 16 -4.74 10.79 2.78
CA LYS A 16 -3.63 11.77 2.94
C LYS A 16 -2.81 11.41 4.19
N VAL A 17 -2.14 10.28 4.15
CA VAL A 17 -1.33 9.87 5.33
C VAL A 17 -0.41 10.99 5.75
N LYS A 18 0.21 10.85 6.88
CA LYS A 18 1.16 11.88 7.36
C LYS A 18 2.57 11.39 7.04
N CYS A 19 2.89 11.31 5.78
CA CYS A 19 4.23 10.81 5.35
C CYS A 19 5.31 11.23 6.37
N ASP A 20 5.16 12.37 6.99
CA ASP A 20 6.17 12.83 7.98
C ASP A 20 6.43 11.71 8.99
N VAL A 21 5.39 11.04 9.40
CA VAL A 21 5.56 9.93 10.38
C VAL A 21 5.42 8.60 9.62
N GLU A 22 4.60 8.57 8.61
CA GLU A 22 4.44 7.31 7.83
C GLU A 22 5.82 6.90 7.31
N MET A 23 6.79 7.76 7.49
CA MET A 23 8.18 7.46 7.02
C MET A 23 9.16 7.65 8.17
N ALA A 24 9.04 8.73 8.90
CA ALA A 24 9.97 8.95 10.04
C ALA A 24 9.68 7.94 11.15
N LYS A 25 8.76 7.04 10.93
CA LYS A 25 8.43 6.03 11.97
C LYS A 25 9.71 5.29 12.37
N ALA A 26 9.57 4.18 13.04
CA ALA A 26 10.77 3.40 13.46
C ALA A 26 10.95 2.19 12.54
N LEU A 27 9.95 1.87 11.76
CA LEU A 27 10.07 0.70 10.83
C LEU A 27 10.47 1.19 9.44
N PHE A 28 10.62 2.47 9.27
CA PHE A 28 11.03 3.03 7.94
C PHE A 28 12.38 3.73 8.08
N ASP A 29 12.60 4.40 9.18
CA ASP A 29 13.90 5.10 9.39
C ASP A 29 13.97 6.35 8.50
N CYS A 30 12.90 7.11 8.44
CA CYS A 30 12.89 8.34 7.60
C CYS A 30 13.51 8.04 6.23
N LYS A 31 12.89 7.18 5.47
CA LYS A 31 13.46 6.84 4.13
C LYS A 31 13.38 8.07 3.22
N LYS A 32 13.07 7.88 1.97
CA LYS A 32 12.98 9.03 1.02
C LYS A 32 11.69 8.91 0.20
N THR A 33 11.23 7.71 -0.03
CA THR A 33 9.97 7.51 -0.81
C THR A 33 9.13 6.43 -0.13
N ASN A 34 7.83 6.49 -0.28
CA ASN A 34 6.96 5.47 0.38
C ASN A 34 5.62 5.39 -0.35
N THR A 35 4.98 4.25 -0.29
CA THR A 35 3.65 4.10 -0.96
C THR A 35 2.72 3.27 -0.09
N PHE A 36 1.44 3.49 -0.19
CA PHE A 36 0.47 2.71 0.62
C PHE A 36 -0.86 2.67 -0.12
N ILE A 37 -1.84 1.97 0.40
CA ILE A 37 -3.17 1.90 -0.29
C ILE A 37 -4.26 2.40 0.66
N TYR A 38 -5.14 3.23 0.17
CA TYR A 38 -6.23 3.76 1.05
C TYR A 38 -7.43 2.81 0.99
N ALA A 39 -7.53 1.90 1.92
CA ALA A 39 -8.67 0.95 1.92
C ALA A 39 -8.99 0.54 3.35
N LEU A 40 -10.23 0.24 3.64
CA LEU A 40 -10.59 -0.17 5.03
C LEU A 40 -10.42 -1.69 5.17
N PRO A 41 -10.02 -2.15 6.34
CA PRO A 41 -9.77 -3.59 6.59
C PRO A 41 -10.79 -4.51 5.91
N GLY A 42 -12.05 -4.30 6.15
CA GLY A 42 -13.10 -5.16 5.53
C GLY A 42 -12.92 -5.20 4.01
N ARG A 43 -12.84 -4.06 3.38
CA ARG A 43 -12.68 -4.04 1.89
C ARG A 43 -11.36 -4.72 1.49
N VAL A 44 -10.36 -4.66 2.32
CA VAL A 44 -9.06 -5.30 1.95
C VAL A 44 -9.16 -6.82 2.12
N LYS A 45 -9.49 -7.27 3.30
CA LYS A 45 -9.61 -8.75 3.52
C LYS A 45 -10.77 -9.28 2.69
N ALA A 46 -11.66 -8.43 2.28
CA ALA A 46 -12.83 -8.87 1.47
C ALA A 46 -12.39 -9.11 0.03
N LEU A 47 -11.49 -8.29 -0.47
CA LEU A 47 -11.03 -8.47 -1.88
C LEU A 47 -10.29 -9.80 -2.01
N CYS A 48 -10.17 -10.55 -0.94
CA CYS A 48 -9.46 -11.85 -1.01
C CYS A 48 -10.30 -12.93 -0.32
N LYS A 49 -11.60 -12.85 -0.44
CA LYS A 49 -12.47 -13.87 0.22
C LYS A 49 -12.68 -15.06 -0.72
N ASN A 50 -12.43 -16.25 -0.24
CA ASN A 50 -12.62 -17.47 -1.08
C ASN A 50 -11.43 -17.66 -2.03
N ILE A 51 -10.40 -16.90 -1.87
CA ILE A 51 -9.22 -17.06 -2.78
C ILE A 51 -8.71 -18.50 -2.71
N ARG A 52 -7.74 -18.83 -3.52
CA ARG A 52 -7.20 -20.23 -3.52
C ARG A 52 -5.86 -20.28 -2.79
N ASP A 53 -4.89 -19.54 -3.27
CA ASP A 53 -3.55 -19.55 -2.61
C ASP A 53 -2.68 -18.45 -3.20
N ASN A 54 -1.41 -18.68 -3.24
CA ASN A 54 -0.47 -17.66 -3.78
C ASN A 54 -0.78 -17.42 -5.26
N THR A 55 -1.56 -16.42 -5.55
CA THR A 55 -1.90 -16.12 -6.98
C THR A 55 -1.75 -14.60 -7.21
N ASP A 56 -1.40 -14.22 -8.41
CA ASP A 56 -1.23 -12.77 -8.70
C ASP A 56 -2.57 -12.16 -9.11
N VAL A 57 -3.08 -11.26 -8.33
CA VAL A 57 -4.38 -10.62 -8.66
C VAL A 57 -4.14 -9.16 -9.04
N LEU A 58 -5.17 -8.44 -9.39
CA LEU A 58 -4.97 -7.01 -9.78
C LEU A 58 -6.31 -6.27 -9.69
N SER A 59 -6.31 -5.04 -9.24
CA SER A 59 -7.59 -4.30 -9.13
C SER A 59 -8.31 -4.33 -10.47
N ARG A 60 -9.61 -4.29 -10.46
CA ARG A 60 -10.38 -4.34 -11.74
C ARG A 60 -10.61 -2.92 -12.27
N ASP A 61 -9.95 -1.95 -11.71
CA ASP A 61 -10.14 -0.55 -12.20
C ASP A 61 -9.05 0.35 -11.63
N ALA A 62 -9.27 0.95 -10.49
CA ALA A 62 -8.23 1.84 -9.92
C ALA A 62 -8.40 1.94 -8.41
N PHE A 63 -7.46 2.53 -7.73
CA PHE A 63 -7.54 2.68 -6.26
C PHE A 63 -6.74 3.90 -5.83
N LEU A 64 -7.28 4.70 -4.94
CA LEU A 64 -6.55 5.91 -4.49
C LEU A 64 -5.50 5.51 -3.45
N LEU A 65 -4.24 5.69 -3.76
CA LEU A 65 -3.18 5.33 -2.79
C LEU A 65 -2.33 6.56 -2.46
N PRO A 66 -2.04 6.79 -1.20
CA PRO A 66 -1.17 7.92 -0.79
C PRO A 66 0.30 7.61 -1.11
N GLN A 67 1.11 8.60 -1.37
CA GLN A 67 2.54 8.30 -1.71
C GLN A 67 3.45 9.40 -1.18
N CYS A 68 4.49 9.03 -0.49
CA CYS A 68 5.43 10.05 0.05
C CYS A 68 6.56 10.27 -0.96
N ASP A 69 6.90 11.51 -1.22
CA ASP A 69 8.00 11.79 -2.19
C ASP A 69 9.01 12.77 -1.60
N ARG A 70 10.18 12.31 -1.26
CA ARG A 70 11.21 13.23 -0.69
C ARG A 70 11.85 14.03 -1.81
N ILE A 71 12.43 15.16 -1.50
CA ILE A 71 13.07 15.98 -2.57
C ILE A 71 13.86 17.14 -1.93
N LYS A 72 13.45 17.60 -0.79
CA LYS A 72 14.17 18.75 -0.15
C LYS A 72 14.14 18.58 1.38
N LEU A 73 14.84 19.42 2.09
CA LEU A 73 14.87 19.31 3.58
C LEU A 73 15.48 17.96 3.96
N PRO A 74 15.70 17.71 5.24
CA PRO A 74 16.30 16.43 5.71
C PRO A 74 15.28 15.29 5.79
N CYS A 75 14.32 15.40 6.66
CA CYS A 75 13.30 14.32 6.80
C CYS A 75 11.91 14.84 6.46
N HIS A 76 11.73 15.39 5.29
CA HIS A 76 10.39 15.91 4.89
C HIS A 76 9.95 15.22 3.59
N TYR A 77 8.67 15.11 3.36
CA TYR A 77 8.18 14.43 2.13
C TYR A 77 7.02 15.23 1.53
N LYS A 78 6.67 14.93 0.30
CA LYS A 78 5.54 15.66 -0.34
C LYS A 78 4.33 14.72 -0.43
N LEU A 79 3.15 15.24 -0.27
CA LEU A 79 1.93 14.38 -0.34
C LEU A 79 1.47 14.25 -1.79
N SER A 80 1.44 13.06 -2.30
CA SER A 80 0.99 12.85 -3.71
C SER A 80 0.21 11.54 -3.81
N SER A 81 -0.97 11.57 -4.37
CA SER A 81 -1.78 10.32 -4.47
C SER A 81 -2.51 10.30 -5.82
N SER A 82 -2.97 9.15 -6.23
CA SER A 82 -3.70 9.06 -7.53
C SER A 82 -4.47 7.74 -7.58
N THR A 83 -5.39 7.63 -8.51
CA THR A 83 -6.20 6.40 -8.62
C THR A 83 -5.71 5.55 -9.79
N ASN A 84 -5.29 4.34 -9.53
CA ASN A 84 -4.80 3.47 -10.63
C ASN A 84 -4.84 2.00 -10.17
N THR A 85 -4.95 1.08 -11.08
CA THR A 85 -5.00 -0.36 -10.71
C THR A 85 -3.67 -0.75 -10.06
N ILE A 86 -3.64 -1.84 -9.33
CA ILE A 86 -2.37 -2.25 -8.67
C ILE A 86 -2.30 -3.79 -8.58
N CYS A 87 -1.21 -4.36 -9.03
CA CYS A 87 -1.07 -5.83 -9.00
C CYS A 87 -0.60 -6.26 -7.60
N ILE A 88 -1.20 -7.30 -7.07
CA ILE A 88 -0.80 -7.77 -5.71
C ILE A 88 -1.04 -9.27 -5.62
N THR A 89 -0.34 -9.95 -4.73
CA THR A 89 -0.54 -11.43 -4.61
C THR A 89 -1.24 -11.74 -3.28
N CYS A 90 -2.19 -12.65 -3.32
CA CYS A 90 -2.95 -13.01 -2.08
C CYS A 90 -2.79 -14.51 -1.81
N VAL A 91 -3.25 -14.97 -0.67
CA VAL A 91 -3.13 -16.43 -0.34
C VAL A 91 -4.53 -17.02 -0.14
N ASN A 92 -4.70 -17.84 0.87
CA ASN A 92 -6.04 -18.45 1.10
C ASN A 92 -7.09 -17.35 1.21
N GLN A 93 -6.74 -16.30 1.88
CA GLN A 93 -7.67 -15.16 2.05
C GLN A 93 -7.01 -14.10 2.92
N LEU A 94 -5.81 -13.70 2.57
CA LEU A 94 -5.10 -12.67 3.37
C LEU A 94 -4.00 -12.03 2.49
N PRO A 95 -4.24 -10.86 1.95
CA PRO A 95 -3.25 -10.15 1.08
C PRO A 95 -1.92 -9.92 1.80
N ILE A 96 -0.80 -10.15 1.15
CA ILE A 96 0.51 -9.93 1.82
C ILE A 96 1.60 -9.50 0.82
N HIS A 97 1.35 -9.54 -0.47
CA HIS A 97 2.44 -9.13 -1.42
C HIS A 97 1.98 -7.96 -2.30
N PHE A 98 2.79 -6.94 -2.39
CA PHE A 98 2.43 -5.77 -3.23
C PHE A 98 3.25 -5.84 -4.53
N ALA A 99 2.63 -6.25 -5.60
CA ALA A 99 3.37 -6.37 -6.88
C ALA A 99 3.94 -5.00 -7.27
N GLY A 100 3.13 -4.13 -7.81
CA GLY A 100 3.63 -2.78 -8.19
C GLY A 100 2.45 -1.87 -8.54
N VAL A 101 2.73 -0.69 -9.03
CA VAL A 101 1.63 0.25 -9.37
C VAL A 101 1.05 -0.13 -10.74
N GLY A 102 -0.16 0.27 -11.02
CA GLY A 102 -0.78 -0.07 -12.33
C GLY A 102 -0.77 -1.59 -12.52
N SER A 103 -1.21 -2.05 -13.66
CA SER A 103 -1.21 -3.53 -13.90
C SER A 103 0.22 -4.03 -14.01
N CYS A 104 0.50 -5.20 -13.51
CA CYS A 104 1.88 -5.74 -13.59
C CYS A 104 2.10 -6.38 -14.97
N PRO A 105 3.32 -6.43 -15.42
CA PRO A 105 3.67 -7.03 -16.75
C PRO A 105 3.49 -8.56 -16.75
N PCA A 1 4.47 -10.06 4.16
CA PCA A 1 4.76 -11.30 4.89
CB PCA A 1 6.05 -11.04 5.60
CG PCA A 1 6.19 -9.65 5.47
CD PCA A 1 5.38 -9.05 4.45
OE PCA A 1 5.43 -7.91 3.87
C PCA A 1 3.65 -11.64 5.87
O PCA A 1 3.68 -12.67 6.50
H PCA A 1 3.62 -9.91 3.67
HA PCA A 1 4.85 -12.13 4.22
HB2 PCA A 1 6.87 -11.56 5.12
HB3 PCA A 1 6.00 -11.37 6.63
HG2 PCA A 1 7.22 -9.44 5.26
HG3 PCA A 1 5.88 -9.20 6.40
N ASP A 2 2.68 -10.79 6.01
CA ASP A 2 1.57 -11.06 6.95
C ASP A 2 0.48 -10.00 6.75
N TRP A 3 -0.74 -10.43 6.53
CA TRP A 3 -1.84 -9.45 6.31
C TRP A 3 -1.80 -8.39 7.42
N GLU A 4 -1.33 -8.73 8.58
CA GLU A 4 -1.27 -7.73 9.69
C GLU A 4 -0.35 -6.58 9.29
N THR A 5 0.94 -6.77 9.42
CA THR A 5 1.88 -5.67 9.05
C THR A 5 1.52 -5.17 7.65
N PHE A 6 1.34 -6.05 6.72
CA PHE A 6 0.98 -5.61 5.34
C PHE A 6 -0.21 -4.65 5.44
N GLN A 7 -0.99 -4.77 6.49
CA GLN A 7 -2.15 -3.87 6.67
C GLN A 7 -1.71 -2.63 7.44
N LYS A 8 -0.60 -2.72 8.13
CA LYS A 8 -0.13 -1.56 8.94
C LYS A 8 0.77 -0.62 8.13
N LYS A 9 1.78 -1.15 7.47
CA LYS A 9 2.70 -0.26 6.69
C LYS A 9 2.14 0.05 5.29
N HIS A 10 1.79 -0.95 4.52
CA HIS A 10 1.28 -0.69 3.15
C HIS A 10 -0.10 -0.03 3.18
N LEU A 11 -0.86 -0.20 4.24
CA LEU A 11 -2.22 0.44 4.27
C LEU A 11 -2.27 1.51 5.34
N THR A 12 -3.02 2.57 5.10
CA THR A 12 -3.13 3.66 6.12
C THR A 12 -4.62 3.93 6.38
N ASP A 13 -4.92 5.02 7.04
CA ASP A 13 -6.35 5.33 7.35
C ASP A 13 -6.76 6.67 6.73
N THR A 14 -5.96 7.25 5.87
CA THR A 14 -6.35 8.56 5.27
C THR A 14 -5.78 8.68 3.86
N LYS A 15 -6.42 9.46 3.02
CA LYS A 15 -5.91 9.63 1.63
C LYS A 15 -4.69 10.56 1.65
N LYS A 16 -4.48 11.24 2.75
CA LYS A 16 -3.31 12.16 2.86
C LYS A 16 -2.50 11.78 4.10
N VAL A 17 -1.89 10.62 4.08
CA VAL A 17 -1.09 10.18 5.26
C VAL A 17 -0.09 11.26 5.65
N LYS A 18 0.50 11.09 6.80
CA LYS A 18 1.51 12.08 7.26
C LYS A 18 2.89 11.49 6.98
N CYS A 19 3.18 11.28 5.72
CA CYS A 19 4.49 10.69 5.32
C CYS A 19 5.60 11.10 6.29
N ASP A 20 5.53 12.28 6.84
CA ASP A 20 6.58 12.73 7.79
C ASP A 20 6.82 11.65 8.84
N VAL A 21 5.78 11.05 9.35
CA VAL A 21 5.95 9.98 10.37
C VAL A 21 5.73 8.63 9.72
N GLU A 22 4.93 8.56 8.68
CA GLU A 22 4.70 7.27 8.00
C GLU A 22 6.05 6.74 7.48
N MET A 23 7.06 7.57 7.56
CA MET A 23 8.41 7.16 7.08
C MET A 23 9.45 7.44 8.18
N ALA A 24 9.30 8.52 8.89
CA ALA A 24 10.29 8.83 9.96
C ALA A 24 9.94 8.05 11.23
N LYS A 25 8.91 7.23 11.19
CA LYS A 25 8.54 6.45 12.40
C LYS A 25 9.70 5.53 12.79
N ALA A 26 9.45 4.26 13.03
CA ALA A 26 10.55 3.33 13.44
C ALA A 26 10.70 2.18 12.44
N LEU A 27 9.62 1.73 11.85
CA LEU A 27 9.74 0.57 10.90
C LEU A 27 10.25 1.05 9.54
N PHE A 28 10.42 2.34 9.38
CA PHE A 28 10.92 2.88 8.07
C PHE A 28 12.31 3.49 8.27
N ASP A 29 12.42 4.46 9.15
CA ASP A 29 13.75 5.11 9.42
C ASP A 29 13.98 6.27 8.45
N CYS A 30 12.98 7.09 8.23
CA CYS A 30 13.14 8.26 7.32
C CYS A 30 13.71 7.82 5.97
N LYS A 31 12.97 7.06 5.20
CA LYS A 31 13.49 6.64 3.87
C LYS A 31 13.44 7.83 2.90
N LYS A 32 13.01 7.60 1.69
CA LYS A 32 12.93 8.71 0.69
C LYS A 32 11.68 8.53 -0.18
N THR A 33 11.31 7.30 -0.45
CA THR A 33 10.11 7.04 -1.28
C THR A 33 9.22 6.01 -0.57
N ASN A 34 7.93 6.20 -0.59
CA ASN A 34 7.04 5.23 0.10
C ASN A 34 5.66 5.23 -0.57
N THR A 35 4.96 4.12 -0.47
CA THR A 35 3.60 4.04 -1.09
C THR A 35 2.67 3.28 -0.14
N PHE A 36 1.40 3.53 -0.23
CA PHE A 36 0.43 2.81 0.67
C PHE A 36 -0.92 2.70 -0.05
N ILE A 37 -1.88 2.05 0.55
CA ILE A 37 -3.23 1.90 -0.09
C ILE A 37 -4.30 2.43 0.86
N TYR A 38 -5.22 3.22 0.36
CA TYR A 38 -6.31 3.74 1.23
C TYR A 38 -7.59 2.94 1.00
N ALA A 39 -7.88 2.01 1.87
CA ALA A 39 -9.12 1.19 1.68
C ALA A 39 -9.53 0.58 3.02
N LEU A 40 -10.78 0.23 3.17
CA LEU A 40 -11.24 -0.38 4.43
C LEU A 40 -10.83 -1.86 4.46
N PRO A 41 -10.57 -2.41 5.62
CA PRO A 41 -10.12 -3.83 5.77
C PRO A 41 -11.08 -4.85 5.14
N GLY A 42 -12.33 -4.83 5.51
CA GLY A 42 -13.29 -5.80 4.93
C GLY A 42 -13.14 -5.84 3.40
N ARG A 43 -13.04 -4.70 2.79
CA ARG A 43 -12.89 -4.65 1.30
C ARG A 43 -11.53 -5.22 0.89
N VAL A 44 -10.53 -5.06 1.73
CA VAL A 44 -9.18 -5.59 1.38
C VAL A 44 -9.18 -7.10 1.54
N LYS A 45 -9.48 -7.59 2.70
CA LYS A 45 -9.49 -9.07 2.92
C LYS A 45 -10.59 -9.67 2.04
N ALA A 46 -11.53 -8.88 1.61
CA ALA A 46 -12.63 -9.39 0.76
C ALA A 46 -12.08 -9.72 -0.63
N LEU A 47 -11.30 -8.84 -1.19
CA LEU A 47 -10.74 -9.11 -2.55
C LEU A 47 -9.87 -10.37 -2.50
N CYS A 48 -9.42 -10.75 -1.33
CA CYS A 48 -8.57 -11.97 -1.22
C CYS A 48 -9.45 -13.19 -0.97
N LYS A 49 -10.66 -12.98 -0.51
CA LYS A 49 -11.57 -14.12 -0.25
C LYS A 49 -11.94 -14.78 -1.58
N ASN A 50 -12.16 -16.07 -1.57
CA ASN A 50 -12.54 -16.79 -2.83
C ASN A 50 -11.30 -16.98 -3.71
N ILE A 51 -10.18 -16.40 -3.33
CA ILE A 51 -8.95 -16.55 -4.15
C ILE A 51 -8.24 -17.86 -3.78
N ARG A 52 -7.22 -18.20 -4.51
CA ARG A 52 -6.48 -19.46 -4.22
C ARG A 52 -5.23 -19.14 -3.39
N ASP A 53 -4.24 -20.00 -3.44
CA ASP A 53 -2.99 -19.76 -2.66
C ASP A 53 -2.28 -18.52 -3.17
N ASN A 54 -0.99 -18.51 -3.07
CA ASN A 54 -0.20 -17.33 -3.51
C ASN A 54 -0.36 -17.13 -5.02
N THR A 55 -0.96 -16.04 -5.42
CA THR A 55 -1.15 -15.77 -6.86
C THR A 55 -1.18 -14.25 -7.07
N ASP A 56 -0.96 -13.80 -8.28
CA ASP A 56 -0.95 -12.34 -8.55
C ASP A 56 -2.39 -11.85 -8.75
N VAL A 57 -2.83 -10.93 -7.93
CA VAL A 57 -4.22 -10.38 -8.07
C VAL A 57 -4.14 -8.98 -8.69
N LEU A 58 -5.25 -8.48 -9.15
CA LEU A 58 -5.27 -7.13 -9.78
C LEU A 58 -6.57 -6.41 -9.41
N SER A 59 -6.49 -5.18 -8.96
CA SER A 59 -7.76 -4.47 -8.60
C SER A 59 -8.71 -4.50 -9.80
N ARG A 60 -9.99 -4.43 -9.57
CA ARG A 60 -10.97 -4.50 -10.68
C ARG A 60 -11.17 -3.13 -11.34
N ASP A 61 -10.47 -2.12 -10.90
CA ASP A 61 -10.66 -0.78 -11.52
C ASP A 61 -9.58 0.18 -11.03
N ALA A 62 -9.84 0.89 -9.97
CA ALA A 62 -8.82 1.85 -9.47
C ALA A 62 -8.89 1.96 -7.95
N PHE A 63 -7.90 2.56 -7.36
CA PHE A 63 -7.89 2.72 -5.88
C PHE A 63 -7.01 3.91 -5.52
N LEU A 64 -7.46 4.74 -4.61
CA LEU A 64 -6.66 5.93 -4.22
C LEU A 64 -5.57 5.51 -3.24
N LEU A 65 -4.33 5.66 -3.60
CA LEU A 65 -3.23 5.27 -2.68
C LEU A 65 -2.34 6.49 -2.38
N PRO A 66 -2.16 6.83 -1.13
CA PRO A 66 -1.28 7.96 -0.74
C PRO A 66 0.19 7.55 -0.88
N GLN A 67 1.05 8.44 -1.26
CA GLN A 67 2.48 8.04 -1.42
C GLN A 67 3.40 9.19 -1.03
N CYS A 68 4.56 8.86 -0.54
CA CYS A 68 5.54 9.91 -0.12
C CYS A 68 6.59 10.10 -1.22
N ASP A 69 6.94 11.32 -1.53
CA ASP A 69 7.96 11.56 -2.60
C ASP A 69 9.01 12.56 -2.09
N ARG A 70 10.18 12.08 -1.75
CA ARG A 70 11.24 13.00 -1.26
C ARG A 70 11.81 13.79 -2.44
N ILE A 71 12.03 15.08 -2.26
CA ILE A 71 12.58 15.90 -3.37
C ILE A 71 13.48 17.00 -2.79
N LYS A 72 13.10 17.54 -1.66
CA LYS A 72 13.92 18.63 -1.04
C LYS A 72 14.13 18.32 0.44
N LEU A 73 15.09 18.94 1.07
CA LEU A 73 15.34 18.67 2.52
C LEU A 73 15.59 17.16 2.68
N PRO A 74 15.88 16.70 3.88
CA PRO A 74 16.18 15.26 4.13
C PRO A 74 14.92 14.43 4.45
N CYS A 75 14.72 14.13 5.70
CA CYS A 75 13.55 13.29 6.09
C CYS A 75 12.23 14.01 5.79
N HIS A 76 12.20 14.83 4.78
CA HIS A 76 10.93 15.54 4.44
C HIS A 76 10.36 14.91 3.16
N TYR A 77 9.06 14.86 3.02
CA TYR A 77 8.48 14.24 1.80
C TYR A 77 7.32 15.08 1.27
N LYS A 78 6.89 14.80 0.07
CA LYS A 78 5.75 15.56 -0.52
C LYS A 78 4.52 14.66 -0.56
N LEU A 79 3.35 15.23 -0.46
CA LEU A 79 2.10 14.41 -0.47
C LEU A 79 1.64 14.20 -1.91
N SER A 80 1.59 12.97 -2.34
CA SER A 80 1.13 12.67 -3.73
C SER A 80 0.22 11.45 -3.71
N SER A 81 -0.71 11.37 -4.62
CA SER A 81 -1.64 10.20 -4.63
C SER A 81 -2.43 10.16 -5.94
N SER A 82 -2.98 9.03 -6.27
CA SER A 82 -3.76 8.91 -7.53
C SER A 82 -4.61 7.65 -7.50
N THR A 83 -5.57 7.55 -8.37
CA THR A 83 -6.46 6.37 -8.39
C THR A 83 -6.11 5.46 -9.57
N ASN A 84 -5.71 4.25 -9.31
CA ASN A 84 -5.36 3.32 -10.42
C ASN A 84 -5.41 1.88 -9.91
N THR A 85 -5.47 0.92 -10.79
CA THR A 85 -5.54 -0.50 -10.34
C THR A 85 -4.23 -0.84 -9.63
N ILE A 86 -4.15 -1.99 -9.02
CA ILE A 86 -2.90 -2.36 -8.29
C ILE A 86 -2.63 -3.86 -8.41
N CYS A 87 -1.39 -4.25 -8.37
CA CYS A 87 -1.05 -5.70 -8.46
C CYS A 87 -0.46 -6.14 -7.12
N ILE A 88 -0.93 -7.22 -6.58
CA ILE A 88 -0.40 -7.68 -5.26
C ILE A 88 -0.55 -9.20 -5.17
N THR A 89 0.24 -9.86 -4.35
CA THR A 89 0.12 -11.33 -4.23
C THR A 89 -0.67 -11.67 -2.96
N CYS A 90 -1.58 -12.60 -3.06
CA CYS A 90 -2.42 -13.00 -1.90
C CYS A 90 -2.44 -14.52 -1.77
N VAL A 91 -2.43 -15.04 -0.56
CA VAL A 91 -2.46 -16.51 -0.37
C VAL A 91 -3.89 -17.03 -0.46
N ASN A 92 -4.20 -18.06 0.29
CA ASN A 92 -5.58 -18.63 0.26
C ASN A 92 -6.62 -17.52 0.35
N GLN A 93 -6.39 -16.58 1.22
CA GLN A 93 -7.36 -15.45 1.38
C GLN A 93 -6.78 -14.40 2.31
N LEU A 94 -5.54 -14.03 2.11
CA LEU A 94 -4.90 -13.00 2.97
C LEU A 94 -3.84 -12.26 2.14
N PRO A 95 -4.02 -10.98 1.88
CA PRO A 95 -3.04 -10.19 1.08
C PRO A 95 -1.80 -9.85 1.89
N ILE A 96 -0.62 -10.09 1.37
CA ILE A 96 0.61 -9.78 2.16
C ILE A 96 1.75 -9.27 1.27
N HIS A 97 1.59 -9.27 -0.04
CA HIS A 97 2.71 -8.77 -0.90
C HIS A 97 2.24 -7.60 -1.77
N PHE A 98 3.04 -6.57 -1.86
CA PHE A 98 2.67 -5.40 -2.71
C PHE A 98 3.49 -5.42 -3.99
N ALA A 99 2.89 -5.81 -5.08
CA ALA A 99 3.64 -5.87 -6.37
C ALA A 99 4.20 -4.47 -6.70
N GLY A 100 3.36 -3.57 -7.12
CA GLY A 100 3.85 -2.20 -7.45
C GLY A 100 2.65 -1.29 -7.71
N VAL A 101 2.86 -0.20 -8.40
CA VAL A 101 1.73 0.74 -8.68
C VAL A 101 1.09 0.39 -10.03
N GLY A 102 -0.20 0.55 -10.14
CA GLY A 102 -0.88 0.22 -11.42
C GLY A 102 -0.91 -1.30 -11.63
N SER A 103 -1.36 -1.75 -12.76
CA SER A 103 -1.42 -3.22 -13.01
C SER A 103 0.00 -3.78 -13.07
N CYS A 104 0.18 -5.00 -12.65
CA CYS A 104 1.54 -5.61 -12.68
C CYS A 104 2.14 -5.43 -14.08
N PRO A 105 3.43 -5.62 -14.19
CA PRO A 105 4.13 -5.48 -15.50
C PRO A 105 3.35 -6.08 -16.67
N PCA A 1 4.54 -9.98 3.22
CA PCA A 1 4.92 -11.21 3.90
CB PCA A 1 6.34 -11.02 4.31
CG PCA A 1 6.53 -9.65 4.10
CD PCA A 1 5.56 -9.03 3.23
OE PCA A 1 5.54 -7.91 2.61
C PCA A 1 4.03 -11.48 5.11
O PCA A 1 4.23 -12.44 5.82
H PCA A 1 3.62 -9.78 2.93
HA PCA A 1 4.83 -12.07 3.25
HB2 PCA A 1 7.01 -11.61 3.70
HB3 PCA A 1 6.50 -11.30 5.35
HG2 PCA A 1 7.51 -9.51 3.65
HG3 PCA A 1 6.47 -9.15 5.04
N ASP A 2 3.05 -10.64 5.33
CA ASP A 2 2.15 -10.86 6.49
C ASP A 2 1.01 -9.84 6.42
N TRP A 3 -0.21 -10.30 6.40
CA TRP A 3 -1.37 -9.37 6.32
C TRP A 3 -1.22 -8.28 7.38
N GLU A 4 -0.67 -8.60 8.51
CA GLU A 4 -0.50 -7.57 9.57
C GLU A 4 0.38 -6.44 9.06
N THR A 5 1.67 -6.62 8.99
CA THR A 5 2.54 -5.54 8.49
C THR A 5 1.99 -5.04 7.16
N PHE A 6 1.68 -5.93 6.25
CA PHE A 6 1.13 -5.48 4.95
C PHE A 6 -0.02 -4.51 5.21
N GLN A 7 -0.61 -4.58 6.38
CA GLN A 7 -1.72 -3.64 6.70
C GLN A 7 -1.13 -2.39 7.35
N LYS A 8 0.06 -2.49 7.87
CA LYS A 8 0.70 -1.31 8.53
C LYS A 8 1.50 -0.48 7.52
N LYS A 9 2.36 -1.11 6.75
CA LYS A 9 3.21 -0.33 5.79
C LYS A 9 2.53 -0.18 4.42
N HIS A 10 1.90 -1.20 3.91
CA HIS A 10 1.27 -1.08 2.55
C HIS A 10 -0.13 -0.47 2.64
N LEU A 11 -0.66 -0.25 3.82
CA LEU A 11 -2.03 0.34 3.91
C LEU A 11 -2.13 1.33 5.06
N THR A 12 -3.02 2.27 4.95
CA THR A 12 -3.20 3.28 6.05
C THR A 12 -4.70 3.53 6.27
N ASP A 13 -5.03 4.59 6.95
CA ASP A 13 -6.48 4.89 7.21
C ASP A 13 -6.87 6.24 6.62
N THR A 14 -6.00 6.87 5.85
CA THR A 14 -6.38 8.20 5.27
C THR A 14 -5.75 8.37 3.89
N LYS A 15 -6.38 9.12 3.03
CA LYS A 15 -5.82 9.35 1.67
C LYS A 15 -4.64 10.31 1.76
N LYS A 16 -4.54 11.03 2.84
CA LYS A 16 -3.40 11.99 3.01
C LYS A 16 -2.59 11.57 4.23
N VAL A 17 -1.97 10.42 4.19
CA VAL A 17 -1.16 9.96 5.35
C VAL A 17 -0.19 11.04 5.76
N LYS A 18 0.38 10.89 6.93
CA LYS A 18 1.38 11.87 7.42
C LYS A 18 2.76 11.28 7.16
N CYS A 19 3.09 11.06 5.91
CA CYS A 19 4.40 10.47 5.55
C CYS A 19 5.48 10.87 6.55
N ASP A 20 5.41 12.06 7.08
CA ASP A 20 6.43 12.53 8.05
C ASP A 20 6.67 11.44 9.10
N VAL A 21 5.64 10.80 9.55
CA VAL A 21 5.80 9.71 10.56
C VAL A 21 5.61 8.36 9.88
N GLU A 22 4.76 8.30 8.88
CA GLU A 22 4.55 7.02 8.16
C GLU A 22 5.90 6.55 7.61
N MET A 23 6.92 7.34 7.78
CA MET A 23 8.27 6.97 7.27
C MET A 23 9.33 7.30 8.32
N ALA A 24 9.27 8.46 8.92
CA ALA A 24 10.30 8.83 9.93
C ALA A 24 10.01 8.07 11.23
N LYS A 25 8.99 7.25 11.25
CA LYS A 25 8.67 6.50 12.49
C LYS A 25 9.86 5.60 12.87
N ALA A 26 9.62 4.37 13.22
CA ALA A 26 10.75 3.46 13.61
C ALA A 26 10.82 2.25 12.69
N LEU A 27 9.76 1.92 12.00
CA LEU A 27 9.79 0.73 11.10
C LEU A 27 10.32 1.11 9.72
N PHE A 28 10.57 2.38 9.48
CA PHE A 28 11.10 2.80 8.14
C PHE A 28 12.46 3.51 8.33
N ASP A 29 12.59 4.29 9.35
CA ASP A 29 13.88 5.01 9.59
C ASP A 29 14.01 6.19 8.62
N CYS A 30 12.90 6.80 8.27
CA CYS A 30 12.95 7.97 7.34
C CYS A 30 13.60 7.59 6.01
N LYS A 31 12.92 6.83 5.18
CA LYS A 31 13.52 6.45 3.87
C LYS A 31 13.47 7.64 2.92
N LYS A 32 12.86 7.48 1.77
CA LYS A 32 12.78 8.61 0.80
C LYS A 32 11.50 8.47 -0.04
N THR A 33 11.10 7.26 -0.31
CA THR A 33 9.85 7.04 -1.11
C THR A 33 9.02 5.93 -0.47
N ASN A 34 7.72 6.03 -0.55
CA ASN A 34 6.86 4.98 0.07
C ASN A 34 5.45 5.06 -0.52
N THR A 35 4.75 3.94 -0.53
CA THR A 35 3.36 3.93 -1.08
C THR A 35 2.45 3.13 -0.15
N PHE A 36 1.18 3.42 -0.17
CA PHE A 36 0.22 2.66 0.69
C PHE A 36 -1.13 2.63 -0.03
N ILE A 37 -2.12 1.98 0.54
CA ILE A 37 -3.45 1.92 -0.13
C ILE A 37 -4.52 2.47 0.83
N TYR A 38 -5.37 3.33 0.35
CA TYR A 38 -6.44 3.89 1.23
C TYR A 38 -7.67 2.99 1.13
N ALA A 39 -7.82 2.05 2.03
CA ALA A 39 -9.00 1.14 1.99
C ALA A 39 -9.34 0.68 3.40
N LEU A 40 -10.58 0.38 3.66
CA LEU A 40 -10.97 -0.07 5.03
C LEU A 40 -10.71 -1.59 5.13
N PRO A 41 -10.34 -2.07 6.29
CA PRO A 41 -10.03 -3.50 6.54
C PRO A 41 -10.96 -4.45 5.75
N GLY A 42 -12.23 -4.31 5.92
CA GLY A 42 -13.18 -5.21 5.19
C GLY A 42 -12.88 -5.18 3.69
N ARG A 43 -12.78 -4.01 3.12
CA ARG A 43 -12.50 -3.90 1.67
C ARG A 43 -11.12 -4.47 1.35
N VAL A 44 -10.22 -4.45 2.30
CA VAL A 44 -8.86 -4.99 2.04
C VAL A 44 -8.88 -6.51 2.09
N LYS A 45 -9.30 -7.08 3.18
CA LYS A 45 -9.36 -8.56 3.28
C LYS A 45 -10.39 -9.09 2.29
N ALA A 46 -11.30 -8.23 1.88
CA ALA A 46 -12.35 -8.65 0.91
C ALA A 46 -11.76 -8.71 -0.50
N LEU A 47 -10.84 -7.83 -0.80
CA LEU A 47 -10.23 -7.84 -2.17
C LEU A 47 -9.61 -9.20 -2.45
N CYS A 48 -9.54 -10.07 -1.47
CA CYS A 48 -8.93 -11.41 -1.70
C CYS A 48 -9.75 -12.47 -0.95
N LYS A 49 -11.05 -12.43 -1.08
CA LYS A 49 -11.89 -13.44 -0.37
C LYS A 49 -12.20 -14.61 -1.31
N ASN A 50 -12.09 -15.82 -0.83
CA ASN A 50 -12.37 -17.01 -1.69
C ASN A 50 -11.18 -17.27 -2.62
N ILE A 51 -10.13 -16.51 -2.49
CA ILE A 51 -8.95 -16.73 -3.37
C ILE A 51 -8.34 -18.10 -3.07
N ARG A 52 -7.35 -18.50 -3.82
CA ARG A 52 -6.72 -19.84 -3.59
C ARG A 52 -5.43 -19.67 -2.78
N ASP A 53 -4.32 -20.09 -3.32
CA ASP A 53 -3.03 -19.97 -2.58
C ASP A 53 -2.24 -18.77 -3.11
N ASN A 54 -0.96 -18.88 -3.08
CA ASN A 54 -0.10 -17.76 -3.56
C ASN A 54 -0.33 -17.51 -5.04
N THR A 55 -1.00 -16.43 -5.38
CA THR A 55 -1.27 -16.12 -6.80
C THR A 55 -1.23 -14.60 -6.99
N ASP A 56 -1.05 -14.16 -8.21
CA ASP A 56 -0.99 -12.68 -8.46
C ASP A 56 -2.36 -12.17 -8.94
N VAL A 57 -2.92 -11.22 -8.23
CA VAL A 57 -4.24 -10.67 -8.64
C VAL A 57 -4.07 -9.18 -9.00
N LEU A 58 -5.11 -8.52 -9.39
CA LEU A 58 -4.98 -7.08 -9.76
C LEU A 58 -6.33 -6.38 -9.59
N SER A 59 -6.33 -5.16 -9.13
CA SER A 59 -7.62 -4.44 -8.95
C SER A 59 -8.40 -4.46 -10.27
N ARG A 60 -9.70 -4.44 -10.20
CA ARG A 60 -10.51 -4.48 -11.45
C ARG A 60 -10.79 -3.06 -11.96
N ASP A 61 -10.09 -2.08 -11.45
CA ASP A 61 -10.33 -0.69 -11.93
C ASP A 61 -9.23 0.22 -11.40
N ALA A 62 -9.45 0.86 -10.28
CA ALA A 62 -8.40 1.77 -9.74
C ALA A 62 -8.59 1.93 -8.23
N PHE A 63 -7.63 2.50 -7.57
CA PHE A 63 -7.74 2.70 -6.09
C PHE A 63 -6.92 3.93 -5.69
N LEU A 64 -7.45 4.73 -4.82
CA LEU A 64 -6.71 5.96 -4.38
C LEU A 64 -5.66 5.57 -3.34
N LEU A 65 -4.40 5.70 -3.66
CA LEU A 65 -3.34 5.33 -2.69
C LEU A 65 -2.45 6.55 -2.40
N PRO A 66 -2.14 6.79 -1.15
CA PRO A 66 -1.24 7.92 -0.76
C PRO A 66 0.22 7.55 -1.10
N GLN A 67 1.06 8.52 -1.33
CA GLN A 67 2.47 8.18 -1.68
C GLN A 67 3.42 9.24 -1.12
N CYS A 68 4.47 8.81 -0.46
CA CYS A 68 5.45 9.78 0.10
C CYS A 68 6.57 10.02 -0.94
N ASP A 69 6.77 11.24 -1.33
CA ASP A 69 7.83 11.54 -2.33
C ASP A 69 8.86 12.52 -1.75
N ARG A 70 10.06 12.08 -1.50
CA ARG A 70 11.10 12.99 -0.94
C ARG A 70 11.58 13.94 -2.03
N ILE A 71 12.05 15.10 -1.65
CA ILE A 71 12.54 16.07 -2.68
C ILE A 71 13.24 17.24 -1.98
N LYS A 72 12.75 17.66 -0.84
CA LYS A 72 13.40 18.79 -0.12
C LYS A 72 13.67 18.39 1.34
N LEU A 73 14.34 19.24 2.07
CA LEU A 73 14.63 18.92 3.50
C LEU A 73 15.31 17.54 3.59
N PRO A 74 15.75 17.16 4.76
CA PRO A 74 16.41 15.84 4.97
C PRO A 74 15.40 14.72 5.24
N CYS A 75 14.47 14.93 6.13
CA CYS A 75 13.46 13.89 6.44
C CYS A 75 12.05 14.44 6.19
N HIS A 76 11.77 14.84 4.99
CA HIS A 76 10.42 15.38 4.66
C HIS A 76 9.93 14.75 3.36
N TYR A 77 8.64 14.66 3.18
CA TYR A 77 8.10 14.04 1.92
C TYR A 77 6.93 14.87 1.39
N LYS A 78 6.54 14.64 0.17
CA LYS A 78 5.41 15.41 -0.42
C LYS A 78 4.18 14.49 -0.51
N LEU A 79 3.01 15.05 -0.37
CA LEU A 79 1.77 14.22 -0.44
C LEU A 79 1.35 14.04 -1.89
N SER A 80 1.41 12.83 -2.38
CA SER A 80 1.02 12.57 -3.80
C SER A 80 0.15 11.31 -3.86
N SER A 81 -1.05 11.42 -4.34
CA SER A 81 -1.96 10.24 -4.41
C SER A 81 -2.70 10.22 -5.75
N SER A 82 -3.15 9.08 -6.17
CA SER A 82 -3.89 8.99 -7.46
C SER A 82 -4.66 7.67 -7.51
N THR A 83 -5.60 7.56 -8.41
CA THR A 83 -6.41 6.33 -8.50
C THR A 83 -5.94 5.49 -9.69
N ASN A 84 -5.50 4.29 -9.42
CA ASN A 84 -5.02 3.40 -10.54
C ASN A 84 -5.03 1.95 -10.08
N THR A 85 -5.15 1.02 -11.00
CA THR A 85 -5.15 -0.41 -10.61
C THR A 85 -3.79 -0.78 -10.02
N ILE A 86 -3.71 -1.82 -9.24
CA ILE A 86 -2.41 -2.19 -8.62
C ILE A 86 -2.34 -3.72 -8.51
N CYS A 87 -1.25 -4.32 -8.95
CA CYS A 87 -1.11 -5.80 -8.87
C CYS A 87 -0.66 -6.20 -7.47
N ILE A 88 -1.30 -7.17 -6.89
CA ILE A 88 -0.93 -7.62 -5.52
C ILE A 88 -1.07 -9.14 -5.44
N THR A 89 -0.33 -9.79 -4.59
CA THR A 89 -0.44 -11.28 -4.48
C THR A 89 -1.09 -11.64 -3.15
N CYS A 90 -1.98 -12.61 -3.18
CA CYS A 90 -2.68 -13.03 -1.93
C CYS A 90 -2.44 -14.54 -1.71
N VAL A 91 -2.95 -15.07 -0.62
CA VAL A 91 -2.75 -16.52 -0.34
C VAL A 91 -4.06 -17.10 0.21
N ASN A 92 -4.05 -17.51 1.45
CA ASN A 92 -5.29 -18.09 2.05
C ASN A 92 -6.32 -16.97 2.23
N GLN A 93 -6.41 -16.08 1.29
CA GLN A 93 -7.37 -14.94 1.39
C GLN A 93 -6.84 -13.92 2.39
N LEU A 94 -5.62 -13.51 2.21
CA LEU A 94 -5.01 -12.51 3.14
C LEU A 94 -3.97 -11.68 2.36
N PRO A 95 -4.32 -10.48 1.95
CA PRO A 95 -3.38 -9.59 1.20
C PRO A 95 -2.04 -9.42 1.92
N ILE A 96 -0.95 -9.79 1.29
CA ILE A 96 0.37 -9.65 1.97
C ILE A 96 1.45 -9.16 0.99
N HIS A 97 1.24 -9.23 -0.31
CA HIS A 97 2.30 -8.78 -1.25
C HIS A 97 1.81 -7.62 -2.12
N PHE A 98 2.64 -6.63 -2.30
CA PHE A 98 2.26 -5.46 -3.17
C PHE A 98 3.11 -5.52 -4.43
N ALA A 99 2.56 -6.00 -5.50
CA ALA A 99 3.34 -6.10 -6.77
C ALA A 99 3.88 -4.72 -7.17
N GLY A 100 3.03 -3.85 -7.64
CA GLY A 100 3.51 -2.50 -8.04
C GLY A 100 2.31 -1.60 -8.36
N VAL A 101 2.54 -0.48 -8.99
CA VAL A 101 1.41 0.44 -9.32
C VAL A 101 0.93 0.14 -10.75
N GLY A 102 -0.36 0.13 -10.95
CA GLY A 102 -0.90 -0.15 -12.32
C GLY A 102 -0.98 -1.67 -12.54
N SER A 103 -0.97 -2.09 -13.77
CA SER A 103 -1.04 -3.56 -14.05
C SER A 103 0.36 -4.14 -14.08
N CYS A 104 0.51 -5.36 -13.62
CA CYS A 104 1.86 -5.99 -13.61
C CYS A 104 2.11 -6.68 -14.96
N PRO A 105 3.35 -6.77 -15.38
CA PRO A 105 3.71 -7.41 -16.67
C PRO A 105 3.49 -8.93 -16.65
N PCA A 1 4.57 -9.99 3.74
CA PCA A 1 5.05 -11.05 4.65
CB PCA A 1 6.25 -10.48 5.34
CG PCA A 1 6.46 -9.28 4.65
CD PCA A 1 5.35 -8.84 3.83
OE PCA A 1 5.08 -7.72 3.28
C PCA A 1 3.98 -11.44 5.66
O PCA A 1 4.14 -12.38 6.40
H PCA A 1 3.72 -10.03 3.28
HA PCA A 1 5.31 -11.93 4.12
HB2 PCA A 1 7.10 -11.13 5.26
HB3 PCA A 1 6.06 -10.32 6.40
HG2 PCA A 1 7.31 -9.41 4.01
HG3 PCA A 1 6.63 -8.50 5.37
N ASP A 2 2.89 -10.71 5.69
CA ASP A 2 1.81 -11.03 6.64
C ASP A 2 0.69 -10.00 6.47
N TRP A 3 -0.54 -10.42 6.44
CA TRP A 3 -1.66 -9.47 6.27
C TRP A 3 -1.60 -8.40 7.37
N GLU A 4 -1.13 -8.77 8.52
CA GLU A 4 -1.03 -7.78 9.63
C GLU A 4 -0.07 -6.66 9.22
N THR A 5 1.21 -6.92 9.24
CA THR A 5 2.18 -5.86 8.85
C THR A 5 1.74 -5.27 7.52
N PHE A 6 1.48 -6.11 6.54
CA PHE A 6 1.04 -5.58 5.22
C PHE A 6 -0.12 -4.61 5.46
N GLN A 7 -0.78 -4.73 6.57
CA GLN A 7 -1.91 -3.81 6.87
C GLN A 7 -1.37 -2.58 7.61
N LYS A 8 -0.19 -2.71 8.18
CA LYS A 8 0.39 -1.57 8.95
C LYS A 8 1.24 -0.66 8.05
N LYS A 9 2.16 -1.22 7.30
CA LYS A 9 3.05 -0.37 6.45
C LYS A 9 2.46 -0.14 5.05
N HIS A 10 1.83 -1.13 4.47
CA HIS A 10 1.28 -0.94 3.08
C HIS A 10 -0.10 -0.31 3.12
N LEU A 11 -0.72 -0.19 4.26
CA LEU A 11 -2.10 0.42 4.30
C LEU A 11 -2.14 1.55 5.33
N THR A 12 -3.05 2.48 5.15
CA THR A 12 -3.18 3.60 6.13
C THR A 12 -4.65 3.91 6.35
N ASP A 13 -4.96 4.98 7.03
CA ASP A 13 -6.40 5.32 7.29
C ASP A 13 -6.76 6.68 6.70
N THR A 14 -6.00 7.18 5.76
CA THR A 14 -6.36 8.51 5.18
C THR A 14 -5.71 8.67 3.80
N LYS A 15 -6.33 9.42 2.94
CA LYS A 15 -5.76 9.64 1.58
C LYS A 15 -4.54 10.56 1.70
N LYS A 16 -4.43 11.27 2.79
CA LYS A 16 -3.28 12.19 2.99
C LYS A 16 -2.50 11.76 4.23
N VAL A 17 -1.91 10.59 4.20
CA VAL A 17 -1.15 10.10 5.38
C VAL A 17 -0.15 11.17 5.83
N LYS A 18 0.40 10.98 6.98
CA LYS A 18 1.40 11.95 7.48
C LYS A 18 2.78 11.40 7.16
N CYS A 19 3.08 11.27 5.90
CA CYS A 19 4.39 10.71 5.47
C CYS A 19 5.52 11.15 6.43
N ASP A 20 5.38 12.31 7.01
CA ASP A 20 6.45 12.79 7.95
C ASP A 20 6.72 11.72 8.99
N VAL A 21 5.70 11.07 9.45
CA VAL A 21 5.88 10.00 10.47
C VAL A 21 5.71 8.65 9.77
N GLU A 22 4.88 8.60 8.75
CA GLU A 22 4.69 7.31 8.01
C GLU A 22 6.02 6.95 7.36
N MET A 23 7.00 7.79 7.54
CA MET A 23 8.35 7.54 6.94
C MET A 23 9.42 7.67 8.02
N ALA A 24 9.37 8.71 8.80
CA ALA A 24 10.39 8.89 9.87
C ALA A 24 10.10 7.93 11.03
N LYS A 25 9.11 7.08 10.87
CA LYS A 25 8.77 6.13 11.96
C LYS A 25 10.01 5.28 12.30
N ALA A 26 9.82 4.17 12.96
CA ALA A 26 10.99 3.31 13.32
C ALA A 26 11.05 2.11 12.37
N LEU A 27 9.98 1.81 11.69
CA LEU A 27 10.00 0.65 10.75
C LEU A 27 10.39 1.12 9.34
N PHE A 28 10.58 2.41 9.18
CA PHE A 28 10.97 2.95 7.84
C PHE A 28 12.36 3.57 7.92
N ASP A 29 12.60 4.39 8.92
CA ASP A 29 13.93 5.03 9.08
C ASP A 29 14.09 6.18 8.06
N CYS A 30 13.05 6.94 7.86
CA CYS A 30 13.15 8.08 6.89
C CYS A 30 13.66 7.59 5.53
N LYS A 31 12.91 6.75 4.86
CA LYS A 31 13.36 6.24 3.54
C LYS A 31 13.43 7.42 2.54
N LYS A 32 13.06 7.16 1.31
CA LYS A 32 13.10 8.22 0.27
C LYS A 32 11.76 8.21 -0.49
N THR A 33 11.18 7.05 -0.65
CA THR A 33 9.87 6.95 -1.36
C THR A 33 9.03 5.87 -0.69
N ASN A 34 7.72 5.99 -0.74
CA ASN A 34 6.86 4.96 -0.07
C ASN A 34 5.45 5.01 -0.63
N THR A 35 4.75 3.91 -0.58
CA THR A 35 3.35 3.88 -1.09
C THR A 35 2.48 3.08 -0.12
N PHE A 36 1.21 3.39 -0.07
CA PHE A 36 0.29 2.64 0.84
C PHE A 36 -1.05 2.48 0.12
N ILE A 37 -2.04 1.92 0.77
CA ILE A 37 -3.36 1.73 0.11
C ILE A 37 -4.46 2.29 1.01
N TYR A 38 -5.30 3.16 0.49
CA TYR A 38 -6.39 3.73 1.34
C TYR A 38 -7.66 2.88 1.16
N ALA A 39 -7.88 1.95 2.05
CA ALA A 39 -9.10 1.09 1.94
C ALA A 39 -9.49 0.59 3.34
N LEU A 40 -10.74 0.23 3.51
CA LEU A 40 -11.18 -0.27 4.86
C LEU A 40 -10.93 -1.79 4.93
N PRO A 41 -10.57 -2.28 6.10
CA PRO A 41 -10.27 -3.72 6.31
C PRO A 41 -11.22 -4.65 5.54
N GLY A 42 -12.50 -4.50 5.74
CA GLY A 42 -13.47 -5.40 5.03
C GLY A 42 -13.17 -5.41 3.53
N ARG A 43 -13.08 -4.27 2.91
CA ARG A 43 -12.80 -4.23 1.44
C ARG A 43 -11.43 -4.84 1.16
N VAL A 44 -10.51 -4.76 2.09
CA VAL A 44 -9.16 -5.33 1.85
C VAL A 44 -9.21 -6.85 1.94
N LYS A 45 -9.64 -7.37 3.06
CA LYS A 45 -9.72 -8.85 3.21
C LYS A 45 -10.78 -9.39 2.24
N ALA A 46 -11.65 -8.54 1.79
CA ALA A 46 -12.72 -8.98 0.85
C ALA A 46 -12.19 -8.94 -0.59
N LEU A 47 -11.17 -8.17 -0.84
CA LEU A 47 -10.61 -8.09 -2.22
C LEU A 47 -9.83 -9.36 -2.54
N CYS A 48 -9.75 -10.28 -1.62
CA CYS A 48 -8.99 -11.55 -1.88
C CYS A 48 -9.90 -12.75 -1.60
N LYS A 49 -11.18 -12.53 -1.53
CA LYS A 49 -12.11 -13.65 -1.25
C LYS A 49 -12.21 -14.58 -2.48
N ASN A 50 -12.25 -15.86 -2.26
CA ASN A 50 -12.36 -16.83 -3.39
C ASN A 50 -11.01 -16.98 -4.09
N ILE A 51 -9.96 -16.45 -3.53
CA ILE A 51 -8.62 -16.59 -4.18
C ILE A 51 -7.93 -17.85 -3.68
N ARG A 52 -6.81 -18.19 -4.26
CA ARG A 52 -6.06 -19.40 -3.83
C ARG A 52 -4.81 -18.99 -3.05
N ASP A 53 -3.81 -19.83 -3.02
CA ASP A 53 -2.56 -19.49 -2.28
C ASP A 53 -1.96 -18.21 -2.84
N ASN A 54 -0.67 -18.09 -2.74
CA ASN A 54 0.02 -16.86 -3.24
C ASN A 54 -0.15 -16.75 -4.75
N THR A 55 -0.87 -15.75 -5.19
CA THR A 55 -1.09 -15.55 -6.66
C THR A 55 -1.08 -14.05 -6.95
N ASP A 56 -0.65 -13.68 -8.13
CA ASP A 56 -0.62 -12.23 -8.49
C ASP A 56 -2.00 -11.79 -8.97
N VAL A 57 -2.61 -10.86 -8.29
CA VAL A 57 -3.96 -10.39 -8.72
C VAL A 57 -3.89 -8.91 -9.11
N LEU A 58 -4.94 -8.41 -9.72
CA LEU A 58 -4.96 -6.99 -10.17
C LEU A 58 -6.24 -6.33 -9.64
N SER A 59 -6.17 -5.10 -9.18
CA SER A 59 -7.40 -4.45 -8.66
C SER A 59 -8.49 -4.50 -9.74
N ARG A 60 -9.72 -4.41 -9.35
CA ARG A 60 -10.83 -4.48 -10.33
C ARG A 60 -10.79 -3.27 -11.27
N ASP A 61 -10.50 -2.11 -10.75
CA ASP A 61 -10.46 -0.90 -11.63
C ASP A 61 -9.36 0.05 -11.16
N ALA A 62 -9.57 0.70 -10.04
CA ALA A 62 -8.53 1.64 -9.53
C ALA A 62 -8.65 1.78 -8.02
N PHE A 63 -7.67 2.38 -7.39
CA PHE A 63 -7.73 2.55 -5.91
C PHE A 63 -6.92 3.79 -5.52
N LEU A 64 -7.45 4.59 -4.63
CA LEU A 64 -6.73 5.81 -4.20
C LEU A 64 -5.65 5.44 -3.19
N LEU A 65 -4.39 5.58 -3.54
CA LEU A 65 -3.31 5.24 -2.59
C LEU A 65 -2.43 6.47 -2.33
N PRO A 66 -2.13 6.75 -1.09
CA PRO A 66 -1.23 7.89 -0.73
C PRO A 66 0.22 7.52 -1.02
N GLN A 67 1.07 8.48 -1.25
CA GLN A 67 2.50 8.12 -1.56
C GLN A 67 3.44 9.17 -0.99
N CYS A 68 4.49 8.75 -0.33
CA CYS A 68 5.47 9.74 0.23
C CYS A 68 6.57 9.98 -0.80
N ASP A 69 6.79 11.22 -1.17
CA ASP A 69 7.84 11.53 -2.18
C ASP A 69 8.89 12.47 -1.57
N ARG A 70 10.09 12.00 -1.39
CA ARG A 70 11.16 12.88 -0.81
C ARG A 70 11.68 13.83 -1.90
N ILE A 71 12.08 15.01 -1.52
CA ILE A 71 12.60 15.97 -2.54
C ILE A 71 13.19 17.20 -1.83
N LYS A 72 12.54 17.66 -0.79
CA LYS A 72 13.05 18.86 -0.07
C LYS A 72 13.55 18.43 1.32
N LEU A 73 14.33 19.25 1.96
CA LEU A 73 14.85 18.90 3.31
C LEU A 73 15.47 17.49 3.27
N PRO A 74 16.08 17.07 4.36
CA PRO A 74 16.71 15.72 4.44
C PRO A 74 15.70 14.63 4.80
N CYS A 75 14.70 14.96 5.57
CA CYS A 75 13.68 13.95 5.96
C CYS A 75 12.27 14.52 5.77
N HIS A 76 11.99 15.07 4.62
CA HIS A 76 10.64 15.64 4.36
C HIS A 76 10.05 14.95 3.12
N TYR A 77 8.75 14.85 3.05
CA TYR A 77 8.13 14.17 1.86
C TYR A 77 6.92 14.97 1.38
N LYS A 78 6.51 14.75 0.16
CA LYS A 78 5.33 15.47 -0.39
C LYS A 78 4.15 14.50 -0.48
N LEU A 79 2.95 14.98 -0.30
CA LEU A 79 1.76 14.08 -0.36
C LEU A 79 1.33 13.93 -1.82
N SER A 80 1.40 12.73 -2.34
CA SER A 80 0.98 12.49 -3.75
C SER A 80 0.14 11.22 -3.80
N SER A 81 -1.08 11.31 -4.27
CA SER A 81 -1.96 10.10 -4.33
C SER A 81 -2.74 10.10 -5.66
N SER A 82 -3.25 8.97 -6.04
CA SER A 82 -4.02 8.89 -7.31
C SER A 82 -4.79 7.58 -7.35
N THR A 83 -5.75 7.47 -8.23
CA THR A 83 -6.55 6.24 -8.33
C THR A 83 -6.10 5.40 -9.52
N ASN A 84 -5.62 4.22 -9.28
CA ASN A 84 -5.17 3.35 -10.40
C ASN A 84 -5.14 1.90 -9.95
N THR A 85 -5.27 0.97 -10.86
CA THR A 85 -5.24 -0.47 -10.46
C THR A 85 -3.83 -0.81 -9.97
N ILE A 86 -3.68 -1.92 -9.29
CA ILE A 86 -2.33 -2.29 -8.78
C ILE A 86 -2.18 -3.81 -8.77
N CYS A 87 -0.99 -4.32 -8.58
CA CYS A 87 -0.78 -5.78 -8.56
C CYS A 87 -0.28 -6.19 -7.17
N ILE A 88 -0.86 -7.20 -6.57
CA ILE A 88 -0.42 -7.61 -5.22
C ILE A 88 -0.58 -9.14 -5.07
N THR A 89 0.23 -9.75 -4.25
CA THR A 89 0.12 -11.22 -4.05
C THR A 89 -0.77 -11.50 -2.84
N CYS A 90 -1.75 -12.37 -3.01
CA CYS A 90 -2.68 -12.71 -1.89
C CYS A 90 -2.67 -14.23 -1.67
N VAL A 91 -2.87 -14.66 -0.45
CA VAL A 91 -2.88 -16.12 -0.16
C VAL A 91 -4.31 -16.66 -0.32
N ASN A 92 -4.65 -17.69 0.41
CA ASN A 92 -6.03 -18.26 0.29
C ASN A 92 -7.05 -17.14 0.35
N GLN A 93 -6.71 -16.07 0.99
CA GLN A 93 -7.66 -14.93 1.10
C GLN A 93 -7.04 -13.85 2.01
N LEU A 94 -5.76 -13.64 1.90
CA LEU A 94 -5.09 -12.61 2.75
C LEU A 94 -4.00 -11.90 1.92
N PRO A 95 -4.06 -10.59 1.79
CA PRO A 95 -3.05 -9.81 1.03
C PRO A 95 -1.77 -9.60 1.85
N ILE A 96 -0.62 -9.85 1.30
CA ILE A 96 0.63 -9.68 2.09
C ILE A 96 1.77 -9.08 1.26
N HIS A 97 1.74 -9.19 -0.05
CA HIS A 97 2.88 -8.61 -0.84
C HIS A 97 2.36 -7.59 -1.87
N PHE A 98 2.96 -6.42 -1.89
CA PHE A 98 2.52 -5.38 -2.85
C PHE A 98 3.42 -5.43 -4.09
N ALA A 99 2.90 -5.87 -5.20
CA ALA A 99 3.73 -5.95 -6.43
C ALA A 99 4.19 -4.55 -6.84
N GLY A 100 3.31 -3.78 -7.43
CA GLY A 100 3.70 -2.40 -7.85
C GLY A 100 2.43 -1.56 -8.07
N VAL A 101 2.54 -0.52 -8.86
CA VAL A 101 1.34 0.34 -9.11
C VAL A 101 0.80 0.07 -10.51
N GLY A 102 -0.44 0.39 -10.75
CA GLY A 102 -1.02 0.16 -12.10
C GLY A 102 -1.39 -1.32 -12.28
N SER A 103 -0.50 -2.10 -12.82
CA SER A 103 -0.79 -3.54 -13.02
C SER A 103 0.50 -4.30 -13.36
N CYS A 104 0.66 -5.48 -12.82
CA CYS A 104 1.89 -6.27 -13.11
C CYS A 104 1.56 -7.39 -14.09
N PRO A 105 2.48 -7.76 -14.93
CA PRO A 105 2.28 -8.85 -15.94
C PRO A 105 2.16 -10.22 -15.28
N PCA A 1 4.53 -9.95 3.92
CA PCA A 1 4.88 -11.18 4.63
CB PCA A 1 6.20 -10.92 5.25
CG PCA A 1 6.36 -9.54 5.06
CD PCA A 1 5.50 -8.96 4.07
OE PCA A 1 5.54 -7.86 3.42
C PCA A 1 3.84 -11.52 5.69
O PCA A 1 3.92 -12.55 6.33
H PCA A 1 3.63 -9.77 3.56
HA PCA A 1 4.92 -12.03 3.97
HB2 PCA A 1 6.99 -11.48 4.75
HB3 PCA A 1 6.22 -11.20 6.30
HG2 PCA A 1 7.38 -9.36 4.76
HG3 PCA A 1 6.14 -9.05 5.99
N ASP A 2 2.88 -10.66 5.88
CA ASP A 2 1.82 -10.94 6.90
C ASP A 2 0.69 -9.93 6.72
N TRP A 3 -0.52 -10.40 6.53
CA TRP A 3 -1.66 -9.46 6.33
C TRP A 3 -1.65 -8.40 7.42
N GLU A 4 -1.19 -8.72 8.59
CA GLU A 4 -1.14 -7.72 9.69
C GLU A 4 -0.25 -6.55 9.27
N THR A 5 1.04 -6.70 9.38
CA THR A 5 1.94 -5.59 8.99
C THR A 5 1.54 -5.09 7.60
N PHE A 6 1.38 -5.99 6.67
CA PHE A 6 0.96 -5.56 5.30
C PHE A 6 -0.22 -4.61 5.43
N GLN A 7 -0.96 -4.71 6.51
CA GLN A 7 -2.12 -3.81 6.70
C GLN A 7 -1.66 -2.55 7.44
N LYS A 8 -0.54 -2.63 8.11
CA LYS A 8 -0.05 -1.45 8.88
C LYS A 8 0.85 -0.55 8.02
N LYS A 9 1.84 -1.10 7.38
CA LYS A 9 2.76 -0.24 6.56
C LYS A 9 2.18 0.05 5.17
N HIS A 10 1.81 -0.95 4.43
CA HIS A 10 1.28 -0.71 3.05
C HIS A 10 -0.10 -0.06 3.10
N LEU A 11 -0.85 -0.20 4.16
CA LEU A 11 -2.20 0.43 4.20
C LEU A 11 -2.25 1.52 5.27
N THR A 12 -3.08 2.51 5.05
CA THR A 12 -3.22 3.61 6.06
C THR A 12 -4.70 3.90 6.31
N ASP A 13 -5.01 4.97 6.98
CA ASP A 13 -6.44 5.30 7.26
C ASP A 13 -6.82 6.65 6.66
N THR A 14 -6.04 7.18 5.75
CA THR A 14 -6.41 8.50 5.16
C THR A 14 -5.79 8.64 3.77
N LYS A 15 -6.44 9.36 2.90
CA LYS A 15 -5.90 9.56 1.52
C LYS A 15 -4.71 10.51 1.60
N LYS A 16 -4.53 11.17 2.71
CA LYS A 16 -3.40 12.13 2.86
C LYS A 16 -2.58 11.74 4.09
N VAL A 17 -1.98 10.58 4.08
CA VAL A 17 -1.17 10.14 5.25
C VAL A 17 -0.17 11.21 5.63
N LYS A 18 0.48 11.02 6.74
CA LYS A 18 1.51 12.00 7.17
C LYS A 18 2.87 11.44 6.80
N CYS A 19 3.14 11.33 5.53
CA CYS A 19 4.43 10.77 5.06
C CYS A 19 5.58 11.14 6.03
N ASP A 20 5.54 12.32 6.57
CA ASP A 20 6.61 12.74 7.52
C ASP A 20 6.83 11.64 8.56
N VAL A 21 5.77 11.08 9.05
CA VAL A 21 5.90 10.00 10.06
C VAL A 21 5.63 8.66 9.38
N GLU A 22 4.75 8.62 8.42
CA GLU A 22 4.47 7.35 7.70
C GLU A 22 5.79 6.78 7.19
N MET A 23 6.84 7.56 7.27
CA MET A 23 8.18 7.10 6.80
C MET A 23 9.21 7.29 7.92
N ALA A 24 9.22 8.44 8.53
CA ALA A 24 10.20 8.68 9.61
C ALA A 24 9.87 7.76 10.80
N LYS A 25 8.90 6.91 10.64
CA LYS A 25 8.52 5.98 11.74
C LYS A 25 9.77 5.22 12.20
N ALA A 26 9.58 4.17 12.96
CA ALA A 26 10.74 3.37 13.44
C ALA A 26 10.84 2.09 12.61
N LEU A 27 9.81 1.79 11.84
CA LEU A 27 9.84 0.55 11.01
C LEU A 27 10.30 0.91 9.59
N PHE A 28 10.51 2.18 9.33
CA PHE A 28 10.95 2.62 7.98
C PHE A 28 12.33 3.28 8.08
N ASP A 29 12.51 4.14 9.05
CA ASP A 29 13.83 4.83 9.22
C ASP A 29 13.91 6.03 8.27
N CYS A 30 12.83 6.72 8.07
CA CYS A 30 12.84 7.92 7.17
C CYS A 30 13.46 7.54 5.81
N LYS A 31 12.79 6.73 5.04
CA LYS A 31 13.34 6.34 3.71
C LYS A 31 13.34 7.55 2.78
N LYS A 32 13.02 7.35 1.53
CA LYS A 32 13.00 8.48 0.55
C LYS A 32 11.73 8.40 -0.30
N THR A 33 11.28 7.20 -0.58
CA THR A 33 10.04 7.02 -1.39
C THR A 33 9.14 6.01 -0.70
N ASN A 34 7.85 6.17 -0.77
CA ASN A 34 6.95 5.20 -0.09
C ASN A 34 5.56 5.20 -0.74
N THR A 35 4.87 4.09 -0.65
CA THR A 35 3.51 4.00 -1.25
C THR A 35 2.58 3.26 -0.29
N PHE A 36 1.30 3.49 -0.36
CA PHE A 36 0.36 2.77 0.55
C PHE A 36 -0.99 2.63 -0.15
N ILE A 37 -1.96 2.01 0.48
CA ILE A 37 -3.30 1.85 -0.14
C ILE A 37 -4.38 2.33 0.83
N TYR A 38 -5.31 3.12 0.34
CA TYR A 38 -6.40 3.63 1.23
C TYR A 38 -7.64 2.74 1.08
N ALA A 39 -7.88 1.86 2.02
CA ALA A 39 -9.07 0.97 1.91
C ALA A 39 -9.45 0.47 3.30
N LEU A 40 -10.67 0.06 3.49
CA LEU A 40 -11.11 -0.43 4.83
C LEU A 40 -10.92 -1.96 4.90
N PRO A 41 -10.58 -2.47 6.05
CA PRO A 41 -10.34 -3.93 6.24
C PRO A 41 -11.31 -4.81 5.43
N GLY A 42 -12.58 -4.62 5.60
CA GLY A 42 -13.57 -5.46 4.85
C GLY A 42 -13.22 -5.47 3.36
N ARG A 43 -13.04 -4.32 2.77
CA ARG A 43 -12.69 -4.26 1.32
C ARG A 43 -11.36 -4.94 1.05
N VAL A 44 -10.46 -4.92 2.01
CA VAL A 44 -9.14 -5.57 1.79
C VAL A 44 -9.27 -7.09 1.90
N LYS A 45 -9.73 -7.57 3.02
CA LYS A 45 -9.89 -9.06 3.18
C LYS A 45 -10.92 -9.53 2.17
N ALA A 46 -11.74 -8.65 1.68
CA ALA A 46 -12.78 -9.04 0.69
C ALA A 46 -12.13 -9.27 -0.66
N LEU A 47 -11.16 -8.47 -1.01
CA LEU A 47 -10.47 -8.65 -2.33
C LEU A 47 -9.74 -9.98 -2.35
N CYS A 48 -9.60 -10.62 -1.21
CA CYS A 48 -8.89 -11.94 -1.16
C CYS A 48 -9.83 -12.98 -0.58
N LYS A 49 -11.10 -12.88 -0.87
CA LYS A 49 -12.07 -13.88 -0.32
C LYS A 49 -12.27 -15.02 -1.33
N ASN A 50 -12.04 -16.24 -0.92
CA ASN A 50 -12.23 -17.41 -1.83
C ASN A 50 -11.00 -17.56 -2.75
N ILE A 51 -9.93 -16.89 -2.47
CA ILE A 51 -8.73 -17.03 -3.34
C ILE A 51 -8.33 -18.51 -3.42
N ARG A 52 -7.35 -18.83 -4.21
CA ARG A 52 -6.92 -20.25 -4.35
C ARG A 52 -5.60 -20.47 -3.62
N ASP A 53 -4.60 -19.70 -3.94
CA ASP A 53 -3.28 -19.86 -3.28
C ASP A 53 -2.36 -18.70 -3.63
N ASN A 54 -1.08 -18.92 -3.55
CA ASN A 54 -0.12 -17.83 -3.86
C ASN A 54 -0.24 -17.45 -5.34
N THR A 55 -0.80 -16.30 -5.61
CA THR A 55 -0.96 -15.86 -7.03
C THR A 55 -1.02 -14.34 -7.08
N ASP A 56 -0.87 -13.77 -8.25
CA ASP A 56 -0.91 -12.28 -8.38
C ASP A 56 -2.33 -11.84 -8.73
N VAL A 57 -2.76 -10.72 -8.21
CA VAL A 57 -4.14 -10.21 -8.52
C VAL A 57 -4.04 -8.76 -9.02
N LEU A 58 -5.11 -8.25 -9.57
CA LEU A 58 -5.09 -6.86 -10.11
C LEU A 58 -6.38 -6.15 -9.68
N SER A 59 -6.29 -4.91 -9.23
CA SER A 59 -7.54 -4.21 -8.80
C SER A 59 -8.55 -4.24 -9.95
N ARG A 60 -9.81 -4.08 -9.63
CA ARG A 60 -10.86 -4.12 -10.69
C ARG A 60 -10.74 -2.90 -11.61
N ASP A 61 -10.45 -1.75 -11.08
CA ASP A 61 -10.36 -0.54 -11.95
C ASP A 61 -9.31 0.43 -11.39
N ALA A 62 -9.65 1.14 -10.34
CA ALA A 62 -8.68 2.11 -9.77
C ALA A 62 -8.80 2.14 -8.25
N PHE A 63 -7.83 2.70 -7.57
CA PHE A 63 -7.87 2.78 -6.09
C PHE A 63 -7.08 4.00 -5.62
N LEU A 64 -7.60 4.73 -4.68
CA LEU A 64 -6.87 5.93 -4.19
C LEU A 64 -5.77 5.51 -3.23
N LEU A 65 -4.53 5.67 -3.61
CA LEU A 65 -3.42 5.28 -2.69
C LEU A 65 -2.52 6.49 -2.41
N PRO A 66 -2.31 6.81 -1.15
CA PRO A 66 -1.42 7.94 -0.77
C PRO A 66 0.04 7.52 -0.96
N GLN A 67 0.90 8.42 -1.34
CA GLN A 67 2.32 8.02 -1.55
C GLN A 67 3.27 9.16 -1.17
N CYS A 68 4.45 8.82 -0.75
CA CYS A 68 5.45 9.86 -0.36
C CYS A 68 6.52 9.99 -1.43
N ASP A 69 7.05 11.17 -1.61
CA ASP A 69 8.11 11.38 -2.64
C ASP A 69 9.15 12.37 -2.10
N ARG A 70 10.33 11.91 -1.80
CA ARG A 70 11.38 12.83 -1.27
C ARG A 70 11.76 13.85 -2.34
N ILE A 71 11.57 15.11 -2.06
CA ILE A 71 11.92 16.17 -3.05
C ILE A 71 12.61 17.32 -2.32
N LYS A 72 12.09 17.70 -1.18
CA LYS A 72 12.72 18.81 -0.40
C LYS A 72 13.33 18.23 0.88
N LEU A 73 14.51 18.67 1.24
CA LEU A 73 15.16 18.15 2.48
C LEU A 73 15.12 16.61 2.45
N PRO A 74 15.67 15.96 3.43
CA PRO A 74 15.70 14.47 3.50
C PRO A 74 14.49 13.88 4.23
N CYS A 75 14.62 13.72 5.51
CA CYS A 75 13.51 13.14 6.31
C CYS A 75 12.17 13.75 5.89
N HIS A 76 12.19 14.83 5.15
CA HIS A 76 10.92 15.47 4.71
C HIS A 76 10.48 14.86 3.38
N TYR A 77 9.19 14.74 3.16
CA TYR A 77 8.70 14.15 1.86
C TYR A 77 7.53 14.97 1.32
N LYS A 78 7.12 14.69 0.11
CA LYS A 78 5.97 15.43 -0.49
C LYS A 78 4.77 14.49 -0.53
N LEU A 79 3.58 15.02 -0.37
CA LEU A 79 2.37 14.15 -0.39
C LEU A 79 1.82 14.06 -1.82
N SER A 80 1.66 12.87 -2.33
CA SER A 80 1.13 12.69 -3.71
C SER A 80 0.26 11.43 -3.76
N SER A 81 -0.92 11.52 -4.31
CA SER A 81 -1.81 10.33 -4.38
C SER A 81 -2.55 10.31 -5.72
N SER A 82 -3.05 9.17 -6.12
CA SER A 82 -3.78 9.09 -7.41
C SER A 82 -4.62 7.83 -7.46
N THR A 83 -5.52 7.74 -8.40
CA THR A 83 -6.39 6.55 -8.49
C THR A 83 -5.93 5.66 -9.65
N ASN A 84 -5.56 4.44 -9.35
CA ASN A 84 -5.09 3.52 -10.43
C ASN A 84 -5.19 2.08 -9.94
N THR A 85 -5.20 1.13 -10.84
CA THR A 85 -5.30 -0.29 -10.41
C THR A 85 -4.02 -0.65 -9.63
N ILE A 86 -3.96 -1.83 -9.09
CA ILE A 86 -2.76 -2.22 -8.30
C ILE A 86 -2.49 -3.71 -8.46
N CYS A 87 -1.26 -4.12 -8.36
CA CYS A 87 -0.93 -5.57 -8.47
C CYS A 87 -0.41 -6.04 -7.11
N ILE A 88 -0.95 -7.11 -6.60
CA ILE A 88 -0.50 -7.61 -5.27
C ILE A 88 -0.64 -9.13 -5.24
N THR A 89 0.09 -9.80 -4.37
CA THR A 89 -0.01 -11.28 -4.31
C THR A 89 -0.73 -11.70 -3.03
N CYS A 90 -1.70 -12.57 -3.17
CA CYS A 90 -2.46 -13.07 -1.98
C CYS A 90 -2.22 -14.57 -1.84
N VAL A 91 -2.76 -15.21 -0.84
CA VAL A 91 -2.54 -16.67 -0.66
C VAL A 91 -3.72 -17.31 0.07
N ASN A 92 -3.59 -17.52 1.33
CA ASN A 92 -4.70 -18.16 2.12
C ASN A 92 -5.82 -17.15 2.30
N GLN A 93 -6.20 -16.49 1.24
CA GLN A 93 -7.29 -15.47 1.32
C GLN A 93 -6.83 -14.33 2.22
N LEU A 94 -5.58 -13.97 2.12
CA LEU A 94 -5.03 -12.87 2.96
C LEU A 94 -3.97 -12.11 2.14
N PRO A 95 -4.14 -10.83 1.91
CA PRO A 95 -3.17 -10.02 1.13
C PRO A 95 -1.90 -9.73 1.93
N ILE A 96 -0.74 -10.05 1.41
CA ILE A 96 0.51 -9.79 2.18
C ILE A 96 1.63 -9.27 1.28
N HIS A 97 1.50 -9.34 -0.04
CA HIS A 97 2.62 -8.84 -0.89
C HIS A 97 2.17 -7.63 -1.71
N PHE A 98 3.00 -6.63 -1.79
CA PHE A 98 2.66 -5.41 -2.57
C PHE A 98 3.51 -5.40 -3.86
N ALA A 99 2.93 -5.79 -4.96
CA ALA A 99 3.70 -5.81 -6.23
C ALA A 99 4.25 -4.41 -6.53
N GLY A 100 3.40 -3.51 -6.91
CA GLY A 100 3.89 -2.13 -7.22
C GLY A 100 2.69 -1.22 -7.53
N VAL A 101 2.95 -0.06 -8.09
CA VAL A 101 1.83 0.87 -8.40
C VAL A 101 1.20 0.47 -9.74
N GLY A 102 -0.01 0.88 -9.99
CA GLY A 102 -0.67 0.53 -11.27
C GLY A 102 -0.68 -0.99 -11.44
N SER A 103 -0.94 -1.46 -12.63
CA SER A 103 -0.96 -2.93 -12.85
C SER A 103 0.47 -3.49 -12.78
N CYS A 104 0.62 -4.75 -12.49
CA CYS A 104 1.98 -5.33 -12.40
C CYS A 104 2.75 -5.02 -13.69
N PRO A 105 4.05 -5.16 -13.66
CA PRO A 105 4.92 -4.88 -14.83
C PRO A 105 4.31 -5.40 -16.15
#